data_5WTB
#
_entry.id   5WTB
#
_cell.length_a   117.500
_cell.length_b   117.500
_cell.length_c   154.390
_cell.angle_alpha   90.00
_cell.angle_beta   90.00
_cell.angle_gamma   90.00
#
_symmetry.space_group_name_H-M   'P 21 21 21'
#
loop_
_entity.id
_entity.type
_entity.pdbx_description
1 polymer 'Serine-aspartate repeat-containing protein E'
2 polymer 'Peptide from Complement factor H'
#
loop_
_entity_poly.entity_id
_entity_poly.type
_entity_poly.pdbx_seq_one_letter_code
_entity_poly.pdbx_strand_id
1 'polypeptide(L)'
;VASNNVNDLITVTKQTIKVGDGKDNVAAAHDGKDIEYDTEFTIDNKVKKGDTMTINYDKNVIPSDLTDKNDPIDITDPSG
EVIAKGTFDKATKQITYTFTDYVDKYEDIKARLTLYSYIDKQAVPNETSLNLTFATAGKETSQNVSVDYQDPMVHGDSNI
QSIFTKLDENKQTIEQQIYVNPLKKTATNTKVDIAGSQVDDYGNIKLGNGSTIIDQNTEMKVYKVNPNQQLPQSNRIYDF
SQYEDVTSQFDNKKSFSNNVATLDFGDINSAYIIKVVSKYTPTSDGELDIAQGTSMRTTDKYGYYNYAGYSNFIVTSNDT
GGGDGTVKPELEHHHHHH
;
D,A,B,C
2 'polypeptide(L)' RLSSRSHTLRTTCWDGKLEYP E,F,G,H
#
# COMPACT_ATOMS: atom_id res chain seq x y z
N ASN A 4 -46.53 -12.60 15.60
CA ASN A 4 -45.96 -12.38 14.23
C ASN A 4 -44.43 -12.26 14.13
N ASN A 5 -43.79 -12.11 15.28
CA ASN A 5 -42.34 -12.12 15.40
C ASN A 5 -41.77 -13.50 15.12
N VAL A 6 -40.85 -13.61 14.17
CA VAL A 6 -40.34 -14.92 13.78
C VAL A 6 -38.87 -15.08 14.11
N ASN A 7 -38.46 -14.50 15.23
CA ASN A 7 -37.05 -14.57 15.64
C ASN A 7 -36.52 -15.98 15.76
N ASP A 8 -37.27 -16.81 16.48
CA ASP A 8 -36.91 -18.22 16.68
C ASP A 8 -36.72 -18.97 15.34
N LEU A 9 -37.34 -18.47 14.27
CA LEU A 9 -37.14 -19.05 12.93
C LEU A 9 -35.86 -18.66 12.19
N ILE A 10 -35.06 -17.79 12.81
CA ILE A 10 -33.83 -17.24 12.22
C ILE A 10 -32.57 -17.86 12.79
N THR A 11 -31.71 -18.34 11.88
CA THR A 11 -30.50 -19.08 12.23
C THR A 11 -29.24 -18.24 12.07
N VAL A 12 -28.74 -17.68 13.17
CA VAL A 12 -27.55 -16.82 13.13
C VAL A 12 -26.28 -17.62 12.84
N THR A 13 -25.73 -17.47 11.65
CA THR A 13 -24.50 -18.18 11.28
C THR A 13 -23.25 -17.47 11.78
N LYS A 14 -23.33 -16.17 12.05
CA LYS A 14 -22.15 -15.39 12.47
C LYS A 14 -22.55 -14.13 13.22
N GLN A 15 -21.75 -13.72 14.19
CA GLN A 15 -21.96 -12.42 14.81
C GLN A 15 -20.76 -11.94 15.58
N THR A 16 -20.14 -10.87 15.10
CA THR A 16 -18.91 -10.39 15.69
C THR A 16 -19.06 -8.91 15.92
N ILE A 17 -18.73 -8.48 17.14
CA ILE A 17 -18.58 -7.09 17.48
C ILE A 17 -17.10 -6.80 17.34
N LYS A 18 -16.71 -5.80 16.57
CA LYS A 18 -15.33 -5.30 16.58
C LYS A 18 -15.34 -3.85 17.01
N VAL A 19 -14.17 -3.23 17.20
CA VAL A 19 -14.10 -1.78 17.45
C VAL A 19 -13.30 -1.12 16.32
N GLY A 20 -13.59 -1.52 15.09
CA GLY A 20 -12.85 -1.09 13.92
C GLY A 20 -12.39 -2.30 13.13
N ASP A 24 -8.75 -3.67 19.27
CA ASP A 24 -8.11 -3.43 20.56
C ASP A 24 -9.00 -3.39 21.84
N ASN A 25 -10.31 -3.19 21.66
CA ASN A 25 -11.30 -3.16 22.76
C ASN A 25 -11.26 -1.79 23.45
N VAL A 26 -10.73 -0.84 22.72
CA VAL A 26 -10.73 0.56 23.12
C VAL A 26 -11.56 1.35 22.12
N ALA A 27 -12.54 2.07 22.68
CA ALA A 27 -13.45 2.89 21.92
C ALA A 27 -12.93 4.31 22.02
N ALA A 28 -12.24 4.72 20.95
CA ALA A 28 -11.74 6.08 20.81
C ALA A 28 -12.85 6.93 20.23
N ALA A 29 -13.87 7.15 21.03
CA ALA A 29 -15.04 7.86 20.57
C ALA A 29 -14.67 9.23 19.99
N HIS A 30 -13.59 9.83 20.47
CA HIS A 30 -13.17 11.13 19.94
C HIS A 30 -12.15 11.08 18.81
N ASP A 31 -11.72 9.89 18.42
CA ASP A 31 -11.06 9.69 17.12
C ASP A 31 -12.07 9.25 16.09
N GLY A 32 -13.35 9.40 16.40
CA GLY A 32 -14.42 8.87 15.56
C GLY A 32 -14.25 7.38 15.25
N LYS A 33 -13.93 6.60 16.28
CA LYS A 33 -13.85 5.15 16.12
C LYS A 33 -15.27 4.62 16.01
N ASP A 34 -15.46 3.68 15.11
CA ASP A 34 -16.76 3.06 14.93
C ASP A 34 -16.85 1.78 15.79
N ILE A 35 -18.01 1.10 15.69
CA ILE A 35 -18.18 -0.27 16.21
C ILE A 35 -18.96 -1.12 15.20
N GLU A 36 -18.23 -2.02 14.53
CA GLU A 36 -18.82 -3.03 13.64
C GLU A 36 -19.68 -4.00 14.41
N TYR A 37 -20.73 -4.50 13.79
CA TYR A 37 -21.46 -5.68 14.24
C TYR A 37 -21.74 -6.39 12.93
N ASP A 38 -20.95 -7.43 12.64
CA ASP A 38 -20.96 -8.07 11.32
C ASP A 38 -21.70 -9.36 11.53
N THR A 39 -22.97 -9.40 11.15
CA THR A 39 -23.80 -10.58 11.33
C THR A 39 -24.13 -11.23 10.01
N GLU A 40 -24.27 -12.55 10.02
CA GLU A 40 -24.81 -13.30 8.90
C GLU A 40 -25.84 -14.24 9.47
N PHE A 41 -26.78 -14.71 8.67
CA PHE A 41 -27.81 -15.61 9.17
C PHE A 41 -28.58 -16.27 8.04
N THR A 42 -29.40 -17.24 8.43
CA THR A 42 -30.24 -17.91 7.48
C THR A 42 -31.70 -17.70 7.86
N ILE A 43 -32.50 -17.45 6.82
CA ILE A 43 -33.93 -17.35 6.94
C ILE A 43 -34.51 -18.66 6.46
N ASP A 44 -35.35 -19.25 7.29
CA ASP A 44 -36.04 -20.45 6.89
C ASP A 44 -37.21 -20.08 5.99
N ASN A 45 -37.71 -21.08 5.27
CA ASN A 45 -38.76 -20.87 4.29
C ASN A 45 -40.12 -20.69 4.94
N LYS A 46 -40.23 -21.10 6.19
CA LYS A 46 -41.44 -20.88 6.98
C LYS A 46 -41.68 -19.39 7.30
N VAL A 47 -40.78 -18.53 6.81
CA VAL A 47 -41.02 -17.10 6.89
C VAL A 47 -41.74 -16.61 5.63
N LYS A 48 -42.82 -15.86 5.88
CA LYS A 48 -43.73 -15.39 4.84
C LYS A 48 -43.75 -13.86 4.83
N LYS A 49 -44.44 -13.27 3.86
CA LYS A 49 -44.60 -11.82 3.83
C LYS A 49 -45.09 -11.29 5.19
N GLY A 50 -44.63 -10.10 5.57
CA GLY A 50 -45.15 -9.39 6.72
C GLY A 50 -44.64 -9.86 8.08
N ASP A 51 -43.76 -10.87 8.08
CA ASP A 51 -43.13 -11.37 9.34
C ASP A 51 -42.05 -10.40 9.88
N THR A 52 -41.74 -10.50 11.18
CA THR A 52 -40.76 -9.58 11.80
C THR A 52 -39.67 -10.23 12.66
N MET A 53 -38.44 -10.16 12.15
CA MET A 53 -37.24 -10.48 12.94
C MET A 53 -36.61 -9.19 13.40
N THR A 54 -35.77 -9.30 14.42
CA THR A 54 -35.19 -8.10 15.01
C THR A 54 -33.68 -8.16 15.06
N ILE A 55 -33.11 -7.00 15.25
CA ILE A 55 -31.73 -6.84 15.60
C ILE A 55 -31.70 -5.66 16.54
N ASN A 56 -31.03 -5.82 17.68
CA ASN A 56 -30.81 -4.66 18.52
C ASN A 56 -29.33 -4.39 18.78
N TYR A 57 -29.03 -3.10 18.87
CA TYR A 57 -27.72 -2.58 19.15
C TYR A 57 -27.58 -2.59 20.65
N ASP A 58 -26.35 -2.41 21.14
CA ASP A 58 -26.16 -2.17 22.57
C ASP A 58 -26.88 -0.87 23.00
N LYS A 59 -27.39 -0.87 24.24
CA LYS A 59 -28.16 0.26 24.74
C LYS A 59 -27.29 1.51 24.84
N ASN A 60 -25.97 1.33 24.88
CA ASN A 60 -25.03 2.46 25.04
C ASN A 60 -24.40 2.99 23.74
N VAL A 61 -24.79 2.44 22.59
CA VAL A 61 -24.37 2.99 21.30
C VAL A 61 -25.55 3.67 20.58
N ILE A 62 -25.29 4.05 19.33
CA ILE A 62 -26.22 4.78 18.46
C ILE A 62 -25.64 4.66 17.03
N PRO A 63 -26.50 4.46 16.02
CA PRO A 63 -25.87 4.18 14.74
C PRO A 63 -25.25 5.44 14.13
N SER A 64 -25.83 6.62 14.43
CA SER A 64 -25.25 7.89 13.98
C SER A 64 -25.04 8.85 15.13
N ASP A 65 -23.77 9.23 15.28
CA ASP A 65 -23.34 10.21 16.29
C ASP A 65 -24.00 11.60 16.13
N LEU A 66 -23.82 12.25 14.97
CA LEU A 66 -24.24 13.66 14.82
C LEU A 66 -25.44 13.94 13.90
N THR A 67 -26.09 12.88 13.41
CA THR A 67 -27.27 13.07 12.59
C THR A 67 -28.34 12.20 13.15
N ASP A 68 -29.53 12.75 13.33
CA ASP A 68 -30.71 11.95 13.68
C ASP A 68 -31.15 11.02 12.58
N LYS A 69 -30.66 11.23 11.36
CA LYS A 69 -31.00 10.37 10.24
C LYS A 69 -30.23 9.09 10.44
N ASN A 70 -30.69 8.28 11.39
CA ASN A 70 -30.19 6.91 11.51
C ASN A 70 -31.26 5.82 11.36
N ASP A 71 -31.82 5.76 10.16
CA ASP A 71 -32.62 4.62 9.73
C ASP A 71 -31.68 3.41 9.52
N PRO A 72 -32.25 2.21 9.50
CA PRO A 72 -31.49 0.99 9.22
C PRO A 72 -31.52 0.75 7.78
N ILE A 73 -30.48 0.15 7.21
CA ILE A 73 -30.56 -0.14 5.78
C ILE A 73 -31.54 -1.24 5.52
N ASP A 74 -31.86 -1.46 4.26
CA ASP A 74 -32.76 -2.52 3.89
C ASP A 74 -31.95 -3.60 3.20
N ILE A 75 -32.36 -4.85 3.38
CA ILE A 75 -31.61 -5.97 2.85
C ILE A 75 -32.08 -6.18 1.40
N THR A 76 -31.14 -6.36 0.48
CA THR A 76 -31.44 -6.37 -0.95
C THR A 76 -30.69 -7.46 -1.67
N ASP A 77 -31.34 -8.21 -2.55
CA ASP A 77 -30.64 -9.32 -3.21
C ASP A 77 -29.69 -8.75 -4.26
N PRO A 78 -28.79 -9.59 -4.83
CA PRO A 78 -27.76 -9.01 -5.69
C PRO A 78 -28.37 -8.13 -6.74
N SER A 79 -29.42 -8.64 -7.38
CA SER A 79 -30.12 -7.89 -8.42
C SER A 79 -30.65 -6.54 -7.92
N GLY A 80 -31.19 -6.51 -6.71
CA GLY A 80 -31.78 -5.29 -6.16
C GLY A 80 -33.22 -5.41 -5.67
N GLU A 81 -33.81 -6.58 -5.85
CA GLU A 81 -35.12 -6.85 -5.26
C GLU A 81 -34.96 -6.84 -3.75
N VAL A 82 -35.92 -6.23 -3.07
CA VAL A 82 -35.86 -6.03 -1.63
C VAL A 82 -36.27 -7.29 -0.85
N ILE A 83 -35.48 -7.64 0.17
CA ILE A 83 -35.75 -8.81 0.99
C ILE A 83 -36.44 -8.43 2.28
N ALA A 84 -36.02 -7.35 2.92
CA ALA A 84 -36.78 -6.82 4.06
C ALA A 84 -36.49 -5.35 4.24
N LYS A 85 -37.47 -4.61 4.76
CA LYS A 85 -37.27 -3.21 5.09
C LYS A 85 -37.33 -3.06 6.61
N GLY A 86 -36.25 -2.53 7.17
CA GLY A 86 -36.13 -2.33 8.62
C GLY A 86 -36.59 -0.96 9.10
N THR A 87 -36.78 -0.84 10.40
CA THR A 87 -37.31 0.38 10.99
C THR A 87 -36.62 0.50 12.33
N PHE A 88 -35.96 1.62 12.62
CA PHE A 88 -35.15 1.72 13.86
C PHE A 88 -35.85 2.52 14.95
N ASP A 89 -35.93 1.96 16.14
CA ASP A 89 -36.53 2.67 17.28
C ASP A 89 -35.43 3.09 18.26
N LYS A 90 -35.11 4.38 18.25
CA LYS A 90 -34.07 4.96 19.13
C LYS A 90 -34.24 4.56 20.60
N ALA A 91 -35.47 4.60 21.10
CA ALA A 91 -35.77 4.31 22.49
C ALA A 91 -35.21 2.95 22.94
N THR A 92 -35.50 1.92 22.16
CA THR A 92 -35.16 0.53 22.48
C THR A 92 -33.88 0.11 21.76
N LYS A 93 -33.35 1.03 20.95
CA LYS A 93 -32.15 0.82 20.15
C LYS A 93 -32.21 -0.49 19.39
N GLN A 94 -33.31 -0.67 18.66
CA GLN A 94 -33.61 -1.94 18.00
C GLN A 94 -34.23 -1.81 16.61
N ILE A 95 -33.59 -2.47 15.65
CA ILE A 95 -34.14 -2.59 14.32
C ILE A 95 -35.20 -3.66 14.34
N THR A 96 -36.30 -3.41 13.64
CA THR A 96 -37.32 -4.44 13.35
C THR A 96 -37.41 -4.57 11.84
N TYR A 97 -36.93 -5.68 11.31
CA TYR A 97 -36.94 -5.91 9.86
C TYR A 97 -38.18 -6.67 9.37
N THR A 98 -39.11 -6.00 8.68
CA THR A 98 -40.26 -6.69 8.08
C THR A 98 -39.92 -7.30 6.71
N PHE A 99 -40.39 -8.53 6.48
CA PHE A 99 -40.11 -9.27 5.24
C PHE A 99 -41.11 -8.96 4.12
N THR A 100 -40.56 -8.82 2.91
CA THR A 100 -41.35 -8.57 1.72
C THR A 100 -41.79 -9.91 1.14
N ASP A 101 -42.49 -9.84 0.01
CA ASP A 101 -42.88 -11.04 -0.72
C ASP A 101 -41.70 -11.80 -1.35
N TYR A 102 -40.47 -11.36 -1.11
CA TYR A 102 -39.30 -12.10 -1.60
C TYR A 102 -39.27 -13.52 -1.01
N VAL A 103 -39.61 -13.60 0.27
CA VAL A 103 -39.55 -14.84 1.06
C VAL A 103 -40.61 -15.89 0.70
N ASP A 104 -41.58 -15.46 -0.11
CA ASP A 104 -42.60 -16.32 -0.69
C ASP A 104 -42.16 -16.77 -2.09
N LYS A 105 -41.52 -15.89 -2.84
CA LYS A 105 -41.07 -16.24 -4.19
C LYS A 105 -39.79 -17.09 -4.13
N TYR A 106 -39.06 -16.95 -3.01
CA TYR A 106 -37.73 -17.55 -2.86
C TYR A 106 -37.63 -18.44 -1.61
N GLU A 107 -36.85 -19.53 -1.73
CA GLU A 107 -36.51 -20.37 -0.57
C GLU A 107 -35.00 -20.38 -0.34
N ASP A 108 -34.57 -21.05 0.74
CA ASP A 108 -33.15 -21.21 1.06
C ASP A 108 -32.44 -19.87 1.04
N ILE A 109 -32.86 -18.98 1.94
CA ILE A 109 -32.43 -17.58 1.86
C ILE A 109 -31.35 -17.26 2.87
N LYS A 110 -30.16 -16.91 2.35
CA LYS A 110 -29.00 -16.54 3.19
C LYS A 110 -28.69 -15.05 3.08
N ALA A 111 -28.54 -14.39 4.23
CA ALA A 111 -28.33 -12.94 4.25
C ALA A 111 -27.26 -12.48 5.26
N ARG A 112 -26.47 -11.48 4.86
CA ARG A 112 -25.42 -10.85 5.71
C ARG A 112 -25.70 -9.37 5.99
N LEU A 113 -25.33 -8.92 7.18
CA LEU A 113 -25.37 -7.50 7.54
C LEU A 113 -24.04 -7.08 8.17
N THR A 114 -23.89 -5.78 8.34
CA THR A 114 -22.67 -5.18 8.92
C THR A 114 -23.04 -3.78 9.34
N LEU A 115 -23.31 -3.56 10.63
CA LEU A 115 -23.88 -2.27 11.05
C LEU A 115 -22.94 -1.53 11.98
N TYR A 116 -22.58 -0.31 11.58
CA TYR A 116 -21.68 0.48 12.38
C TYR A 116 -22.51 1.35 13.33
N SER A 117 -21.86 1.80 14.40
CA SER A 117 -22.50 2.59 15.42
C SER A 117 -21.42 3.29 16.22
N TYR A 118 -21.86 4.27 17.02
CA TYR A 118 -20.94 5.16 17.72
C TYR A 118 -21.32 5.22 19.17
N ILE A 119 -20.40 5.64 20.03
CA ILE A 119 -20.77 5.81 21.43
C ILE A 119 -21.80 6.94 21.59
N ASP A 120 -22.95 6.52 22.09
CA ASP A 120 -24.03 7.42 22.42
C ASP A 120 -23.54 8.35 23.51
N LYS A 121 -23.33 9.61 23.17
CA LYS A 121 -22.74 10.58 24.09
C LYS A 121 -23.69 10.98 25.22
N GLN A 122 -24.98 10.69 25.06
CA GLN A 122 -25.96 10.96 26.13
C GLN A 122 -25.93 9.86 27.16
N ALA A 123 -25.86 8.62 26.67
CA ALA A 123 -25.73 7.49 27.54
C ALA A 123 -24.44 7.53 28.34
N VAL A 124 -23.32 7.75 27.67
CA VAL A 124 -22.00 7.63 28.27
C VAL A 124 -21.30 8.99 28.31
N PRO A 125 -21.74 9.89 29.19
CA PRO A 125 -21.07 11.17 29.26
C PRO A 125 -19.60 11.17 29.74
N ASN A 126 -19.14 10.09 30.35
CA ASN A 126 -17.77 10.05 30.90
C ASN A 126 -16.96 8.76 30.62
N GLU A 127 -15.63 8.88 30.68
CA GLU A 127 -14.74 7.77 30.35
C GLU A 127 -15.20 6.61 31.24
N THR A 128 -15.18 5.40 30.69
CA THR A 128 -15.62 4.21 31.41
C THR A 128 -15.46 2.95 30.56
N SER A 129 -15.49 1.81 31.24
CA SER A 129 -15.52 0.51 30.58
C SER A 129 -16.98 0.09 30.42
N LEU A 130 -17.23 -0.79 29.45
CA LEU A 130 -18.58 -1.27 29.18
C LEU A 130 -18.52 -2.70 28.66
N ASN A 131 -19.52 -3.49 29.03
CA ASN A 131 -19.76 -4.70 28.29
C ASN A 131 -20.79 -4.32 27.25
N LEU A 132 -20.43 -4.47 25.98
CA LEU A 132 -21.37 -4.22 24.90
C LEU A 132 -22.09 -5.51 24.63
N THR A 133 -23.41 -5.41 24.48
CA THR A 133 -24.29 -6.53 24.15
C THR A 133 -25.11 -6.22 22.90
N PHE A 134 -24.80 -6.91 21.82
CA PHE A 134 -25.53 -6.77 20.55
C PHE A 134 -26.31 -8.03 20.37
N ALA A 135 -27.16 -8.09 19.35
CA ALA A 135 -27.98 -9.28 19.11
C ALA A 135 -28.59 -9.32 17.70
N THR A 136 -28.84 -10.53 17.23
CA THR A 136 -29.46 -10.78 15.95
C THR A 136 -30.57 -11.80 16.16
N ALA A 137 -31.80 -11.31 16.21
CA ALA A 137 -32.97 -12.16 16.43
C ALA A 137 -32.89 -12.76 17.81
N GLY A 138 -32.70 -11.92 18.81
CA GLY A 138 -32.64 -12.40 20.20
C GLY A 138 -31.32 -13.04 20.63
N LYS A 139 -30.63 -13.70 19.70
CA LYS A 139 -29.34 -14.35 20.00
C LYS A 139 -28.23 -13.33 20.26
N GLU A 140 -28.00 -13.03 21.53
CA GLU A 140 -27.04 -12.03 21.94
C GLU A 140 -25.59 -12.50 21.72
N THR A 141 -24.68 -11.54 21.53
CA THR A 141 -23.24 -11.73 21.67
C THR A 141 -22.68 -10.48 22.38
N SER A 142 -21.48 -10.61 22.94
CA SER A 142 -20.88 -9.51 23.69
C SER A 142 -19.38 -9.37 23.51
N GLN A 143 -18.93 -8.18 23.91
CA GLN A 143 -17.53 -7.86 24.05
C GLN A 143 -17.39 -6.69 25.00
N ASN A 144 -16.30 -6.72 25.76
CA ASN A 144 -15.98 -5.65 26.69
C ASN A 144 -15.23 -4.54 25.94
N VAL A 145 -15.41 -3.31 26.39
CA VAL A 145 -14.67 -2.19 25.84
C VAL A 145 -14.41 -1.12 26.88
N SER A 146 -13.51 -0.19 26.56
CA SER A 146 -13.35 1.02 27.37
C SER A 146 -13.44 2.26 26.51
N VAL A 147 -13.98 3.30 27.10
CA VAL A 147 -14.34 4.47 26.37
C VAL A 147 -13.38 5.58 26.76
N ASP A 148 -12.42 5.93 25.88
CA ASP A 148 -11.50 7.07 26.13
C ASP A 148 -12.06 8.28 25.45
N TYR A 149 -12.18 9.32 26.23
CA TYR A 149 -12.43 10.63 25.68
C TYR A 149 -11.12 11.45 25.65
N GLN A 150 -10.99 12.16 24.54
CA GLN A 150 -9.97 13.19 24.29
C GLN A 150 -9.82 14.09 25.50
N ASP A 151 -8.59 14.59 25.70
CA ASP A 151 -8.26 15.56 26.75
C ASP A 151 -7.94 16.92 26.07
N PRO A 152 -7.98 18.03 26.81
CA PRO A 152 -7.75 19.32 26.16
C PRO A 152 -6.30 19.58 25.80
N MET A 153 -6.07 20.49 24.86
CA MET A 153 -4.73 20.99 24.58
C MET A 153 -4.43 22.05 25.61
N VAL A 154 -3.21 22.01 26.14
CA VAL A 154 -2.78 23.00 27.11
C VAL A 154 -1.49 23.67 26.61
N HIS A 155 -1.45 24.99 26.73
CA HIS A 155 -0.27 25.76 26.38
C HIS A 155 -0.25 26.91 27.36
N GLY A 156 0.61 26.80 28.37
CA GLY A 156 0.56 27.73 29.49
C GLY A 156 -0.82 27.67 30.12
N ASP A 157 -1.51 28.79 30.12
CA ASP A 157 -2.86 28.86 30.65
C ASP A 157 -3.88 28.43 29.60
N SER A 158 -3.61 28.78 28.34
CA SER A 158 -4.53 28.46 27.25
C SER A 158 -4.86 26.95 27.20
N ASN A 159 -6.13 26.64 27.46
CA ASN A 159 -6.64 25.25 27.42
C ASN A 159 -8.06 25.18 26.85
N ILE A 160 -8.26 24.23 25.95
CA ILE A 160 -9.50 24.16 25.15
C ILE A 160 -9.65 22.78 24.53
N GLN A 161 -10.91 22.44 24.25
CA GLN A 161 -11.21 21.20 23.56
C GLN A 161 -12.57 21.34 22.92
N SER A 162 -12.84 20.48 21.93
CA SER A 162 -14.07 20.58 21.16
C SER A 162 -14.31 19.37 20.27
N ILE A 163 -15.59 19.12 19.98
CA ILE A 163 -16.01 18.10 19.00
C ILE A 163 -17.26 18.56 18.27
N PHE A 164 -17.64 17.79 17.24
CA PHE A 164 -18.90 18.01 16.55
C PHE A 164 -20.04 17.22 17.21
N THR A 165 -21.16 17.90 17.38
CA THR A 165 -22.25 17.40 18.18
C THR A 165 -23.41 16.98 17.29
N LYS A 166 -23.95 17.94 16.53
CA LYS A 166 -25.07 17.69 15.61
C LYS A 166 -24.88 18.37 14.24
N LEU A 167 -25.01 17.61 13.16
CA LEU A 167 -24.97 18.13 11.78
C LEU A 167 -26.28 17.89 11.04
N ASP A 168 -26.75 18.92 10.33
CA ASP A 168 -28.06 18.89 9.71
C ASP A 168 -27.99 18.92 8.17
N GLU A 169 -27.78 17.73 7.59
CA GLU A 169 -27.67 17.57 6.13
C GLU A 169 -28.75 18.36 5.38
N ASN A 170 -29.93 18.53 6.00
CA ASN A 170 -31.00 19.31 5.37
C ASN A 170 -30.70 20.81 5.33
N LYS A 171 -30.56 21.46 6.48
CA LYS A 171 -30.38 22.93 6.52
C LYS A 171 -28.94 23.38 6.27
N GLN A 172 -28.04 22.40 6.11
CA GLN A 172 -26.62 22.62 5.81
C GLN A 172 -25.95 23.38 6.94
N THR A 173 -26.29 23.00 8.17
CA THR A 173 -25.58 23.56 9.30
C THR A 173 -24.86 22.47 10.05
N ILE A 174 -23.90 22.89 10.87
CA ILE A 174 -23.15 21.96 11.67
C ILE A 174 -22.88 22.60 13.00
N GLU A 175 -22.94 21.78 14.05
CA GLU A 175 -22.77 22.28 15.41
C GLU A 175 -21.51 21.77 16.06
N GLN A 176 -20.81 22.70 16.70
CA GLN A 176 -19.60 22.40 17.41
C GLN A 176 -19.74 22.94 18.81
N GLN A 177 -19.32 22.13 19.78
CA GLN A 177 -19.37 22.50 21.18
C GLN A 177 -17.97 22.54 21.75
N ILE A 178 -17.64 23.71 22.30
CA ILE A 178 -16.29 24.06 22.70
C ILE A 178 -16.23 24.28 24.22
N TYR A 179 -15.22 23.69 24.84
CA TYR A 179 -14.97 23.90 26.25
C TYR A 179 -13.82 24.88 26.38
N VAL A 180 -14.16 26.16 26.60
CA VAL A 180 -13.15 27.16 26.92
C VAL A 180 -12.78 26.98 28.37
N ASN A 181 -11.50 26.73 28.63
CA ASN A 181 -10.96 26.65 30.00
C ASN A 181 -11.56 25.50 30.83
N PRO A 182 -11.53 24.28 30.31
CA PRO A 182 -12.00 23.15 31.10
C PRO A 182 -11.26 22.95 32.43
N LEU A 183 -10.03 23.47 32.51
CA LEU A 183 -9.24 23.33 33.72
C LEU A 183 -9.45 24.48 34.70
N LYS A 184 -10.43 25.33 34.42
CA LYS A 184 -10.75 26.49 35.24
C LYS A 184 -9.51 27.26 35.74
N LYS A 185 -8.52 27.39 34.87
CA LYS A 185 -7.31 28.17 35.16
C LYS A 185 -7.61 29.66 35.25
N THR A 186 -6.62 30.41 35.73
CA THR A 186 -6.64 31.87 35.66
C THR A 186 -6.01 32.29 34.34
N ALA A 187 -6.83 32.81 33.45
CA ALA A 187 -6.42 33.11 32.07
C ALA A 187 -6.53 34.59 31.79
N THR A 188 -5.40 35.17 31.38
CA THR A 188 -5.28 36.61 31.27
C THR A 188 -5.24 37.05 29.80
N ASN A 189 -6.05 38.08 29.51
CA ASN A 189 -6.48 38.44 28.15
C ASN A 189 -6.66 37.21 27.29
N THR A 190 -7.75 36.52 27.62
CA THR A 190 -8.16 35.33 26.91
C THR A 190 -8.92 35.79 25.72
N LYS A 191 -8.56 35.22 24.59
CA LYS A 191 -9.29 35.47 23.35
C LYS A 191 -9.50 34.12 22.67
N VAL A 192 -10.73 33.86 22.23
CA VAL A 192 -11.01 32.59 21.55
C VAL A 192 -11.51 32.78 20.13
N ASP A 193 -10.83 32.11 19.21
CA ASP A 193 -11.19 32.20 17.83
C ASP A 193 -11.86 30.92 17.40
N ILE A 194 -12.79 31.07 16.45
CA ILE A 194 -13.45 29.97 15.80
C ILE A 194 -13.22 30.21 14.33
N ALA A 195 -12.83 29.17 13.59
CA ALA A 195 -12.53 29.39 12.19
C ALA A 195 -12.74 28.21 11.26
N GLY A 196 -13.13 28.53 10.03
CA GLY A 196 -13.23 27.56 8.94
C GLY A 196 -11.85 27.08 8.49
N SER A 197 -11.62 25.77 8.63
CA SER A 197 -10.27 25.22 8.65
C SER A 197 -10.16 23.76 8.10
N GLY A 208 -4.96 24.95 7.59
CA GLY A 208 -6.19 25.58 8.07
C GLY A 208 -6.66 26.76 7.22
N ASN A 209 -7.49 26.49 6.21
CA ASN A 209 -7.96 27.49 5.23
C ASN A 209 -9.49 27.79 5.30
N GLY A 210 -10.29 26.78 5.04
CA GLY A 210 -11.75 26.95 5.03
C GLY A 210 -12.50 25.75 4.48
N SER A 211 -13.64 25.44 5.11
CA SER A 211 -14.58 24.37 4.69
C SER A 211 -16.04 24.70 5.05
N THR A 212 -16.20 25.59 6.03
CA THR A 212 -17.49 26.07 6.50
C THR A 212 -17.52 27.60 6.38
N ILE A 213 -18.48 28.27 7.02
CA ILE A 213 -18.68 29.71 6.88
C ILE A 213 -18.99 30.39 8.20
N ILE A 214 -18.10 31.30 8.64
CA ILE A 214 -18.32 32.03 9.93
C ILE A 214 -18.34 33.54 9.80
N ASP A 215 -19.45 34.14 10.22
CA ASP A 215 -19.66 35.56 10.06
C ASP A 215 -20.66 36.05 11.09
N GLN A 216 -20.95 37.34 11.07
CA GLN A 216 -21.83 37.97 12.06
C GLN A 216 -22.94 37.00 12.50
N ASN A 217 -23.57 36.35 11.52
CA ASN A 217 -24.82 35.59 11.73
C ASN A 217 -24.66 34.19 12.28
N THR A 218 -23.53 33.54 11.99
CA THR A 218 -23.23 32.24 12.59
C THR A 218 -23.58 32.27 14.08
N GLU A 219 -24.38 31.31 14.53
CA GLU A 219 -24.92 31.28 15.92
C GLU A 219 -23.87 30.80 16.88
N MET A 220 -23.63 31.63 17.90
CA MET A 220 -22.63 31.38 18.96
C MET A 220 -23.23 31.77 20.30
N LYS A 221 -23.58 30.77 21.11
CA LYS A 221 -24.08 31.04 22.44
C LYS A 221 -22.96 30.72 23.38
N VAL A 222 -22.87 31.49 24.48
CA VAL A 222 -21.81 31.29 25.46
C VAL A 222 -22.37 31.09 26.85
N TYR A 223 -21.82 30.09 27.54
CA TYR A 223 -22.24 29.73 28.90
C TYR A 223 -21.08 29.67 29.88
N LYS A 224 -21.29 30.25 31.08
CA LYS A 224 -20.33 30.20 32.21
C LYS A 224 -20.65 29.02 33.12
N VAL A 225 -19.58 28.32 33.52
CA VAL A 225 -19.67 27.13 34.36
C VAL A 225 -19.12 27.43 35.78
N ASN A 226 -19.98 27.38 36.79
CA ASN A 226 -19.56 27.63 38.18
C ASN A 226 -18.55 26.55 38.64
N PRO A 227 -17.60 26.93 39.52
CA PRO A 227 -16.43 26.09 39.84
C PRO A 227 -16.78 24.70 40.41
N ASN A 228 -17.98 24.56 40.93
CA ASN A 228 -18.44 23.30 41.50
C ASN A 228 -18.83 22.29 40.40
N GLN A 229 -19.30 22.83 39.28
CA GLN A 229 -19.72 22.03 38.13
C GLN A 229 -18.60 21.33 37.39
N GLN A 230 -18.84 20.08 37.00
CA GLN A 230 -17.92 19.33 36.15
C GLN A 230 -18.55 18.98 34.80
N LEU A 231 -17.82 19.19 33.71
CA LEU A 231 -18.35 18.98 32.34
C LEU A 231 -18.25 17.53 31.86
N PRO A 232 -19.20 17.11 31.00
CA PRO A 232 -19.16 15.73 30.46
C PRO A 232 -17.96 15.48 29.56
N GLN A 233 -17.13 14.53 29.95
CA GLN A 233 -15.96 14.15 29.16
C GLN A 233 -16.32 13.78 27.73
N SER A 234 -17.59 13.52 27.45
CA SER A 234 -18.02 13.31 26.06
C SER A 234 -17.78 14.54 25.20
N ASN A 235 -17.82 15.71 25.83
CA ASN A 235 -17.67 16.99 25.16
C ASN A 235 -18.97 17.44 24.49
N ARG A 236 -20.03 16.65 24.67
CA ARG A 236 -21.36 17.02 24.21
C ARG A 236 -22.27 17.21 25.39
N ILE A 237 -22.72 18.44 25.56
CA ILE A 237 -23.71 18.80 26.57
C ILE A 237 -25.04 18.46 25.93
N TYR A 238 -25.98 17.93 26.71
CA TYR A 238 -27.36 17.81 26.22
C TYR A 238 -28.32 18.83 26.86
N ASP A 239 -28.02 19.33 28.05
CA ASP A 239 -28.93 20.24 28.75
C ASP A 239 -28.27 21.54 29.17
N PHE A 240 -28.75 22.65 28.62
CA PHE A 240 -28.17 23.97 28.92
C PHE A 240 -28.96 24.78 29.93
N SER A 241 -30.00 24.15 30.49
CA SER A 241 -30.77 24.75 31.56
C SER A 241 -29.87 25.15 32.72
N GLN A 242 -28.95 24.26 33.09
CA GLN A 242 -28.16 24.39 34.31
C GLN A 242 -26.77 25.01 34.06
N TYR A 243 -26.70 25.96 33.15
CA TYR A 243 -25.48 26.72 32.91
C TYR A 243 -25.83 28.17 32.66
N GLU A 244 -25.06 29.08 33.24
CA GLU A 244 -25.39 30.49 33.07
C GLU A 244 -25.18 30.91 31.60
N ASP A 245 -26.29 31.21 30.91
CA ASP A 245 -26.25 31.79 29.58
C ASP A 245 -25.71 33.22 29.69
N VAL A 246 -24.51 33.44 29.15
CA VAL A 246 -23.85 34.72 29.22
C VAL A 246 -23.70 35.36 27.84
N THR A 247 -24.37 34.79 26.86
CA THR A 247 -24.21 35.17 25.44
C THR A 247 -24.32 36.69 25.13
N SER A 248 -25.15 37.39 25.90
CA SER A 248 -25.37 38.82 25.69
C SER A 248 -24.16 39.59 26.18
N GLN A 249 -23.51 39.06 27.21
CA GLN A 249 -22.30 39.67 27.74
C GLN A 249 -21.28 39.84 26.60
N PHE A 250 -21.19 38.81 25.76
CA PHE A 250 -20.29 38.80 24.60
C PHE A 250 -20.81 39.55 23.37
N ASP A 251 -21.80 40.42 23.57
CA ASP A 251 -22.39 41.21 22.49
C ASP A 251 -21.32 42.13 21.88
N ASN A 252 -20.78 42.96 22.77
CA ASN A 252 -19.72 43.92 22.50
C ASN A 252 -18.34 43.29 22.61
N LYS A 253 -18.18 42.06 22.15
CA LYS A 253 -16.87 41.39 22.24
C LYS A 253 -16.60 40.44 21.07
N LYS A 254 -17.21 40.76 19.92
CA LYS A 254 -17.13 39.88 18.74
C LYS A 254 -16.48 40.58 17.56
N SER A 255 -15.30 40.07 17.18
CA SER A 255 -14.64 40.45 15.94
C SER A 255 -14.82 39.34 14.92
N PHE A 256 -15.02 39.76 13.66
CA PHE A 256 -15.31 38.87 12.52
C PHE A 256 -14.47 39.21 11.30
N SER A 257 -13.48 38.36 10.99
CA SER A 257 -12.56 38.61 9.87
C SER A 257 -12.05 37.36 9.15
N ASN A 258 -12.58 37.10 7.96
CA ASN A 258 -12.12 36.01 7.06
C ASN A 258 -12.40 34.61 7.60
N ASN A 259 -13.69 34.31 7.69
CA ASN A 259 -14.16 33.08 8.30
C ASN A 259 -13.59 32.88 9.68
N VAL A 260 -13.44 33.97 10.43
CA VAL A 260 -12.92 33.88 11.77
C VAL A 260 -13.67 34.81 12.68
N ALA A 261 -14.28 34.24 13.70
CA ALA A 261 -14.83 35.02 14.79
C ALA A 261 -13.80 35.09 15.91
N THR A 262 -13.79 36.21 16.62
CA THR A 262 -12.90 36.38 17.75
C THR A 262 -13.67 36.88 18.95
N LEU A 263 -13.52 36.16 20.05
CA LEU A 263 -14.24 36.46 21.28
C LEU A 263 -13.28 37.00 22.35
N ASP A 264 -13.63 38.17 22.92
CA ASP A 264 -12.83 38.79 23.98
C ASP A 264 -13.30 38.41 25.40
N PHE A 265 -12.74 37.33 25.95
CA PHE A 265 -13.12 36.89 27.27
C PHE A 265 -12.56 37.81 28.37
N GLY A 266 -11.42 38.43 28.11
CA GLY A 266 -10.72 39.20 29.14
C GLY A 266 -10.06 38.25 30.14
N ASP A 267 -9.78 38.74 31.34
CA ASP A 267 -9.25 37.87 32.39
C ASP A 267 -10.39 36.97 32.85
N ILE A 268 -10.14 35.66 32.88
CA ILE A 268 -11.14 34.69 33.39
C ILE A 268 -10.50 33.64 34.30
N ASN A 269 -11.33 33.08 35.19
CA ASN A 269 -10.94 31.98 36.12
C ASN A 269 -11.85 30.76 35.96
N SER A 270 -12.96 30.99 35.26
CA SER A 270 -14.08 30.08 35.10
C SER A 270 -14.03 29.34 33.74
N ALA A 271 -14.53 28.11 33.72
CA ALA A 271 -14.72 27.39 32.47
C ALA A 271 -15.87 28.04 31.69
N TYR A 272 -15.93 27.78 30.38
CA TYR A 272 -17.02 28.22 29.54
C TYR A 272 -17.27 27.25 28.41
N ILE A 273 -18.52 27.24 27.97
CA ILE A 273 -18.94 26.42 26.87
C ILE A 273 -19.37 27.36 25.77
N ILE A 274 -19.05 26.98 24.54
CA ILE A 274 -19.50 27.74 23.38
C ILE A 274 -20.26 26.80 22.43
N LYS A 275 -21.39 27.26 21.93
CA LYS A 275 -22.16 26.43 21.03
C LYS A 275 -22.19 27.12 19.71
N VAL A 276 -21.47 26.55 18.76
CA VAL A 276 -21.32 27.14 17.46
C VAL A 276 -22.07 26.30 16.45
N VAL A 277 -23.13 26.89 15.89
CA VAL A 277 -23.81 26.37 14.69
C VAL A 277 -23.46 27.24 13.48
N SER A 278 -22.93 26.62 12.44
CA SER A 278 -22.36 27.34 11.31
C SER A 278 -22.82 26.72 9.99
N LYS A 279 -23.12 27.55 8.98
CA LYS A 279 -23.51 27.01 7.69
C LYS A 279 -22.27 26.41 7.04
N TYR A 280 -22.42 25.28 6.38
CA TYR A 280 -21.32 24.76 5.58
C TYR A 280 -21.68 24.77 4.11
N THR A 281 -20.68 24.57 3.27
CA THR A 281 -20.94 24.50 1.85
C THR A 281 -20.74 23.10 1.35
N PRO A 282 -21.68 22.59 0.55
CA PRO A 282 -21.59 21.21 0.07
C PRO A 282 -20.47 20.99 -0.89
N THR A 283 -19.90 19.80 -0.85
CA THR A 283 -18.83 19.42 -1.76
C THR A 283 -19.46 18.77 -2.99
N SER A 284 -18.98 19.17 -4.18
CA SER A 284 -19.42 18.58 -5.46
C SER A 284 -19.13 17.09 -5.56
N ASP A 285 -18.03 16.67 -4.95
CA ASP A 285 -17.64 15.26 -5.00
C ASP A 285 -18.68 14.42 -4.26
N GLY A 286 -19.41 15.06 -3.34
CA GLY A 286 -20.54 14.42 -2.67
C GLY A 286 -20.18 13.63 -1.44
N GLU A 287 -19.04 13.97 -0.84
CA GLU A 287 -18.66 13.45 0.47
C GLU A 287 -18.67 14.63 1.42
N LEU A 288 -18.60 14.38 2.73
CA LEU A 288 -18.65 15.46 3.71
C LEU A 288 -17.28 15.87 4.24
N ASP A 289 -16.46 16.47 3.39
CA ASP A 289 -15.13 16.95 3.78
C ASP A 289 -15.25 18.28 4.56
N ILE A 290 -15.83 18.18 5.76
CA ILE A 290 -16.11 19.32 6.61
C ILE A 290 -15.11 19.37 7.73
N ALA A 291 -14.74 20.58 8.18
CA ALA A 291 -13.81 20.77 9.32
C ALA A 291 -13.92 22.17 9.89
N GLN A 292 -13.70 22.26 11.20
CA GLN A 292 -13.79 23.55 11.91
C GLN A 292 -12.85 23.56 13.12
N GLY A 293 -12.37 24.76 13.47
CA GLY A 293 -11.36 24.88 14.51
C GLY A 293 -11.54 26.06 15.47
N THR A 294 -10.99 25.88 16.67
CA THR A 294 -10.86 26.96 17.64
C THR A 294 -9.49 26.99 18.27
N SER A 295 -9.19 28.11 18.90
CA SER A 295 -7.90 28.34 19.51
C SER A 295 -8.07 29.37 20.61
N MET A 296 -7.45 29.09 21.76
CA MET A 296 -7.52 29.94 22.94
C MET A 296 -6.17 30.61 23.16
N ARG A 297 -6.22 31.92 23.35
CA ARG A 297 -5.02 32.71 23.56
C ARG A 297 -5.08 33.32 24.95
N THR A 298 -3.91 33.41 25.55
CA THR A 298 -3.72 34.02 26.84
C THR A 298 -2.34 34.66 26.80
N THR A 299 -2.18 35.84 27.39
CA THR A 299 -0.84 36.39 27.65
C THR A 299 -0.18 35.61 28.79
N ASP A 300 1.10 35.26 28.65
CA ASP A 300 1.82 34.53 29.71
C ASP A 300 2.70 35.44 30.58
N LYS A 301 3.45 34.83 31.50
CA LYS A 301 4.38 35.54 32.40
C LYS A 301 5.18 36.59 31.64
N TYR A 302 5.87 36.12 30.60
CA TYR A 302 6.83 36.92 29.85
C TYR A 302 6.18 37.89 28.87
N GLY A 303 4.85 38.03 28.95
CA GLY A 303 4.13 38.90 28.03
C GLY A 303 4.14 38.45 26.56
N TYR A 304 4.18 37.12 26.33
CA TYR A 304 4.01 36.52 24.99
C TYR A 304 2.53 36.15 24.75
N TYR A 305 2.22 35.51 23.62
CA TYR A 305 0.87 34.98 23.40
C TYR A 305 0.89 33.47 23.18
N ASN A 306 0.25 32.73 24.09
CA ASN A 306 0.19 31.27 24.00
C ASN A 306 -1.10 30.80 23.40
N TYR A 307 -0.97 29.95 22.38
CA TYR A 307 -2.13 29.51 21.63
C TYR A 307 -2.25 28.00 21.73
N ALA A 308 -3.36 27.59 22.31
CA ALA A 308 -3.75 26.21 22.25
C ALA A 308 -4.89 26.21 21.29
N GLY A 309 -4.91 25.21 20.41
CA GLY A 309 -5.97 25.14 19.39
C GLY A 309 -6.53 23.74 19.24
N TYR A 310 -7.74 23.67 18.64
CA TYR A 310 -8.49 22.40 18.45
C TYR A 310 -9.18 22.42 17.10
N SER A 311 -9.09 21.31 16.37
CA SER A 311 -9.79 21.18 15.09
C SER A 311 -10.49 19.83 14.93
N ASN A 312 -11.78 19.89 14.58
CA ASN A 312 -12.62 18.69 14.38
C ASN A 312 -12.94 18.45 12.92
N PHE A 313 -13.15 17.21 12.51
CA PHE A 313 -13.60 16.95 11.14
C PHE A 313 -14.40 15.67 11.04
N ILE A 314 -15.29 15.55 10.06
CA ILE A 314 -16.28 14.50 10.10
C ILE A 314 -15.75 13.20 9.56
N VAL A 315 -16.21 12.12 10.20
CA VAL A 315 -15.90 10.73 9.83
C VAL A 315 -17.18 9.97 9.46
N THR A 316 -17.07 9.04 8.50
CA THR A 316 -18.26 8.35 7.97
C THR A 316 -18.20 6.82 8.02
N SER A 317 -19.17 6.21 8.69
CA SER A 317 -19.40 4.77 8.58
C SER A 317 -20.51 4.57 7.58
N ASN A 318 -20.70 3.35 7.10
CA ASN A 318 -21.98 3.00 6.44
C ASN A 318 -22.28 1.52 6.40
N ASP A 319 -23.46 1.19 6.94
CA ASP A 319 -23.90 -0.18 7.08
C ASP A 319 -23.90 -0.78 5.69
N THR A 320 -23.74 -2.09 5.58
CA THR A 320 -23.82 -2.79 4.30
C THR A 320 -24.37 -4.18 4.47
N GLY A 321 -24.94 -4.73 3.41
CA GLY A 321 -25.47 -6.09 3.46
C GLY A 321 -26.52 -6.44 2.40
N GLY A 322 -26.53 -7.71 2.03
CA GLY A 322 -27.44 -8.22 1.03
C GLY A 322 -27.96 -9.60 1.37
N GLY A 323 -28.52 -10.27 0.39
CA GLY A 323 -29.10 -11.59 0.57
C GLY A 323 -29.04 -12.39 -0.72
N ASP A 324 -29.71 -13.53 -0.73
CA ASP A 324 -29.76 -14.41 -1.90
C ASP A 324 -30.70 -15.57 -1.67
N GLY A 325 -31.26 -16.07 -2.76
CA GLY A 325 -32.26 -17.13 -2.67
C GLY A 325 -32.39 -18.05 -3.87
N THR A 326 -32.78 -19.28 -3.58
CA THR A 326 -33.25 -20.21 -4.59
C THR A 326 -34.56 -19.63 -5.11
N VAL A 327 -34.76 -19.70 -6.42
CA VAL A 327 -36.02 -19.29 -7.01
C VAL A 327 -36.96 -20.48 -6.99
N LYS A 328 -38.11 -20.34 -6.33
CA LYS A 328 -39.07 -21.46 -6.16
C LYS A 328 -39.78 -21.85 -7.47
N PRO A 329 -39.88 -23.17 -7.75
CA PRO A 329 -40.52 -23.56 -9.01
C PRO A 329 -41.98 -24.03 -8.84
N ASN B 4 21.10 34.31 -29.52
CA ASN B 4 19.72 33.73 -29.58
C ASN B 4 18.92 33.74 -28.26
N ASN B 5 19.64 33.67 -27.14
CA ASN B 5 19.07 33.85 -25.81
C ASN B 5 18.40 35.22 -25.64
N VAL B 6 17.12 35.27 -25.29
CA VAL B 6 16.41 36.55 -25.23
C VAL B 6 16.03 36.93 -23.81
N ASN B 7 16.83 36.48 -22.86
CA ASN B 7 16.56 36.78 -21.45
C ASN B 7 16.20 38.24 -21.26
N ASP B 8 17.09 39.12 -21.71
CA ASP B 8 16.88 40.58 -21.61
C ASP B 8 15.55 41.12 -22.20
N LEU B 9 14.91 40.35 -23.07
CA LEU B 9 13.65 40.77 -23.69
C LEU B 9 12.43 40.33 -22.88
N ILE B 10 12.72 39.65 -21.77
CA ILE B 10 11.70 39.08 -20.86
C ILE B 10 11.48 39.90 -19.58
N THR B 11 10.26 40.45 -19.50
CA THR B 11 9.85 41.35 -18.43
C THR B 11 9.20 40.61 -17.28
N VAL B 12 9.92 40.42 -16.17
CA VAL B 12 9.42 39.59 -15.05
C VAL B 12 8.54 40.39 -14.10
N THR B 13 7.23 40.18 -14.13
CA THR B 13 6.30 41.01 -13.34
C THR B 13 6.02 40.43 -11.94
N LYS B 14 6.37 39.17 -11.71
CA LYS B 14 6.16 38.57 -10.40
C LYS B 14 7.06 37.38 -10.23
N GLN B 15 7.69 37.26 -9.06
CA GLN B 15 8.42 36.05 -8.77
C GLN B 15 8.63 35.88 -7.29
N THR B 16 7.89 34.94 -6.71
CA THR B 16 7.91 34.69 -5.27
C THR B 16 8.31 33.23 -5.02
N ILE B 17 9.44 33.02 -4.38
CA ILE B 17 9.73 31.75 -3.73
C ILE B 17 8.88 31.64 -2.49
N LYS B 18 8.32 30.47 -2.22
CA LYS B 18 7.65 30.20 -0.94
C LYS B 18 7.93 28.75 -0.53
N VAL B 19 8.04 28.50 0.77
CA VAL B 19 8.02 27.14 1.31
C VAL B 19 6.60 26.77 1.74
N GLY B 20 5.77 26.41 0.77
CA GLY B 20 4.33 26.14 0.96
C GLY B 20 3.63 27.00 2.02
N ASP B 24 6.75 29.88 6.99
CA ASP B 24 7.74 29.79 8.08
C ASP B 24 9.25 29.73 7.71
N ASN B 25 9.57 29.57 6.43
CA ASN B 25 10.96 29.43 5.98
C ASN B 25 11.68 28.22 6.56
N VAL B 26 10.90 27.25 7.01
CA VAL B 26 11.44 25.95 7.43
C VAL B 26 11.00 24.88 6.42
N ALA B 27 11.98 24.19 5.87
CA ALA B 27 11.77 23.21 4.81
C ALA B 27 11.90 21.83 5.39
N ALA B 28 10.74 21.19 5.54
CA ALA B 28 10.62 19.88 6.18
C ALA B 28 10.67 18.85 5.10
N ALA B 29 11.86 18.55 4.64
CA ALA B 29 12.00 17.66 3.50
C ALA B 29 11.45 16.26 3.80
N HIS B 30 11.40 15.88 5.07
CA HIS B 30 10.83 14.60 5.45
C HIS B 30 9.36 14.66 5.85
N ASP B 31 8.77 15.85 5.81
CA ASP B 31 7.33 15.97 5.72
C ASP B 31 6.91 16.19 4.27
N GLY B 32 7.85 15.98 3.35
CA GLY B 32 7.60 16.16 1.93
C GLY B 32 7.06 17.54 1.60
N LYS B 33 7.64 18.55 2.24
CA LYS B 33 7.29 19.94 1.91
C LYS B 33 7.86 20.31 0.55
N ASP B 34 7.00 20.82 -0.33
CA ASP B 34 7.49 21.31 -1.60
C ASP B 34 8.14 22.68 -1.37
N ILE B 35 8.74 23.21 -2.44
CA ILE B 35 9.15 24.61 -2.50
C ILE B 35 8.63 25.24 -3.79
N GLU B 36 7.61 26.07 -3.62
CA GLU B 36 6.87 26.66 -4.71
C GLU B 36 7.61 27.87 -5.22
N TYR B 37 7.77 27.97 -6.54
CA TYR B 37 8.34 29.16 -7.18
C TYR B 37 7.38 29.74 -8.21
N ASP B 38 6.55 30.69 -7.80
CA ASP B 38 5.50 31.26 -8.65
C ASP B 38 6.04 32.46 -9.43
N THR B 39 6.07 32.38 -10.76
CA THR B 39 6.51 33.49 -11.62
C THR B 39 5.45 33.88 -12.64
N GLU B 40 5.39 35.17 -12.95
CA GLU B 40 4.65 35.66 -14.10
C GLU B 40 5.62 36.52 -14.90
N PHE B 41 5.27 36.86 -16.12
CA PHE B 41 6.12 37.76 -16.89
C PHE B 41 5.43 38.19 -18.16
N THR B 42 6.06 39.11 -18.88
CA THR B 42 5.62 39.47 -20.20
C THR B 42 6.71 39.08 -21.20
N ILE B 43 6.25 38.63 -22.37
CA ILE B 43 7.11 38.38 -23.50
C ILE B 43 6.88 39.53 -24.45
N ASP B 44 7.97 40.22 -24.80
CA ASP B 44 7.91 41.25 -25.80
C ASP B 44 7.70 40.62 -27.18
N ASN B 45 7.12 41.38 -28.09
CA ASN B 45 6.79 40.85 -29.40
C ASN B 45 8.00 40.50 -30.24
N LYS B 46 9.10 41.21 -30.01
CA LYS B 46 10.37 40.98 -30.70
C LYS B 46 10.75 39.51 -30.74
N VAL B 47 10.30 38.75 -29.72
CA VAL B 47 10.64 37.34 -29.65
C VAL B 47 9.95 36.60 -30.80
N LYS B 48 10.76 35.80 -31.47
CA LYS B 48 10.37 35.05 -32.65
C LYS B 48 10.53 33.59 -32.33
N LYS B 49 10.07 32.74 -33.22
CA LYS B 49 10.35 31.31 -33.09
C LYS B 49 11.86 31.09 -32.89
N GLY B 50 12.20 30.00 -32.20
CA GLY B 50 13.59 29.57 -32.08
C GLY B 50 14.40 30.23 -31.00
N ASP B 51 13.87 31.32 -30.43
CA ASP B 51 14.52 32.05 -29.31
C ASP B 51 14.44 31.26 -27.99
N THR B 52 15.35 31.57 -27.05
CA THR B 52 15.46 30.78 -25.81
C THR B 52 15.65 31.57 -24.51
N MET B 53 14.63 31.53 -23.66
CA MET B 53 14.72 32.14 -22.31
C MET B 53 14.91 31.06 -21.25
N THR B 54 15.59 31.38 -20.15
CA THR B 54 15.86 30.38 -19.12
C THR B 54 15.03 30.60 -17.87
N ILE B 55 15.05 29.58 -17.01
CA ILE B 55 14.59 29.67 -15.64
C ILE B 55 15.54 28.81 -14.81
N ASN B 56 15.97 29.34 -13.66
CA ASN B 56 16.84 28.62 -12.70
C ASN B 56 16.13 28.25 -11.39
N TYR B 57 16.23 26.98 -11.03
CA TYR B 57 15.89 26.53 -9.69
C TYR B 57 17.12 26.78 -8.87
N ASP B 58 16.98 26.91 -7.55
CA ASP B 58 18.18 26.97 -6.72
C ASP B 58 18.98 25.68 -6.95
N LYS B 59 20.31 25.81 -6.92
CA LYS B 59 21.19 24.68 -7.17
C LYS B 59 21.00 23.59 -6.12
N ASN B 60 20.50 23.96 -4.95
CA ASN B 60 20.27 22.98 -3.89
C ASN B 60 18.92 22.26 -3.88
N VAL B 61 18.03 22.56 -4.82
CA VAL B 61 16.78 21.82 -4.97
C VAL B 61 16.83 20.87 -6.15
N ILE B 62 15.67 20.32 -6.49
CA ILE B 62 15.48 19.40 -7.61
C ILE B 62 13.96 19.32 -7.87
N PRO B 63 13.55 19.21 -9.13
CA PRO B 63 12.12 19.37 -9.28
C PRO B 63 11.35 18.15 -8.81
N SER B 64 11.96 16.96 -8.90
CA SER B 64 11.37 15.73 -8.37
C SER B 64 12.33 14.96 -7.49
N ASP B 65 11.86 14.67 -6.28
CA ASP B 65 12.67 13.99 -5.27
C ASP B 65 13.00 12.53 -5.66
N LEU B 66 12.00 11.72 -5.98
CA LEU B 66 12.25 10.26 -6.20
C LEU B 66 12.09 9.76 -7.66
N THR B 67 11.89 10.67 -8.59
CA THR B 67 11.76 10.31 -9.98
C THR B 67 12.72 11.15 -10.74
N ASP B 68 13.43 10.54 -11.70
CA ASP B 68 14.28 11.28 -12.65
C ASP B 68 13.46 11.83 -13.81
N LYS B 69 12.14 11.68 -13.71
CA LYS B 69 11.22 12.23 -14.69
C LYS B 69 10.95 13.68 -14.35
N ASN B 70 12.02 14.43 -14.09
CA ASN B 70 11.88 15.87 -13.83
C ASN B 70 12.23 16.82 -15.02
N ASP B 71 11.54 16.62 -16.14
CA ASP B 71 11.54 17.59 -17.24
C ASP B 71 10.62 18.74 -16.80
N PRO B 72 10.47 19.78 -17.63
CA PRO B 72 9.56 20.85 -17.22
C PRO B 72 8.28 20.76 -17.97
N ILE B 73 7.28 21.50 -17.53
CA ILE B 73 6.08 21.59 -18.33
C ILE B 73 6.34 22.54 -19.47
N ASP B 74 5.42 22.52 -20.42
CA ASP B 74 5.50 23.42 -21.52
C ASP B 74 4.46 24.45 -21.21
N ILE B 75 4.73 25.69 -21.62
CA ILE B 75 3.77 26.77 -21.41
C ILE B 75 2.70 26.62 -22.46
N THR B 76 1.44 26.76 -22.08
CA THR B 76 0.37 26.47 -23.04
C THR B 76 -0.78 27.46 -23.08
N ASP B 77 -1.14 27.86 -24.28
CA ASP B 77 -2.34 28.63 -24.53
C ASP B 77 -3.53 27.96 -23.88
N PRO B 78 -4.60 28.70 -23.56
CA PRO B 78 -5.86 28.08 -23.11
C PRO B 78 -6.35 27.02 -24.08
N SER B 79 -6.41 27.38 -25.36
CA SER B 79 -6.91 26.48 -26.38
C SER B 79 -6.12 25.17 -26.47
N GLY B 80 -4.85 25.20 -26.08
CA GLY B 80 -3.97 24.03 -26.17
C GLY B 80 -2.73 24.26 -27.03
N GLU B 81 -2.65 25.42 -27.66
CA GLU B 81 -1.49 25.78 -28.48
C GLU B 81 -0.25 26.01 -27.63
N VAL B 82 0.85 25.38 -28.02
CA VAL B 82 2.12 25.53 -27.31
C VAL B 82 2.78 26.89 -27.55
N ILE B 83 3.21 27.53 -26.47
CA ILE B 83 3.92 28.78 -26.54
C ILE B 83 5.42 28.57 -26.41
N ALA B 84 5.82 27.60 -25.58
CA ALA B 84 7.23 27.21 -25.52
C ALA B 84 7.40 25.84 -24.90
N LYS B 85 8.34 25.07 -25.44
CA LYS B 85 8.68 23.78 -24.87
C LYS B 85 10.03 23.90 -24.21
N GLY B 86 10.05 23.73 -22.90
CA GLY B 86 11.29 23.79 -22.11
C GLY B 86 12.06 22.48 -22.03
N THR B 87 13.28 22.54 -21.54
CA THR B 87 14.07 21.36 -21.36
C THR B 87 15.01 21.57 -20.19
N PHE B 88 15.15 20.56 -19.33
CA PHE B 88 15.83 20.72 -18.06
C PHE B 88 17.18 20.03 -17.99
N ASP B 89 18.22 20.80 -17.67
CA ASP B 89 19.56 20.26 -17.54
C ASP B 89 19.89 20.12 -16.06
N LYS B 90 19.79 18.90 -15.54
CA LYS B 90 19.94 18.63 -14.11
C LYS B 90 21.25 19.18 -13.56
N ALA B 91 22.30 19.08 -14.37
CA ALA B 91 23.64 19.48 -13.95
C ALA B 91 23.76 20.98 -13.64
N THR B 92 22.94 21.79 -14.31
CA THR B 92 22.93 23.25 -14.09
C THR B 92 21.65 23.69 -13.39
N LYS B 93 20.79 22.72 -13.09
CA LYS B 93 19.47 22.95 -12.50
C LYS B 93 18.86 24.14 -13.18
N GLN B 94 18.62 23.99 -14.47
CA GLN B 94 18.13 25.11 -15.25
C GLN B 94 17.30 24.72 -16.50
N ILE B 95 16.08 25.24 -16.52
CA ILE B 95 15.18 25.06 -17.62
C ILE B 95 15.60 26.01 -18.71
N THR B 96 15.58 25.52 -19.96
CA THR B 96 15.67 26.37 -21.16
C THR B 96 14.42 26.23 -22.04
N TYR B 97 13.50 27.18 -21.90
CA TYR B 97 12.31 27.24 -22.72
C TYR B 97 12.61 27.70 -24.15
N THR B 98 12.07 27.01 -25.15
CA THR B 98 12.19 27.45 -26.54
C THR B 98 10.81 27.87 -27.06
N PHE B 99 10.79 28.97 -27.79
CA PHE B 99 9.51 29.49 -28.30
C PHE B 99 9.14 28.89 -29.66
N THR B 100 7.85 28.60 -29.78
CA THR B 100 7.28 28.06 -30.99
C THR B 100 6.81 29.21 -31.84
N ASP B 101 6.29 28.87 -33.02
CA ASP B 101 5.66 29.82 -33.93
C ASP B 101 4.48 30.61 -33.34
N TYR B 102 4.01 30.24 -32.15
CA TYR B 102 2.97 31.02 -31.46
C TYR B 102 3.34 32.52 -31.35
N VAL B 103 4.61 32.77 -31.10
CA VAL B 103 5.12 34.12 -30.79
C VAL B 103 5.19 35.04 -32.01
N ASP B 104 5.23 34.41 -33.19
CA ASP B 104 5.17 35.13 -34.46
C ASP B 104 3.70 35.49 -34.79
N LYS B 105 2.77 34.57 -34.49
CA LYS B 105 1.35 34.77 -34.75
C LYS B 105 0.72 35.73 -33.75
N TYR B 106 1.14 35.64 -32.50
CA TYR B 106 0.54 36.42 -31.43
C TYR B 106 1.46 37.53 -30.99
N GLU B 107 0.86 38.64 -30.55
CA GLU B 107 1.60 39.68 -29.85
C GLU B 107 0.95 39.96 -28.49
N ASP B 108 1.67 40.72 -27.66
CA ASP B 108 1.24 41.09 -26.30
C ASP B 108 1.02 39.86 -25.44
N ILE B 109 2.10 39.11 -25.25
CA ILE B 109 2.00 37.78 -24.63
C ILE B 109 2.36 37.84 -23.14
N LYS B 110 1.39 37.42 -22.31
CA LYS B 110 1.58 37.30 -20.86
C LYS B 110 1.56 35.84 -20.48
N ALA B 111 2.53 35.42 -19.67
CA ALA B 111 2.58 34.04 -19.15
C ALA B 111 2.78 34.00 -17.62
N ARG B 112 2.62 32.79 -17.06
CA ARG B 112 2.68 32.57 -15.60
C ARG B 112 3.05 31.13 -15.31
N LEU B 113 4.18 30.90 -14.67
CA LEU B 113 4.56 29.55 -14.27
C LEU B 113 4.44 29.37 -12.76
N THR B 114 4.57 28.12 -12.35
CA THR B 114 4.55 27.75 -10.94
C THR B 114 5.27 26.41 -10.88
N LEU B 115 6.52 26.44 -10.46
CA LEU B 115 7.33 25.24 -10.47
C LEU B 115 7.57 24.82 -9.04
N TYR B 116 7.35 23.54 -8.75
CA TYR B 116 7.62 22.99 -7.43
C TYR B 116 8.93 22.24 -7.51
N SER B 117 9.50 21.98 -6.35
CA SER B 117 10.82 21.38 -6.24
C SER B 117 11.04 20.99 -4.81
N TYR B 118 11.93 20.03 -4.58
CA TYR B 118 12.17 19.50 -3.25
C TYR B 118 13.63 19.69 -2.89
N ILE B 119 13.98 19.58 -1.61
CA ILE B 119 15.40 19.63 -1.26
C ILE B 119 16.13 18.44 -1.91
N ASP B 120 17.25 18.75 -2.54
CA ASP B 120 18.12 17.76 -3.10
C ASP B 120 18.84 17.06 -1.97
N LYS B 121 18.57 15.77 -1.79
CA LYS B 121 19.23 14.98 -0.74
C LYS B 121 20.71 14.67 -1.04
N GLN B 122 21.12 14.84 -2.28
CA GLN B 122 22.53 14.62 -2.67
C GLN B 122 23.38 15.79 -2.30
N ALA B 123 22.79 16.96 -2.50
CA ALA B 123 23.46 18.24 -2.31
C ALA B 123 23.39 18.67 -0.85
N VAL B 124 22.36 18.24 -0.15
CA VAL B 124 22.12 18.66 1.22
C VAL B 124 22.00 17.42 2.12
N PRO B 125 23.09 16.63 2.24
CA PRO B 125 23.06 15.45 3.07
C PRO B 125 22.70 15.64 4.56
N ASN B 126 22.73 16.87 5.06
CA ASN B 126 22.46 17.12 6.49
C ASN B 126 21.71 18.44 6.75
N GLU B 127 21.11 18.57 7.94
CA GLU B 127 20.34 19.77 8.29
C GLU B 127 21.26 20.98 8.07
N THR B 128 20.72 22.08 7.56
CA THR B 128 21.47 23.33 7.43
C THR B 128 20.57 24.50 7.01
N SER B 129 21.05 25.72 7.21
CA SER B 129 20.35 26.88 6.70
C SER B 129 20.92 27.20 5.31
N LEU B 130 20.06 27.70 4.43
CA LEU B 130 20.46 27.99 3.06
C LEU B 130 19.83 29.29 2.60
N ASN B 131 20.56 30.00 1.75
CA ASN B 131 19.92 31.02 0.96
C ASN B 131 19.49 30.34 -0.33
N LEU B 132 18.17 30.29 -0.57
CA LEU B 132 17.67 29.79 -1.84
C LEU B 132 17.69 30.95 -2.80
N THR B 133 18.20 30.68 -4.00
CA THR B 133 18.18 31.64 -5.08
C THR B 133 17.56 31.02 -6.33
N PHE B 134 16.48 31.64 -6.79
CA PHE B 134 15.77 31.20 -7.97
C PHE B 134 15.91 32.31 -9.00
N ALA B 135 15.39 32.09 -10.21
CA ALA B 135 15.52 33.06 -11.31
C ALA B 135 14.49 32.84 -12.42
N THR B 136 14.19 33.92 -13.16
CA THR B 136 13.34 33.84 -14.32
C THR B 136 13.96 34.72 -15.39
N ALA B 137 14.65 34.09 -16.33
CA ALA B 137 15.36 34.82 -17.38
C ALA B 137 16.40 35.75 -16.79
N GLY B 138 17.29 35.20 -15.98
CA GLY B 138 18.38 35.97 -15.36
C GLY B 138 18.00 36.71 -14.09
N LYS B 139 16.77 37.22 -14.05
CA LYS B 139 16.27 37.99 -12.92
C LYS B 139 16.11 37.14 -11.66
N GLU B 140 17.10 37.25 -10.78
CA GLU B 140 17.15 36.45 -9.57
C GLU B 140 16.23 36.96 -8.46
N THR B 141 15.95 36.05 -7.52
CA THR B 141 15.33 36.37 -6.24
C THR B 141 15.81 35.34 -5.22
N SER B 142 15.61 35.64 -3.94
CA SER B 142 16.10 34.79 -2.88
C SER B 142 15.14 34.76 -1.74
N GLN B 143 15.32 33.72 -0.94
CA GLN B 143 14.64 33.56 0.34
C GLN B 143 15.46 32.61 1.18
N ASN B 144 15.55 32.94 2.45
CA ASN B 144 16.39 32.18 3.37
C ASN B 144 15.55 31.01 3.87
N VAL B 145 16.18 29.87 4.07
CA VAL B 145 15.43 28.71 4.59
C VAL B 145 16.27 27.83 5.49
N SER B 146 15.58 26.96 6.22
CA SER B 146 16.24 25.98 7.08
C SER B 146 15.68 24.60 6.81
N VAL B 147 16.54 23.62 6.93
CA VAL B 147 16.27 22.29 6.45
C VAL B 147 16.24 21.34 7.65
N ASP B 148 15.06 20.94 8.12
CA ASP B 148 14.99 19.90 9.18
C ASP B 148 14.70 18.56 8.58
N TYR B 149 15.63 17.66 8.85
CA TYR B 149 15.41 16.27 8.65
C TYR B 149 14.87 15.59 9.93
N GLN B 150 13.96 14.64 9.68
CA GLN B 150 13.38 13.74 10.65
C GLN B 150 14.42 13.06 11.49
N ASP B 151 14.05 12.83 12.74
CA ASP B 151 14.89 12.15 13.70
C ASP B 151 14.25 10.75 13.92
N PRO B 152 15.03 9.75 14.34
CA PRO B 152 14.50 8.40 14.47
C PRO B 152 13.43 8.24 15.53
N MET B 153 12.71 7.12 15.50
CA MET B 153 11.78 6.78 16.58
C MET B 153 12.56 5.90 17.54
N VAL B 154 12.32 6.10 18.83
CA VAL B 154 12.97 5.30 19.86
C VAL B 154 11.97 4.68 20.82
N HIS B 155 12.06 3.35 20.99
CA HIS B 155 11.36 2.64 22.06
C HIS B 155 12.40 1.85 22.83
N GLY B 156 12.88 2.46 23.91
CA GLY B 156 13.95 1.88 24.69
C GLY B 156 15.20 1.72 23.86
N ASP B 157 15.55 0.47 23.57
CA ASP B 157 16.73 0.14 22.78
C ASP B 157 16.41 0.14 21.29
N SER B 158 15.12 0.17 20.95
CA SER B 158 14.69 0.12 19.55
C SER B 158 14.62 1.52 18.91
N ASN B 159 15.45 1.74 17.90
CA ASN B 159 15.52 3.00 17.17
C ASN B 159 15.73 2.78 15.68
N ILE B 160 14.93 3.49 14.89
CA ILE B 160 14.92 3.31 13.43
C ILE B 160 14.27 4.51 12.75
N GLN B 161 14.67 4.73 11.51
CA GLN B 161 14.08 5.79 10.70
C GLN B 161 14.17 5.38 9.24
N SER B 162 13.26 5.93 8.43
CA SER B 162 13.17 5.54 7.02
C SER B 162 12.39 6.53 6.16
N ILE B 163 12.78 6.56 4.88
CA ILE B 163 12.08 7.31 3.83
C ILE B 163 12.33 6.68 2.46
N PHE B 164 11.59 7.20 1.46
CA PHE B 164 11.71 6.74 0.07
C PHE B 164 12.80 7.47 -0.69
N THR B 165 13.51 6.74 -1.53
CA THR B 165 14.70 7.25 -2.18
C THR B 165 14.49 7.43 -3.66
N LYS B 166 14.30 6.32 -4.37
CA LYS B 166 13.98 6.31 -5.82
C LYS B 166 12.65 5.57 -6.12
N LEU B 167 11.84 6.11 -7.04
CA LEU B 167 10.62 5.44 -7.54
C LEU B 167 10.60 5.36 -9.07
N ASP B 168 10.39 4.16 -9.61
CA ASP B 168 10.48 3.93 -11.04
C ASP B 168 9.14 3.49 -11.64
N GLU B 169 8.37 4.44 -12.17
CA GLU B 169 7.06 4.12 -12.73
C GLU B 169 7.18 3.13 -13.87
N ASN B 170 8.18 3.31 -14.74
CA ASN B 170 8.28 2.46 -15.91
C ASN B 170 8.36 0.99 -15.46
N LYS B 171 9.21 0.68 -14.49
CA LYS B 171 9.24 -0.67 -13.86
C LYS B 171 8.27 -1.04 -12.71
N GLN B 172 7.57 -0.07 -12.14
CA GLN B 172 6.64 -0.27 -10.98
C GLN B 172 7.30 -0.72 -9.70
N THR B 173 8.50 -0.21 -9.46
CA THR B 173 9.17 -0.50 -8.20
C THR B 173 9.31 0.78 -7.36
N ILE B 174 9.69 0.59 -6.10
CA ILE B 174 9.96 1.68 -5.18
C ILE B 174 11.05 1.33 -4.19
N GLU B 175 11.97 2.26 -3.98
CA GLU B 175 13.11 2.04 -3.09
C GLU B 175 12.92 2.81 -1.80
N GLN B 176 13.14 2.09 -0.70
CA GLN B 176 13.06 2.65 0.62
C GLN B 176 14.38 2.37 1.27
N GLN B 177 14.93 3.37 1.94
CA GLN B 177 16.17 3.20 2.66
C GLN B 177 15.89 3.39 4.12
N ILE B 178 16.35 2.41 4.90
CA ILE B 178 16.06 2.29 6.31
C ILE B 178 17.35 2.34 7.11
N TYR B 179 17.34 3.11 8.19
CA TYR B 179 18.45 3.18 9.12
C TYR B 179 18.14 2.32 10.34
N VAL B 180 18.66 1.10 10.35
CA VAL B 180 18.46 0.24 11.50
C VAL B 180 19.49 0.61 12.54
N ASN B 181 19.01 1.07 13.70
CA ASN B 181 19.88 1.42 14.82
C ASN B 181 20.85 2.60 14.51
N PRO B 182 20.28 3.73 14.07
CA PRO B 182 21.07 4.93 13.84
C PRO B 182 21.86 5.43 15.07
N LEU B 183 21.41 5.07 16.27
CA LEU B 183 22.03 5.55 17.51
C LEU B 183 23.03 4.53 18.07
N LYS B 184 23.43 3.60 17.20
CA LYS B 184 24.38 2.52 17.51
C LYS B 184 24.27 1.97 18.94
N LYS B 185 23.05 1.74 19.42
CA LYS B 185 22.81 1.21 20.77
C LYS B 185 23.13 -0.28 20.89
N THR B 186 23.11 -0.75 22.13
CA THR B 186 23.25 -2.18 22.43
C THR B 186 21.87 -2.84 22.44
N ALA B 187 21.49 -3.36 21.27
CA ALA B 187 20.15 -3.92 21.04
C ALA B 187 20.18 -5.44 21.00
N THR B 188 19.42 -6.05 21.90
CA THR B 188 19.45 -7.50 22.10
C THR B 188 18.27 -8.21 21.41
N ASN B 189 18.60 -9.32 20.74
CA ASN B 189 17.71 -10.00 19.78
C ASN B 189 16.89 -8.96 19.01
N THR B 190 17.58 -8.31 18.07
CA THR B 190 16.97 -7.32 17.21
C THR B 190 16.31 -8.04 16.06
N LYS B 191 15.08 -7.60 15.77
CA LYS B 191 14.35 -8.08 14.62
C LYS B 191 13.71 -6.87 13.91
N VAL B 192 13.86 -6.82 12.59
CA VAL B 192 13.31 -5.71 11.78
C VAL B 192 12.39 -6.26 10.68
N ASP B 193 11.19 -5.70 10.63
CA ASP B 193 10.18 -6.11 9.67
C ASP B 193 10.00 -5.00 8.67
N ILE B 194 9.67 -5.35 7.42
CA ILE B 194 9.24 -4.37 6.41
C ILE B 194 7.91 -4.82 5.85
N ALA B 195 6.91 -3.94 5.90
CA ALA B 195 5.53 -4.33 5.57
C ALA B 195 4.75 -3.32 4.73
N GLY B 196 3.50 -3.64 4.37
CA GLY B 196 2.72 -2.85 3.40
C GLY B 196 1.89 -1.62 3.79
N SER B 197 2.18 -0.96 4.92
CA SER B 197 1.38 0.21 5.38
C SER B 197 0.50 0.89 4.32
N GLY B 208 -1.17 0.46 9.24
CA GLY B 208 -1.44 0.11 7.83
C GLY B 208 -1.49 -1.40 7.57
N ASN B 209 -1.59 -1.76 6.27
CA ASN B 209 -1.76 -3.17 5.80
C ASN B 209 -0.95 -3.60 4.55
N GLY B 210 -1.50 -3.31 3.38
CA GLY B 210 -0.88 -3.65 2.09
C GLY B 210 -1.20 -2.64 0.98
N SER B 211 -0.14 -2.11 0.35
CA SER B 211 -0.22 -1.25 -0.85
C SER B 211 0.93 -1.52 -1.83
N THR B 212 2.04 -2.00 -1.30
CA THR B 212 3.12 -2.61 -2.09
C THR B 212 3.08 -4.11 -1.87
N ILE B 213 4.13 -4.81 -2.31
CA ILE B 213 4.23 -6.26 -2.11
C ILE B 213 5.59 -6.55 -1.51
N ILE B 214 5.63 -7.44 -0.51
CA ILE B 214 6.91 -7.94 -0.02
C ILE B 214 6.90 -9.43 0.10
N ASP B 215 7.91 -10.05 -0.48
CA ASP B 215 7.99 -11.49 -0.51
C ASP B 215 9.40 -11.84 -0.91
N GLN B 216 9.65 -13.13 -1.10
CA GLN B 216 10.97 -13.65 -1.39
C GLN B 216 11.67 -12.86 -2.46
N ASN B 217 10.90 -12.45 -3.45
CA ASN B 217 11.44 -11.73 -4.62
C ASN B 217 11.92 -10.31 -4.40
N THR B 218 11.36 -9.63 -3.41
CA THR B 218 11.78 -8.27 -3.09
C THR B 218 13.27 -8.24 -2.77
N GLU B 219 14.00 -7.35 -3.46
CA GLU B 219 15.44 -7.18 -3.24
C GLU B 219 15.63 -6.33 -2.03
N MET B 220 16.45 -6.80 -1.10
CA MET B 220 16.80 -6.05 0.12
C MET B 220 18.26 -6.24 0.49
N LYS B 221 19.08 -5.24 0.19
CA LYS B 221 20.50 -5.36 0.50
C LYS B 221 20.75 -4.69 1.86
N VAL B 222 21.67 -5.28 2.63
CA VAL B 222 21.99 -4.82 3.98
C VAL B 222 23.48 -4.50 4.18
N TYR B 223 23.71 -3.36 4.82
CA TYR B 223 25.06 -2.85 5.03
C TYR B 223 25.36 -2.56 6.50
N LYS B 224 26.64 -2.68 6.84
CA LYS B 224 27.16 -2.43 8.19
C LYS B 224 27.87 -1.09 8.21
N VAL B 225 27.61 -0.29 9.22
CA VAL B 225 28.24 1.02 9.37
C VAL B 225 29.27 0.99 10.51
N ASN B 226 30.46 1.55 10.28
CA ASN B 226 31.51 1.61 11.32
C ASN B 226 31.13 2.51 12.49
N PRO B 227 31.63 2.20 13.71
CA PRO B 227 31.20 2.95 14.89
C PRO B 227 31.52 4.45 14.84
N ASN B 228 32.39 4.83 13.90
CA ASN B 228 32.85 6.20 13.74
C ASN B 228 32.50 6.69 12.36
N GLN B 229 31.26 6.44 11.96
CA GLN B 229 30.83 6.65 10.59
C GLN B 229 29.41 7.21 10.64
N GLN B 230 29.28 8.51 10.41
CA GLN B 230 27.97 9.18 10.54
C GLN B 230 27.14 9.08 9.25
N LEU B 231 25.87 8.70 9.39
CA LEU B 231 24.96 8.60 8.25
C LEU B 231 24.33 9.93 7.88
N PRO B 232 24.05 10.15 6.58
CA PRO B 232 23.49 11.46 6.18
C PRO B 232 22.10 11.65 6.75
N GLN B 233 21.87 12.81 7.34
CA GLN B 233 20.57 13.12 7.92
C GLN B 233 19.48 13.16 6.85
N SER B 234 19.86 13.26 5.58
CA SER B 234 18.90 13.16 4.49
C SER B 234 18.21 11.81 4.44
N ASN B 235 18.91 10.80 4.94
CA ASN B 235 18.39 9.43 4.97
C ASN B 235 18.45 8.76 3.59
N ARG B 236 19.11 9.42 2.63
CA ARG B 236 19.42 8.81 1.36
C ARG B 236 20.91 8.71 1.18
N ILE B 237 21.41 7.48 1.21
CA ILE B 237 22.76 7.18 0.86
C ILE B 237 22.79 7.22 -0.67
N TYR B 238 23.73 7.95 -1.26
CA TYR B 238 23.94 7.82 -2.70
C TYR B 238 25.10 6.89 -3.03
N ASP B 239 25.93 6.55 -2.04
CA ASP B 239 27.14 5.80 -2.32
C ASP B 239 27.34 4.62 -1.35
N PHE B 240 27.08 3.42 -1.85
CA PHE B 240 27.22 2.20 -1.03
C PHE B 240 28.58 1.49 -1.14
N SER B 241 29.53 2.18 -1.78
CA SER B 241 30.91 1.75 -1.79
C SER B 241 31.41 1.63 -0.35
N GLN B 242 31.32 2.74 0.40
CA GLN B 242 31.96 2.83 1.73
C GLN B 242 31.08 2.28 2.86
N TYR B 243 30.57 1.06 2.69
CA TYR B 243 29.76 0.41 3.70
C TYR B 243 29.85 -1.12 3.55
N GLU B 244 30.26 -1.80 4.62
CA GLU B 244 30.44 -3.25 4.57
C GLU B 244 29.12 -3.95 4.16
N ASP B 245 29.12 -4.49 2.95
CA ASP B 245 27.96 -5.24 2.47
C ASP B 245 27.88 -6.55 3.25
N VAL B 246 26.82 -6.67 4.04
CA VAL B 246 26.62 -7.82 4.91
C VAL B 246 25.37 -8.61 4.50
N THR B 247 24.89 -8.37 3.28
CA THR B 247 23.63 -8.95 2.79
C THR B 247 23.64 -10.50 2.73
N SER B 248 24.80 -11.07 2.41
CA SER B 248 24.94 -12.52 2.33
C SER B 248 25.01 -13.14 3.74
N GLN B 249 25.36 -12.32 4.73
CA GLN B 249 25.24 -12.73 6.13
C GLN B 249 23.77 -13.04 6.46
N PHE B 250 22.85 -12.33 5.80
CA PHE B 250 21.42 -12.40 6.11
C PHE B 250 20.63 -13.51 5.41
N ASP B 251 21.29 -14.28 4.54
CA ASP B 251 20.60 -15.26 3.71
C ASP B 251 19.69 -16.19 4.50
N ASN B 252 20.25 -16.83 5.53
CA ASN B 252 19.50 -17.75 6.39
C ASN B 252 18.90 -17.09 7.63
N LYS B 253 18.59 -15.81 7.54
CA LYS B 253 18.02 -15.08 8.66
C LYS B 253 16.89 -14.15 8.20
N LYS B 254 16.22 -14.52 7.11
CA LYS B 254 15.11 -13.74 6.56
C LYS B 254 13.90 -14.63 6.50
N SER B 255 12.76 -14.09 6.94
CA SER B 255 11.47 -14.81 6.92
C SER B 255 10.29 -13.93 6.49
N PHE B 256 9.26 -14.58 5.99
CA PHE B 256 8.26 -13.97 5.10
C PHE B 256 6.82 -14.40 5.36
N SER B 257 5.88 -13.47 5.57
CA SER B 257 4.46 -13.85 5.83
C SER B 257 3.43 -12.71 5.75
N ASN B 258 2.59 -12.75 4.72
CA ASN B 258 1.54 -11.74 4.53
C ASN B 258 2.09 -10.32 4.37
N ASN B 259 2.78 -10.13 3.25
CA ASN B 259 3.45 -8.89 2.94
C ASN B 259 4.33 -8.39 4.07
N VAL B 260 5.05 -9.30 4.73
CA VAL B 260 6.02 -8.88 5.73
C VAL B 260 7.26 -9.74 5.71
N ALA B 261 8.38 -9.10 5.43
CA ALA B 261 9.69 -9.69 5.59
C ALA B 261 10.18 -9.45 7.02
N THR B 262 10.80 -10.46 7.62
CA THR B 262 11.36 -10.37 8.95
C THR B 262 12.85 -10.73 8.99
N LEU B 263 13.65 -9.78 9.46
CA LEU B 263 15.10 -9.96 9.52
C LEU B 263 15.58 -10.15 10.98
N ASP B 264 16.36 -11.22 11.23
CA ASP B 264 16.86 -11.52 12.59
C ASP B 264 18.32 -11.06 12.77
N PHE B 265 18.48 -9.81 13.22
CA PHE B 265 19.82 -9.24 13.43
C PHE B 265 20.57 -9.86 14.62
N GLY B 266 19.84 -10.32 15.63
CA GLY B 266 20.44 -10.88 16.85
C GLY B 266 20.85 -9.75 17.76
N ASP B 267 21.85 -9.99 18.61
CA ASP B 267 22.42 -8.92 19.45
C ASP B 267 23.31 -8.04 18.55
N ILE B 268 23.03 -6.73 18.50
CA ILE B 268 23.84 -5.79 17.71
C ILE B 268 24.18 -4.50 18.47
N ASN B 269 25.26 -3.87 18.04
CA ASN B 269 25.81 -2.63 18.65
C ASN B 269 25.90 -1.53 17.62
N SER B 270 25.81 -1.96 16.35
CA SER B 270 26.17 -1.19 15.18
C SER B 270 24.92 -0.78 14.39
N ALA B 271 25.05 0.33 13.69
CA ALA B 271 24.01 0.80 12.77
C ALA B 271 24.05 -0.07 11.51
N TYR B 272 22.89 -0.18 10.86
CA TYR B 272 22.85 -0.84 9.57
C TYR B 272 21.90 -0.07 8.67
N ILE B 273 22.15 -0.20 7.37
CA ILE B 273 21.33 0.42 6.36
C ILE B 273 20.70 -0.71 5.57
N ILE B 274 19.42 -0.54 5.27
CA ILE B 274 18.69 -1.50 4.45
C ILE B 274 18.11 -0.80 3.21
N LYS B 275 18.42 -1.37 2.05
CA LYS B 275 17.91 -0.81 0.83
C LYS B 275 16.88 -1.79 0.30
N VAL B 276 15.61 -1.41 0.46
CA VAL B 276 14.50 -2.20 0.00
C VAL B 276 13.93 -1.61 -1.26
N VAL B 277 14.06 -2.36 -2.35
CA VAL B 277 13.29 -2.10 -3.58
C VAL B 277 12.19 -3.14 -3.72
N SER B 278 10.96 -2.68 -3.88
CA SER B 278 9.82 -3.55 -3.84
C SER B 278 8.83 -3.16 -4.91
N LYS B 279 8.12 -4.16 -5.47
CA LYS B 279 7.13 -3.92 -6.54
C LYS B 279 5.89 -3.37 -5.91
N TYR B 280 5.25 -2.42 -6.57
CA TYR B 280 4.01 -1.87 -6.06
C TYR B 280 2.93 -2.11 -7.07
N THR B 281 1.68 -2.04 -6.64
CA THR B 281 0.60 -2.24 -7.55
C THR B 281 -0.05 -0.94 -7.91
N PRO B 282 -0.23 -0.71 -9.22
CA PRO B 282 -0.91 0.46 -9.73
C PRO B 282 -2.28 0.67 -9.10
N THR B 283 -2.81 1.88 -9.27
CA THR B 283 -4.16 2.17 -8.81
C THR B 283 -5.06 2.59 -9.96
N SER B 284 -6.31 2.14 -9.88
CA SER B 284 -7.34 2.50 -10.85
C SER B 284 -7.65 3.99 -10.83
N ASP B 285 -7.58 4.62 -9.67
CA ASP B 285 -7.83 6.06 -9.54
C ASP B 285 -6.64 6.85 -10.03
N GLY B 286 -5.53 6.18 -10.30
CA GLY B 286 -4.38 6.78 -10.98
C GLY B 286 -3.35 7.29 -10.01
N GLU B 287 -3.79 8.12 -9.07
CA GLU B 287 -2.91 8.70 -8.06
C GLU B 287 -2.12 7.63 -7.32
N LEU B 288 -0.92 8.02 -6.85
CA LEU B 288 -0.02 7.11 -6.14
C LEU B 288 -0.31 7.16 -4.65
N ASP B 289 -0.90 6.06 -4.15
CA ASP B 289 -1.25 5.87 -2.74
C ASP B 289 -0.29 4.81 -2.17
N ILE B 290 1.00 5.05 -2.36
CA ILE B 290 2.02 4.09 -1.97
C ILE B 290 2.36 4.35 -0.53
N ALA B 291 2.73 3.29 0.18
CA ALA B 291 3.08 3.37 1.58
C ALA B 291 3.84 2.12 1.92
N GLN B 292 4.71 2.23 2.91
CA GLN B 292 5.55 1.11 3.33
C GLN B 292 6.12 1.47 4.68
N GLY B 293 6.19 0.48 5.57
CA GLY B 293 6.71 0.70 6.91
C GLY B 293 7.69 -0.36 7.36
N THR B 294 8.54 0.03 8.30
CA THR B 294 9.39 -0.90 9.02
C THR B 294 9.25 -0.69 10.51
N SER B 295 9.62 -1.74 11.23
CA SER B 295 9.60 -1.74 12.68
C SER B 295 10.88 -2.41 13.15
N MET B 296 11.43 -1.91 14.25
CA MET B 296 12.59 -2.51 14.88
C MET B 296 12.14 -3.04 16.23
N ARG B 297 12.42 -4.32 16.46
CA ARG B 297 12.11 -4.91 17.75
C ARG B 297 13.41 -5.28 18.42
N THR B 298 13.44 -5.01 19.72
CA THR B 298 14.50 -5.49 20.59
C THR B 298 13.79 -6.03 21.81
N THR B 299 14.44 -6.96 22.51
CA THR B 299 13.99 -7.29 23.85
C THR B 299 14.71 -6.38 24.86
N ASP B 300 14.04 -6.07 25.97
CA ASP B 300 14.56 -5.13 26.96
C ASP B 300 14.93 -5.77 28.31
N LYS B 301 15.29 -4.90 29.25
CA LYS B 301 15.66 -5.25 30.65
C LYS B 301 14.69 -6.30 31.21
N TYR B 302 13.39 -5.98 31.13
CA TYR B 302 12.29 -6.72 31.78
C TYR B 302 11.76 -7.87 30.94
N GLY B 303 12.50 -8.26 29.91
CA GLY B 303 12.06 -9.35 29.03
C GLY B 303 10.80 -9.09 28.20
N TYR B 304 10.46 -7.82 28.00
CA TYR B 304 9.37 -7.43 27.07
C TYR B 304 9.90 -7.26 25.66
N TYR B 305 9.01 -6.98 24.71
CA TYR B 305 9.44 -6.66 23.36
C TYR B 305 9.07 -5.22 23.07
N ASN B 306 10.09 -4.38 22.85
CA ASN B 306 9.88 -2.99 22.46
C ASN B 306 9.93 -2.82 20.95
N TYR B 307 8.97 -2.06 20.44
CA TYR B 307 8.82 -1.90 19.00
C TYR B 307 8.86 -0.45 18.60
N ALA B 308 9.86 -0.11 17.81
CA ALA B 308 9.94 1.20 17.19
C ALA B 308 9.54 1.02 15.76
N GLY B 309 8.71 1.91 15.23
CA GLY B 309 8.23 1.75 13.87
C GLY B 309 8.17 3.02 13.07
N TYR B 310 8.35 2.85 11.75
CA TYR B 310 8.36 3.97 10.78
C TYR B 310 7.63 3.52 9.51
N SER B 311 6.78 4.40 8.99
CA SER B 311 6.15 4.16 7.69
C SER B 311 6.19 5.42 6.85
N ASN B 312 6.34 5.24 5.55
CA ASN B 312 6.46 6.34 4.60
C ASN B 312 5.28 6.42 3.66
N PHE B 313 4.59 7.56 3.57
CA PHE B 313 3.60 7.76 2.51
C PHE B 313 4.38 8.31 1.35
N ILE B 314 3.68 8.88 0.38
CA ILE B 314 4.33 9.42 -0.76
C ILE B 314 3.55 10.61 -1.25
N VAL B 315 4.26 11.69 -1.55
CA VAL B 315 3.60 12.97 -1.84
C VAL B 315 3.83 13.41 -3.28
N THR B 316 2.86 14.16 -3.79
CA THR B 316 2.94 14.65 -5.15
C THR B 316 2.81 16.16 -5.20
N SER B 317 3.68 16.78 -5.97
CA SER B 317 3.50 18.15 -6.41
C SER B 317 3.12 18.09 -7.88
N ASN B 318 2.78 19.23 -8.48
CA ASN B 318 2.81 19.32 -9.94
C ASN B 318 2.76 20.74 -10.45
N ASP B 319 3.66 20.99 -11.39
CA ASP B 319 3.95 22.32 -11.86
C ASP B 319 2.68 22.78 -12.55
N THR B 320 2.57 24.07 -12.79
CA THR B 320 1.38 24.58 -13.46
C THR B 320 1.69 25.90 -14.14
N GLY B 321 1.36 25.98 -15.41
CA GLY B 321 1.75 27.09 -16.24
C GLY B 321 0.78 27.31 -17.38
N GLY B 322 0.54 28.56 -17.70
CA GLY B 322 -0.31 28.93 -18.80
C GLY B 322 0.30 30.10 -19.52
N GLY B 323 -0.39 30.58 -20.53
CA GLY B 323 0.04 31.73 -21.28
C GLY B 323 -1.12 32.31 -22.04
N ASP B 324 -0.94 33.50 -22.59
CA ASP B 324 -2.01 34.13 -23.32
C ASP B 324 -1.52 35.35 -24.06
N GLY B 325 -2.18 35.61 -25.18
CA GLY B 325 -1.96 36.79 -25.99
C GLY B 325 -3.11 36.96 -26.97
N THR B 326 -3.05 38.01 -27.77
CA THR B 326 -4.02 38.20 -28.84
C THR B 326 -3.34 38.02 -30.19
N VAL B 327 -4.16 38.05 -31.23
CA VAL B 327 -3.76 37.58 -32.55
C VAL B 327 -3.55 38.73 -33.52
N LYS B 328 -2.42 38.69 -34.24
CA LYS B 328 -2.02 39.74 -35.20
C LYS B 328 -2.93 39.76 -36.42
N PRO B 329 -2.97 40.88 -37.20
CA PRO B 329 -3.79 41.02 -38.44
C PRO B 329 -4.21 39.71 -39.13
N ASN C 4 -34.16 -44.02 14.11
CA ASN C 4 -34.24 -43.40 15.48
C ASN C 4 -33.67 -41.97 15.58
N ASN C 5 -32.78 -41.63 14.64
CA ASN C 5 -32.08 -40.33 14.57
C ASN C 5 -33.02 -39.19 14.19
N VAL C 6 -33.27 -38.28 15.13
CA VAL C 6 -34.22 -37.18 14.90
C VAL C 6 -33.56 -35.84 14.54
N ASN C 7 -32.48 -35.90 13.76
CA ASN C 7 -31.80 -34.71 13.25
C ASN C 7 -32.75 -33.70 12.62
N ASP C 8 -33.49 -34.14 11.61
CA ASP C 8 -34.39 -33.26 10.84
C ASP C 8 -35.52 -32.67 11.70
N LEU C 9 -35.76 -33.24 12.87
CA LEU C 9 -36.67 -32.66 13.85
C LEU C 9 -36.02 -31.52 14.64
N ILE C 10 -34.73 -31.29 14.45
CA ILE C 10 -33.98 -30.28 15.23
C ILE C 10 -33.76 -28.99 14.44
N THR C 11 -34.44 -27.94 14.88
CA THR C 11 -34.37 -26.65 14.20
C THR C 11 -33.32 -25.79 14.91
N VAL C 12 -32.25 -25.48 14.17
CA VAL C 12 -31.08 -24.77 14.71
C VAL C 12 -31.16 -23.25 14.63
N THR C 13 -31.31 -22.58 15.77
CA THR C 13 -31.51 -21.14 15.75
C THR C 13 -30.22 -20.30 15.71
N LYS C 14 -29.09 -20.87 16.13
CA LYS C 14 -27.80 -20.17 16.02
C LYS C 14 -26.65 -21.17 15.95
N GLN C 15 -25.60 -20.83 15.23
CA GLN C 15 -24.42 -21.69 15.18
C GLN C 15 -23.18 -20.99 14.61
N THR C 16 -22.51 -20.28 15.53
CA THR C 16 -21.34 -19.46 15.26
C THR C 16 -20.05 -20.24 15.58
N ILE C 17 -19.09 -20.18 14.67
CA ILE C 17 -17.72 -20.67 14.85
C ILE C 17 -16.77 -19.51 15.19
N LYS C 18 -16.46 -19.31 16.45
CA LYS C 18 -15.61 -18.18 16.83
C LYS C 18 -14.19 -18.70 17.14
N VAL C 19 -13.18 -17.86 16.97
CA VAL C 19 -11.81 -18.20 17.37
C VAL C 19 -11.30 -17.22 18.42
N GLY C 20 -11.08 -17.73 19.64
CA GLY C 20 -10.54 -16.91 20.74
C GLY C 20 -10.96 -15.45 20.78
N ASP C 24 -10.02 -12.50 14.22
CA ASP C 24 -8.90 -12.63 13.28
C ASP C 24 -9.07 -13.63 12.12
N ASN C 25 -9.59 -14.84 12.41
CA ASN C 25 -9.52 -16.03 11.51
C ASN C 25 -8.18 -16.74 11.65
N VAL C 26 -7.59 -16.63 12.84
CA VAL C 26 -6.23 -17.12 13.06
C VAL C 26 -6.14 -18.00 14.31
N ALA C 27 -5.96 -19.30 14.04
CA ALA C 27 -5.73 -20.33 15.05
C ALA C 27 -4.25 -20.39 15.40
N ALA C 28 -3.87 -19.54 16.37
CA ALA C 28 -2.50 -19.57 16.89
C ALA C 28 -2.42 -20.75 17.86
N ALA C 29 -2.39 -21.98 17.34
CA ALA C 29 -2.48 -23.19 18.18
C ALA C 29 -1.54 -23.14 19.37
N HIS C 30 -0.29 -22.72 19.12
CA HIS C 30 0.73 -22.63 20.17
C HIS C 30 0.60 -21.36 21.01
N ASP C 31 -0.50 -20.64 20.88
CA ASP C 31 -0.85 -19.61 21.82
C ASP C 31 -2.11 -20.06 22.57
N GLY C 32 -2.42 -21.34 22.42
CA GLY C 32 -3.58 -21.97 23.05
C GLY C 32 -4.91 -21.34 22.73
N LYS C 33 -5.03 -20.77 21.53
CA LYS C 33 -6.31 -20.23 21.11
C LYS C 33 -7.24 -21.37 20.77
N ASP C 34 -8.47 -21.24 21.19
CA ASP C 34 -9.46 -22.30 21.06
C ASP C 34 -10.35 -21.93 19.92
N ILE C 35 -11.23 -22.85 19.57
CA ILE C 35 -12.27 -22.60 18.60
C ILE C 35 -13.60 -22.86 19.25
N GLU C 36 -14.32 -21.77 19.47
CA GLU C 36 -15.65 -21.81 20.04
C GLU C 36 -16.68 -22.14 18.97
N TYR C 37 -17.64 -22.98 19.34
CA TYR C 37 -18.80 -23.29 18.51
C TYR C 37 -19.99 -23.10 19.40
N ASP C 38 -20.72 -22.03 19.16
CA ASP C 38 -21.81 -21.66 20.05
C ASP C 38 -23.09 -21.84 19.28
N THR C 39 -23.93 -22.78 19.75
CA THR C 39 -25.16 -23.21 19.05
C THR C 39 -26.35 -23.12 19.90
N GLU C 40 -27.47 -22.91 19.23
CA GLU C 40 -28.80 -23.10 19.83
C GLU C 40 -29.72 -23.82 18.86
N PHE C 41 -30.69 -24.55 19.41
CA PHE C 41 -31.65 -25.24 18.57
C PHE C 41 -32.96 -25.51 19.31
N THR C 42 -34.02 -25.68 18.51
CA THR C 42 -35.32 -26.03 19.00
C THR C 42 -35.49 -27.50 18.81
N ILE C 43 -36.03 -28.14 19.85
CA ILE C 43 -36.40 -29.54 19.78
C ILE C 43 -37.93 -29.66 19.72
N ASP C 44 -38.42 -30.19 18.61
CA ASP C 44 -39.83 -30.50 18.45
C ASP C 44 -40.30 -31.46 19.55
N ASN C 45 -41.58 -31.37 19.93
CA ASN C 45 -42.13 -32.20 21.02
C ASN C 45 -42.22 -33.68 20.68
N LYS C 46 -42.32 -33.95 19.37
CA LYS C 46 -42.35 -35.30 18.80
C LYS C 46 -41.09 -36.13 19.10
N VAL C 47 -40.07 -35.46 19.62
CA VAL C 47 -38.90 -36.17 20.11
C VAL C 47 -39.28 -36.84 21.43
N LYS C 48 -38.90 -38.12 21.51
CA LYS C 48 -39.11 -38.95 22.71
C LYS C 48 -37.76 -39.45 23.23
N LYS C 49 -37.80 -40.10 24.40
CA LYS C 49 -36.62 -40.69 25.02
C LYS C 49 -36.04 -41.77 24.11
N GLY C 50 -34.71 -41.85 24.09
CA GLY C 50 -34.00 -42.86 23.30
C GLY C 50 -33.58 -42.36 21.93
N ASP C 51 -34.27 -41.34 21.41
CA ASP C 51 -33.94 -40.77 20.11
C ASP C 51 -32.56 -40.13 20.15
N THR C 52 -31.96 -39.95 18.99
CA THR C 52 -30.64 -39.32 18.89
C THR C 52 -30.53 -38.18 17.89
N MET C 53 -29.78 -37.14 18.25
CA MET C 53 -29.37 -36.07 17.31
C MET C 53 -27.86 -35.98 17.29
N THR C 54 -27.31 -35.19 16.37
CA THR C 54 -25.86 -35.07 16.30
C THR C 54 -25.32 -33.65 16.25
N ILE C 55 -24.02 -33.55 16.51
CA ILE C 55 -23.23 -32.34 16.36
C ILE C 55 -21.87 -32.76 15.85
N ASN C 56 -21.42 -32.16 14.76
CA ASN C 56 -20.08 -32.43 14.27
C ASN C 56 -19.12 -31.29 14.56
N TYR C 57 -17.92 -31.63 14.99
CA TYR C 57 -16.82 -30.70 15.02
C TYR C 57 -16.16 -30.81 13.67
N ASP C 58 -15.28 -29.88 13.36
CA ASP C 58 -14.49 -29.96 12.14
C ASP C 58 -13.59 -31.19 12.21
N LYS C 59 -13.39 -31.87 11.09
CA LYS C 59 -12.54 -33.04 11.06
C LYS C 59 -11.13 -32.71 11.56
N ASN C 60 -10.68 -31.48 11.33
CA ASN C 60 -9.33 -31.07 11.66
C ASN C 60 -9.19 -30.40 13.04
N VAL C 61 -10.09 -30.69 13.98
CA VAL C 61 -9.90 -30.25 15.36
C VAL C 61 -10.18 -31.37 16.38
N ILE C 62 -9.96 -31.07 17.65
CA ILE C 62 -10.14 -32.04 18.73
C ILE C 62 -10.57 -31.27 19.96
N PRO C 63 -11.59 -31.78 20.65
CA PRO C 63 -12.09 -30.98 21.76
C PRO C 63 -11.13 -30.87 22.94
N SER C 64 -10.13 -31.75 22.98
CA SER C 64 -9.09 -31.69 23.99
C SER C 64 -7.72 -32.06 23.46
N ASP C 65 -6.83 -31.07 23.53
CA ASP C 65 -5.54 -31.14 22.91
C ASP C 65 -4.64 -32.11 23.65
N LEU C 66 -4.45 -31.90 24.96
CA LEU C 66 -3.55 -32.78 25.75
C LEU C 66 -4.24 -33.67 26.81
N THR C 67 -5.50 -34.00 26.60
CA THR C 67 -6.12 -35.07 27.33
C THR C 67 -6.96 -35.89 26.36
N ASP C 68 -7.22 -37.13 26.75
CA ASP C 68 -8.11 -38.02 26.02
C ASP C 68 -9.50 -37.93 26.62
N LYS C 69 -9.56 -37.32 27.81
CA LYS C 69 -10.81 -37.05 28.50
C LYS C 69 -11.62 -35.96 27.78
N ASN C 70 -11.80 -36.11 26.46
CA ASN C 70 -12.68 -35.24 25.69
C ASN C 70 -14.05 -35.90 25.43
N ASP C 71 -14.76 -36.11 26.52
CA ASP C 71 -16.15 -36.55 26.47
C ASP C 71 -17.00 -35.30 26.29
N PRO C 72 -18.26 -35.46 25.91
CA PRO C 72 -19.09 -34.30 25.69
C PRO C 72 -19.96 -34.01 26.86
N ILE C 73 -20.12 -32.74 27.18
CA ILE C 73 -20.88 -32.34 28.36
C ILE C 73 -22.31 -32.75 28.13
N ASP C 74 -23.08 -32.84 29.19
CA ASP C 74 -24.45 -33.26 29.05
C ASP C 74 -25.37 -32.09 29.35
N ILE C 75 -26.43 -32.04 28.57
CA ILE C 75 -27.34 -30.93 28.54
C ILE C 75 -28.34 -31.03 29.67
N THR C 76 -28.47 -29.99 30.46
CA THR C 76 -29.31 -30.06 31.65
C THR C 76 -30.21 -28.84 31.83
N ASP C 77 -31.39 -29.06 32.39
CA ASP C 77 -32.29 -27.94 32.64
C ASP C 77 -31.77 -27.17 33.86
N PRO C 78 -32.22 -25.90 34.01
CA PRO C 78 -31.72 -24.99 35.07
C PRO C 78 -31.74 -25.54 36.49
N SER C 79 -32.71 -26.39 36.81
CA SER C 79 -32.77 -27.04 38.12
C SER C 79 -31.70 -28.13 38.20
N GLY C 80 -31.51 -28.84 37.10
CA GLY C 80 -30.45 -29.86 37.01
C GLY C 80 -30.84 -31.22 36.44
N GLU C 81 -32.03 -31.31 35.86
CA GLU C 81 -32.47 -32.56 35.24
C GLU C 81 -31.82 -32.72 33.86
N VAL C 82 -31.40 -33.93 33.52
CA VAL C 82 -30.64 -34.16 32.31
C VAL C 82 -31.52 -34.35 31.10
N ILE C 83 -31.34 -33.49 30.11
CA ILE C 83 -32.11 -33.57 28.88
C ILE C 83 -31.50 -34.59 27.93
N ALA C 84 -30.19 -34.59 27.81
CA ALA C 84 -29.54 -35.52 26.91
C ALA C 84 -28.10 -35.77 27.31
N LYS C 85 -27.68 -37.02 27.19
CA LYS C 85 -26.32 -37.43 27.50
C LYS C 85 -25.65 -37.69 26.18
N GLY C 86 -24.46 -37.15 26.02
CA GLY C 86 -23.77 -37.25 24.76
C GLY C 86 -22.64 -38.24 24.81
N THR C 87 -22.26 -38.73 23.65
CA THR C 87 -21.14 -39.65 23.52
C THR C 87 -20.34 -39.27 22.29
N PHE C 88 -19.11 -38.81 22.51
CA PHE C 88 -18.17 -38.40 21.45
C PHE C 88 -17.53 -39.61 20.74
N ASP C 89 -17.18 -39.43 19.46
CA ASP C 89 -16.49 -40.47 18.68
C ASP C 89 -15.24 -39.91 17.98
N LYS C 90 -14.07 -40.30 18.49
CA LYS C 90 -12.78 -39.73 18.09
C LYS C 90 -12.53 -39.82 16.61
N ALA C 91 -12.96 -40.92 16.01
CA ALA C 91 -12.74 -41.17 14.58
C ALA C 91 -13.59 -40.21 13.76
N THR C 92 -14.89 -40.25 13.99
CA THR C 92 -15.87 -39.46 13.23
C THR C 92 -16.03 -38.02 13.79
N LYS C 93 -15.28 -37.69 14.84
CA LYS C 93 -15.31 -36.33 15.43
C LYS C 93 -16.72 -35.81 15.52
N GLN C 94 -17.60 -36.62 16.06
CA GLN C 94 -18.99 -36.29 16.14
C GLN C 94 -19.62 -36.76 17.45
N ILE C 95 -20.29 -35.85 18.11
CA ILE C 95 -21.02 -36.17 19.32
C ILE C 95 -22.38 -36.76 18.96
N THR C 96 -22.88 -37.68 19.78
CA THR C 96 -24.22 -38.21 19.58
C THR C 96 -25.02 -38.09 20.86
N TYR C 97 -25.84 -37.07 20.92
CA TYR C 97 -26.75 -36.89 22.07
C TYR C 97 -27.98 -37.81 21.99
N THR C 98 -28.28 -38.44 23.12
CA THR C 98 -29.45 -39.28 23.29
C THR C 98 -30.31 -38.61 24.30
N PHE C 99 -31.58 -38.47 24.00
CA PHE C 99 -32.46 -37.73 24.87
C PHE C 99 -32.98 -38.64 25.96
N THR C 100 -33.14 -38.10 27.16
CA THR C 100 -33.68 -38.83 28.30
C THR C 100 -35.17 -38.68 28.29
N ASP C 101 -35.80 -39.26 29.32
CA ASP C 101 -37.22 -39.06 29.59
C ASP C 101 -37.65 -37.58 29.57
N TYR C 102 -36.77 -36.65 29.94
CA TYR C 102 -37.13 -35.22 29.99
C TYR C 102 -37.96 -34.78 28.78
N VAL C 103 -37.63 -35.28 27.59
CA VAL C 103 -38.29 -34.84 26.35
C VAL C 103 -39.77 -35.29 26.18
N ASP C 104 -40.26 -36.02 27.16
CA ASP C 104 -41.64 -36.48 27.24
C ASP C 104 -42.37 -35.82 28.37
N LYS C 105 -41.70 -35.66 29.52
CA LYS C 105 -42.27 -34.92 30.66
C LYS C 105 -42.31 -33.41 30.36
N TYR C 106 -41.63 -32.98 29.28
CA TYR C 106 -41.58 -31.57 28.89
C TYR C 106 -41.81 -31.40 27.41
N GLU C 107 -42.21 -30.18 27.05
CA GLU C 107 -42.50 -29.79 25.68
C GLU C 107 -41.92 -28.38 25.47
N ASP C 108 -41.83 -27.94 24.22
CA ASP C 108 -41.32 -26.60 23.86
C ASP C 108 -39.84 -26.45 24.19
N ILE C 109 -39.04 -27.44 23.79
CA ILE C 109 -37.66 -27.50 24.27
C ILE C 109 -36.66 -26.85 23.33
N LYS C 110 -35.90 -25.90 23.89
CA LYS C 110 -34.78 -25.29 23.19
C LYS C 110 -33.56 -25.37 24.12
N ALA C 111 -32.38 -25.57 23.53
CA ALA C 111 -31.13 -25.72 24.30
C ALA C 111 -30.02 -24.88 23.72
N ARG C 112 -29.01 -24.61 24.56
CA ARG C 112 -27.82 -23.82 24.15
C ARG C 112 -26.55 -24.55 24.52
N LEU C 113 -25.71 -24.75 23.52
CA LEU C 113 -24.44 -25.45 23.67
C LEU C 113 -23.30 -24.57 23.18
N THR C 114 -22.23 -24.51 23.97
CA THR C 114 -21.03 -23.77 23.59
C THR C 114 -19.88 -24.72 23.75
N LEU C 115 -19.28 -25.14 22.64
CA LEU C 115 -18.27 -26.21 22.61
C LEU C 115 -16.93 -25.77 22.06
N TYR C 116 -15.95 -25.72 22.96
CA TYR C 116 -14.60 -25.36 22.65
C TYR C 116 -13.84 -26.55 22.12
N SER C 117 -12.87 -26.26 21.28
CA SER C 117 -11.95 -27.28 20.79
C SER C 117 -10.64 -26.63 20.34
N TYR C 118 -9.70 -27.47 19.90
CA TYR C 118 -8.36 -27.04 19.55
C TYR C 118 -7.94 -27.69 18.28
N ILE C 119 -6.92 -27.15 17.65
CA ILE C 119 -6.43 -27.73 16.41
C ILE C 119 -5.93 -29.12 16.74
N ASP C 120 -6.29 -30.07 15.89
CA ASP C 120 -5.81 -31.43 16.05
C ASP C 120 -4.43 -31.47 15.44
N LYS C 121 -3.43 -31.58 16.30
CA LYS C 121 -2.04 -31.59 15.86
C LYS C 121 -1.70 -32.77 14.95
N GLN C 122 -2.47 -33.84 15.02
CA GLN C 122 -2.30 -34.96 14.08
C GLN C 122 -2.88 -34.68 12.70
N ALA C 123 -4.08 -34.11 12.64
CA ALA C 123 -4.69 -33.77 11.35
C ALA C 123 -3.94 -32.61 10.69
N VAL C 124 -3.55 -31.65 11.52
CA VAL C 124 -2.89 -30.45 11.05
C VAL C 124 -1.51 -30.41 11.70
N PRO C 125 -0.53 -31.15 11.14
CA PRO C 125 0.82 -31.09 11.67
C PRO C 125 1.60 -29.83 11.27
N ASN C 126 1.14 -29.12 10.23
CA ASN C 126 1.89 -27.99 9.66
C ASN C 126 1.04 -26.74 9.40
N GLU C 127 1.70 -25.57 9.47
CA GLU C 127 1.02 -24.28 9.27
C GLU C 127 0.20 -24.42 7.98
N THR C 128 -1.05 -23.98 8.01
CA THR C 128 -1.94 -24.07 6.83
C THR C 128 -3.17 -23.18 6.99
N SER C 129 -3.90 -23.03 5.88
CA SER C 129 -5.24 -22.43 5.88
C SER C 129 -6.25 -23.58 5.79
N LEU C 130 -7.31 -23.49 6.59
CA LEU C 130 -8.33 -24.53 6.62
C LEU C 130 -9.70 -23.92 6.41
N ASN C 131 -10.58 -24.69 5.79
CA ASN C 131 -12.01 -24.42 5.88
C ASN C 131 -12.63 -25.33 6.94
N LEU C 132 -12.94 -24.73 8.08
CA LEU C 132 -13.55 -25.45 9.17
C LEU C 132 -15.00 -25.66 8.83
N THR C 133 -15.51 -26.86 9.06
CA THR C 133 -16.93 -27.13 8.89
C THR C 133 -17.44 -27.80 10.15
N PHE C 134 -18.31 -27.09 10.87
CA PHE C 134 -18.98 -27.57 12.09
C PHE C 134 -20.46 -27.69 11.77
N ALA C 135 -21.15 -28.62 12.41
CA ALA C 135 -22.58 -28.85 12.14
C ALA C 135 -23.41 -28.99 13.41
N THR C 136 -24.71 -28.83 13.26
CA THR C 136 -25.64 -29.13 14.32
C THR C 136 -26.85 -29.84 13.70
N ALA C 137 -26.95 -31.14 13.93
CA ALA C 137 -28.08 -31.93 13.46
C ALA C 137 -28.03 -32.08 11.96
N GLY C 138 -26.83 -31.96 11.39
CA GLY C 138 -26.67 -31.99 9.95
C GLY C 138 -26.69 -30.63 9.27
N LYS C 139 -27.11 -29.59 10.01
CA LYS C 139 -27.11 -28.19 9.53
C LYS C 139 -25.69 -27.58 9.61
N GLU C 140 -24.92 -27.75 8.53
CA GLU C 140 -23.51 -27.37 8.54
C GLU C 140 -23.34 -25.85 8.49
N THR C 141 -22.18 -25.39 8.95
CA THR C 141 -21.71 -24.00 8.81
C THR C 141 -20.24 -24.11 8.54
N SER C 142 -19.64 -23.03 8.03
CA SER C 142 -18.21 -22.99 7.85
C SER C 142 -17.64 -21.63 8.18
N GLN C 143 -16.32 -21.59 8.26
CA GLN C 143 -15.60 -20.36 8.51
C GLN C 143 -14.14 -20.64 8.27
N ASN C 144 -13.49 -19.73 7.57
CA ASN C 144 -12.12 -19.96 7.18
C ASN C 144 -11.19 -19.61 8.31
N VAL C 145 -10.20 -20.46 8.56
CA VAL C 145 -9.13 -20.12 9.48
C VAL C 145 -7.79 -20.50 8.92
N SER C 146 -6.78 -19.78 9.40
CA SER C 146 -5.39 -20.08 9.13
C SER C 146 -4.79 -20.61 10.42
N VAL C 147 -3.84 -21.54 10.29
CA VAL C 147 -3.25 -22.18 11.44
C VAL C 147 -1.79 -21.79 11.63
N ASP C 148 -1.52 -20.90 12.59
CA ASP C 148 -0.15 -20.49 12.88
C ASP C 148 0.41 -21.24 14.09
N TYR C 149 1.50 -21.97 13.82
CA TYR C 149 2.38 -22.51 14.84
C TYR C 149 3.58 -21.58 15.10
N GLN C 150 4.13 -21.78 16.28
CA GLN C 150 5.24 -21.02 16.82
C GLN C 150 6.51 -21.24 16.04
N ASP C 151 7.53 -20.45 16.40
CA ASP C 151 8.84 -20.50 15.76
C ASP C 151 9.92 -20.65 16.83
N PRO C 152 11.02 -21.33 16.49
CA PRO C 152 12.08 -21.53 17.45
C PRO C 152 12.63 -20.21 17.98
N MET C 153 13.38 -20.29 19.07
CA MET C 153 13.98 -19.11 19.72
C MET C 153 15.46 -19.19 19.48
N VAL C 154 16.05 -18.13 18.92
CA VAL C 154 17.42 -18.21 18.43
C VAL C 154 18.39 -17.19 19.01
N HIS C 155 19.52 -17.71 19.50
CA HIS C 155 20.65 -16.91 19.97
C HIS C 155 21.90 -17.40 19.25
N GLY C 156 22.26 -16.68 18.21
CA GLY C 156 23.35 -17.09 17.36
C GLY C 156 23.02 -18.45 16.77
N ASP C 157 23.66 -19.49 17.31
CA ASP C 157 23.49 -20.83 16.81
C ASP C 157 22.47 -21.60 17.64
N SER C 158 22.29 -21.19 18.90
CA SER C 158 21.35 -21.87 19.79
C SER C 158 19.92 -21.62 19.37
N ASN C 159 19.22 -22.68 18.98
CA ASN C 159 17.87 -22.59 18.43
C ASN C 159 16.98 -23.72 18.94
N ILE C 160 15.86 -23.36 19.58
CA ILE C 160 15.05 -24.35 20.27
C ILE C 160 13.57 -23.97 20.35
N GLN C 161 12.73 -24.98 20.52
CA GLN C 161 11.28 -24.82 20.74
C GLN C 161 10.65 -26.06 21.38
N SER C 162 9.56 -25.83 22.11
CA SER C 162 8.87 -26.89 22.83
C SER C 162 7.40 -26.57 23.01
N ILE C 163 6.59 -27.61 23.19
CA ILE C 163 5.21 -27.47 23.69
C ILE C 163 4.86 -28.70 24.49
N PHE C 164 3.80 -28.56 25.29
CA PHE C 164 3.25 -29.70 26.01
C PHE C 164 2.46 -30.55 25.04
N THR C 165 2.31 -31.82 25.34
CA THR C 165 1.72 -32.75 24.38
C THR C 165 0.58 -33.62 24.94
N LYS C 166 0.88 -34.40 25.98
CA LYS C 166 -0.09 -35.28 26.65
C LYS C 166 0.00 -35.04 28.14
N LEU C 167 -1.06 -34.60 28.78
CA LEU C 167 -1.12 -34.57 30.25
C LEU C 167 -1.97 -35.71 30.77
N ASP C 168 -1.61 -36.26 31.92
CA ASP C 168 -2.42 -37.29 32.57
C ASP C 168 -2.82 -36.83 33.95
N GLU C 169 -4.07 -36.41 34.07
CA GLU C 169 -4.64 -35.97 35.35
C GLU C 169 -4.48 -37.08 36.37
N ASN C 170 -4.76 -38.31 35.94
CA ASN C 170 -4.61 -39.49 36.78
C ASN C 170 -3.24 -39.76 37.43
N LYS C 171 -2.23 -39.98 36.60
CA LYS C 171 -0.87 -40.32 37.02
C LYS C 171 -0.09 -39.10 37.50
N GLN C 172 -0.66 -37.91 37.31
CA GLN C 172 -0.03 -36.62 37.67
C GLN C 172 1.17 -36.23 36.80
N THR C 173 1.19 -36.64 35.54
CA THR C 173 2.35 -36.40 34.69
C THR C 173 2.03 -35.63 33.44
N ILE C 174 2.90 -34.69 33.08
CA ILE C 174 2.72 -33.83 31.92
C ILE C 174 3.90 -34.02 30.97
N GLU C 175 3.62 -34.38 29.74
CA GLU C 175 4.68 -34.67 28.78
C GLU C 175 5.02 -33.48 27.90
N GLN C 176 6.30 -33.16 27.79
CA GLN C 176 6.79 -32.08 26.93
C GLN C 176 7.53 -32.63 25.73
N GLN C 177 7.48 -31.91 24.63
CA GLN C 177 8.21 -32.29 23.41
C GLN C 177 9.04 -31.13 22.94
N ILE C 178 10.32 -31.38 22.74
CA ILE C 178 11.28 -30.33 22.51
C ILE C 178 12.06 -30.63 21.26
N TYR C 179 12.11 -29.65 20.37
CA TYR C 179 13.02 -29.69 19.24
C TYR C 179 14.32 -28.99 19.64
N VAL C 180 15.40 -29.77 19.83
CA VAL C 180 16.74 -29.21 20.02
C VAL C 180 17.38 -29.01 18.65
N ASN C 181 17.79 -27.77 18.39
CA ASN C 181 18.39 -27.43 17.11
C ASN C 181 17.57 -28.00 15.95
N PRO C 182 16.35 -27.47 15.74
CA PRO C 182 15.56 -27.86 14.57
C PRO C 182 16.12 -27.28 13.27
N LEU C 183 16.88 -26.19 13.37
CA LEU C 183 17.49 -25.54 12.22
C LEU C 183 18.70 -26.28 11.68
N LYS C 184 19.05 -27.41 12.30
CA LYS C 184 20.15 -28.25 11.85
C LYS C 184 21.49 -27.47 11.73
N LYS C 185 21.70 -26.52 12.64
CA LYS C 185 22.93 -25.68 12.66
C LYS C 185 24.14 -26.40 13.25
N THR C 186 25.35 -25.95 12.89
CA THR C 186 26.58 -26.46 13.52
C THR C 186 26.83 -25.69 14.81
N ALA C 187 26.38 -26.29 15.89
CA ALA C 187 26.42 -25.66 17.21
C ALA C 187 27.48 -26.32 18.07
N THR C 188 28.33 -25.47 18.63
CA THR C 188 29.53 -25.90 19.35
C THR C 188 29.27 -25.96 20.86
N ASN C 189 29.66 -27.09 21.47
CA ASN C 189 29.40 -27.39 22.89
C ASN C 189 27.97 -27.12 23.35
N THR C 190 27.09 -27.99 22.90
CA THR C 190 25.67 -27.82 23.09
C THR C 190 25.27 -28.46 24.41
N LYS C 191 24.57 -27.69 25.23
CA LYS C 191 24.00 -28.22 26.46
C LYS C 191 22.55 -27.76 26.57
N VAL C 192 21.65 -28.68 26.93
CA VAL C 192 20.23 -28.37 27.06
C VAL C 192 19.77 -28.49 28.49
N ASP C 193 19.12 -27.47 29.01
CA ASP C 193 18.46 -27.55 30.33
C ASP C 193 16.93 -27.66 30.25
N ILE C 194 16.35 -28.54 31.06
CA ILE C 194 14.91 -28.57 31.27
C ILE C 194 14.73 -28.12 32.69
N ALA C 195 13.75 -27.25 32.95
CA ALA C 195 13.55 -26.68 34.27
C ALA C 195 12.09 -26.58 34.65
N GLY C 196 11.77 -26.97 35.89
CA GLY C 196 10.41 -26.96 36.43
C GLY C 196 9.91 -25.56 36.76
N SER C 197 10.04 -24.68 35.77
CA SER C 197 9.51 -23.31 35.80
C SER C 197 9.83 -22.68 34.44
N GLN C 198 9.64 -21.37 34.30
CA GLN C 198 9.92 -20.76 33.00
C GLN C 198 11.38 -20.34 32.80
N VAL C 199 11.80 -20.42 31.54
CA VAL C 199 13.10 -19.96 31.06
C VAL C 199 12.89 -18.81 30.07
N ASP C 200 13.28 -17.58 30.44
CA ASP C 200 13.19 -16.44 29.51
C ASP C 200 13.98 -16.70 28.24
N ASP C 201 13.68 -15.93 27.19
CA ASP C 201 14.21 -16.22 25.85
C ASP C 201 15.71 -16.54 25.87
N TYR C 202 16.45 -15.75 26.64
CA TYR C 202 17.93 -15.80 26.63
C TYR C 202 18.50 -16.67 27.72
N GLY C 203 17.70 -17.08 28.72
CA GLY C 203 18.17 -18.14 29.63
C GLY C 203 17.69 -18.27 31.07
N ASN C 204 17.58 -17.15 31.79
CA ASN C 204 17.40 -17.21 33.25
C ASN C 204 16.04 -17.78 33.65
N ILE C 205 16.09 -18.67 34.62
CA ILE C 205 14.91 -19.23 35.29
C ILE C 205 14.01 -18.11 35.86
N LYS C 206 12.80 -18.00 35.33
CA LYS C 206 11.76 -17.19 35.97
C LYS C 206 10.90 -18.14 36.79
N LEU C 207 10.72 -17.79 38.05
CA LEU C 207 9.87 -18.52 38.97
C LEU C 207 8.61 -17.69 39.26
N GLY C 208 7.51 -18.34 39.65
CA GLY C 208 6.26 -17.64 40.00
C GLY C 208 5.08 -17.77 39.05
N ASN C 209 5.34 -18.41 37.91
CA ASN C 209 4.30 -18.62 36.89
C ASN C 209 4.00 -20.11 36.77
N GLY C 210 4.47 -20.90 37.73
CA GLY C 210 4.17 -22.32 37.77
C GLY C 210 5.43 -23.13 37.91
N SER C 211 5.28 -24.45 37.79
CA SER C 211 6.38 -25.38 38.15
C SER C 211 6.13 -26.81 37.76
N THR C 212 7.17 -27.63 37.84
CA THR C 212 7.00 -29.08 37.80
C THR C 212 7.98 -29.77 38.76
N ILE C 213 8.02 -31.09 38.67
CA ILE C 213 9.02 -31.89 39.36
C ILE C 213 9.99 -32.41 38.29
N ILE C 214 11.28 -32.24 38.54
CA ILE C 214 12.33 -32.77 37.68
C ILE C 214 13.47 -33.39 38.50
N ASP C 215 13.66 -34.70 38.34
CA ASP C 215 14.67 -35.45 39.08
C ASP C 215 14.99 -36.77 38.35
N GLN C 216 15.76 -37.65 38.98
CA GLN C 216 16.04 -38.99 38.44
C GLN C 216 14.76 -39.73 38.02
N ASN C 217 13.65 -39.43 38.69
CA ASN C 217 12.34 -40.02 38.38
C ASN C 217 11.57 -39.18 37.35
N THR C 218 12.27 -38.76 36.29
CA THR C 218 11.70 -37.98 35.20
C THR C 218 12.08 -38.65 33.89
N GLU C 219 11.14 -39.33 33.23
CA GLU C 219 11.42 -40.02 31.97
C GLU C 219 11.85 -39.04 30.88
N MET C 220 12.81 -39.44 30.05
CA MET C 220 13.37 -38.60 28.98
C MET C 220 13.98 -39.45 27.84
N LYS C 221 13.42 -39.34 26.65
CA LYS C 221 13.90 -40.12 25.54
C LYS C 221 14.37 -39.13 24.49
N VAL C 222 15.56 -39.36 23.95
CA VAL C 222 16.13 -38.48 22.94
C VAL C 222 16.14 -39.18 21.59
N TYR C 223 15.83 -38.42 20.53
CA TYR C 223 15.81 -38.93 19.16
C TYR C 223 16.66 -38.04 18.25
N LYS C 224 17.34 -38.64 17.26
CA LYS C 224 18.15 -37.89 16.28
C LYS C 224 17.47 -37.83 14.91
N VAL C 225 17.49 -36.65 14.32
CA VAL C 225 16.83 -36.38 13.05
C VAL C 225 17.85 -36.33 11.92
N ASN C 226 17.58 -37.09 10.86
CA ASN C 226 18.41 -37.09 9.67
C ASN C 226 18.22 -35.82 8.89
N PRO C 227 19.29 -35.35 8.23
CA PRO C 227 19.21 -34.12 7.44
C PRO C 227 18.11 -34.24 6.38
N ASN C 228 17.85 -35.46 5.94
CA ASN C 228 16.77 -35.69 4.99
C ASN C 228 15.41 -35.36 5.57
N GLN C 229 15.20 -35.69 6.84
CA GLN C 229 13.91 -35.52 7.52
C GLN C 229 13.52 -34.08 7.82
N GLN C 230 12.22 -33.80 7.74
CA GLN C 230 11.68 -32.53 8.22
C GLN C 230 10.64 -32.77 9.33
N LEU C 231 10.79 -32.06 10.45
CA LEU C 231 9.93 -32.22 11.64
C LEU C 231 8.61 -31.47 11.50
N PRO C 232 7.52 -32.04 12.01
CA PRO C 232 6.24 -31.32 11.95
C PRO C 232 6.30 -30.02 12.73
N GLN C 233 5.63 -29.01 12.19
CA GLN C 233 5.59 -27.68 12.80
C GLN C 233 4.69 -27.64 14.03
N SER C 234 3.79 -28.62 14.14
CA SER C 234 2.86 -28.69 15.25
C SER C 234 3.61 -28.80 16.55
N ASN C 235 4.81 -29.32 16.46
CA ASN C 235 5.68 -29.52 17.63
C ASN C 235 5.21 -30.71 18.44
N ARG C 236 4.56 -31.65 17.77
CA ARG C 236 4.10 -32.87 18.41
C ARG C 236 4.19 -34.03 17.42
N ILE C 237 5.26 -34.82 17.59
CA ILE C 237 5.45 -36.06 16.85
C ILE C 237 4.39 -37.05 17.32
N TYR C 238 3.94 -37.93 16.42
CA TYR C 238 3.04 -39.02 16.81
C TYR C 238 3.66 -40.40 16.60
N ASP C 239 4.62 -40.50 15.69
CA ASP C 239 5.24 -41.78 15.35
C ASP C 239 6.78 -41.78 15.33
N PHE C 240 7.36 -42.18 16.46
CA PHE C 240 8.82 -42.18 16.66
C PHE C 240 9.51 -43.38 16.01
N SER C 241 8.74 -44.24 15.34
CA SER C 241 9.30 -45.34 14.56
C SER C 241 10.43 -44.78 13.73
N GLN C 242 10.12 -43.88 12.80
CA GLN C 242 11.16 -43.31 11.95
C GLN C 242 11.93 -42.15 12.62
N TYR C 243 12.57 -42.47 13.74
CA TYR C 243 13.53 -41.59 14.35
C TYR C 243 14.55 -42.39 15.13
N GLU C 244 15.84 -42.10 14.88
CA GLU C 244 16.97 -42.77 15.56
C GLU C 244 16.89 -42.46 17.06
N ASP C 245 16.69 -43.49 17.88
CA ASP C 245 16.72 -43.33 19.35
C ASP C 245 18.15 -43.35 19.88
N VAL C 246 18.51 -42.28 20.59
CA VAL C 246 19.87 -42.11 21.08
C VAL C 246 19.85 -41.77 22.56
N THR C 247 18.90 -42.35 23.28
CA THR C 247 18.68 -42.03 24.69
C THR C 247 19.80 -42.54 25.61
N SER C 248 20.32 -43.72 25.30
CA SER C 248 21.27 -44.38 26.19
C SER C 248 22.59 -43.62 26.31
N GLN C 249 22.92 -42.85 25.27
CA GLN C 249 24.12 -42.02 25.26
C GLN C 249 24.04 -41.01 26.39
N PHE C 250 22.84 -40.48 26.58
CA PHE C 250 22.58 -39.43 27.55
C PHE C 250 22.27 -40.04 28.91
N ASP C 251 22.08 -41.36 28.94
CA ASP C 251 22.01 -42.14 30.18
C ASP C 251 23.30 -41.92 30.99
N ASN C 252 24.41 -41.82 30.27
CA ASN C 252 25.73 -41.52 30.87
C ASN C 252 26.11 -40.04 30.82
N LYS C 253 25.19 -39.20 30.33
CA LYS C 253 25.38 -37.74 30.22
C LYS C 253 24.40 -36.93 31.11
N LYS C 254 23.53 -37.62 31.84
CA LYS C 254 22.46 -36.98 32.63
C LYS C 254 22.99 -36.18 33.82
N SER C 255 23.09 -34.86 33.66
CA SER C 255 23.35 -33.94 34.78
C SER C 255 22.02 -33.64 35.45
N PHE C 256 22.08 -33.18 36.69
CA PHE C 256 20.83 -32.97 37.45
C PHE C 256 20.96 -32.14 38.71
N SER C 257 20.16 -31.09 38.84
CA SER C 257 20.10 -30.36 40.10
C SER C 257 19.10 -29.21 40.13
N ASN C 258 18.29 -29.18 41.19
CA ASN C 258 17.37 -28.07 41.46
C ASN C 258 16.24 -27.93 40.44
N ASN C 259 15.50 -29.03 40.25
CA ASN C 259 14.42 -29.11 39.30
C ASN C 259 14.92 -28.90 37.86
N VAL C 260 16.23 -29.05 37.65
CA VAL C 260 16.85 -28.82 36.36
C VAL C 260 17.67 -30.00 35.88
N ALA C 261 17.30 -30.57 34.74
CA ALA C 261 18.12 -31.58 34.08
C ALA C 261 18.97 -30.85 33.06
N THR C 262 20.20 -31.31 32.83
CA THR C 262 21.07 -30.76 31.79
C THR C 262 21.60 -31.88 30.92
N LEU C 263 21.41 -31.79 29.61
CA LEU C 263 21.89 -32.81 28.70
C LEU C 263 23.17 -32.36 28.02
N ASP C 264 24.08 -33.32 27.80
CA ASP C 264 25.39 -33.05 27.19
C ASP C 264 25.47 -33.70 25.83
N PHE C 265 25.00 -33.00 24.82
CA PHE C 265 25.02 -33.54 23.46
C PHE C 265 26.44 -33.63 22.94
N GLY C 266 27.19 -32.57 23.20
CA GLY C 266 28.49 -32.35 22.58
C GLY C 266 28.28 -31.41 21.42
N ASP C 267 29.27 -31.35 20.54
CA ASP C 267 29.14 -30.57 19.33
C ASP C 267 28.29 -31.39 18.39
N ILE C 268 27.25 -30.77 17.87
CA ILE C 268 26.35 -31.46 16.96
C ILE C 268 26.11 -30.65 15.69
N ASN C 269 25.41 -31.29 14.76
CA ASN C 269 25.03 -30.68 13.49
C ASN C 269 23.60 -31.04 13.01
N SER C 270 22.99 -32.08 13.61
CA SER C 270 21.64 -32.52 13.25
C SER C 270 20.59 -32.01 14.21
N ALA C 271 19.33 -32.25 13.88
CA ALA C 271 18.21 -31.87 14.73
C ALA C 271 17.91 -32.98 15.72
N TYR C 272 17.41 -32.61 16.88
CA TYR C 272 17.11 -33.59 17.92
C TYR C 272 15.74 -33.32 18.55
N ILE C 273 15.11 -34.41 18.98
CA ILE C 273 13.81 -34.39 19.66
C ILE C 273 14.00 -34.94 21.05
N ILE C 274 13.41 -34.28 22.04
CA ILE C 274 13.39 -34.78 23.41
C ILE C 274 11.95 -34.95 23.87
N LYS C 275 11.64 -36.08 24.51
CA LYS C 275 10.31 -36.33 25.03
C LYS C 275 10.36 -36.47 26.55
N VAL C 276 10.01 -35.39 27.22
CA VAL C 276 10.12 -35.27 28.67
C VAL C 276 8.80 -35.44 29.38
N VAL C 277 8.62 -36.58 30.04
CA VAL C 277 7.48 -36.79 30.92
C VAL C 277 7.92 -36.51 32.34
N SER C 278 7.23 -35.56 32.98
CA SER C 278 7.63 -35.05 34.28
C SER C 278 6.44 -35.02 35.19
N LYS C 279 6.66 -35.23 36.48
CA LYS C 279 5.56 -35.20 37.45
C LYS C 279 5.23 -33.73 37.69
N TYR C 280 4.04 -33.48 38.22
CA TYR C 280 3.65 -32.13 38.63
C TYR C 280 2.85 -32.26 39.90
N THR C 281 2.63 -31.14 40.57
CA THR C 281 2.08 -31.14 41.91
C THR C 281 0.75 -30.42 41.96
N PRO C 282 -0.31 -31.14 42.31
CA PRO C 282 -1.64 -30.57 42.24
C PRO C 282 -1.82 -29.47 43.22
N THR C 283 -2.76 -28.58 42.92
CA THR C 283 -2.94 -27.40 43.74
C THR C 283 -4.22 -27.55 44.50
N SER C 284 -4.27 -26.91 45.64
CA SER C 284 -5.45 -26.90 46.50
C SER C 284 -6.60 -26.13 45.86
N ASP C 285 -6.26 -25.07 45.14
CA ASP C 285 -7.26 -24.27 44.43
C ASP C 285 -7.84 -25.09 43.25
N GLY C 286 -7.25 -26.25 42.98
CA GLY C 286 -7.75 -27.19 41.98
C GLY C 286 -7.42 -26.78 40.55
N GLU C 287 -6.82 -25.60 40.41
CA GLU C 287 -6.50 -25.01 39.10
C GLU C 287 -5.07 -25.37 38.74
N LEU C 288 -4.90 -26.15 37.67
CA LEU C 288 -3.58 -26.54 37.18
C LEU C 288 -2.65 -25.33 37.10
N ASP C 289 -1.40 -25.55 37.48
CA ASP C 289 -0.44 -24.48 37.62
C ASP C 289 0.90 -25.00 37.14
N ILE C 290 0.86 -25.57 35.95
CA ILE C 290 1.98 -26.26 35.37
C ILE C 290 2.75 -25.30 34.48
N ALA C 291 4.04 -25.16 34.76
CA ALA C 291 4.95 -24.39 33.94
C ALA C 291 6.27 -25.17 33.83
N GLN C 292 6.75 -25.39 32.62
CA GLN C 292 8.03 -26.08 32.40
C GLN C 292 8.82 -25.51 31.22
N GLY C 293 9.93 -24.82 31.51
CA GLY C 293 10.77 -24.18 30.50
C GLY C 293 12.05 -24.94 30.20
N THR C 294 12.67 -24.64 29.05
CA THR C 294 13.94 -25.25 28.65
C THR C 294 14.91 -24.22 28.09
N SER C 295 16.11 -24.68 27.74
CA SER C 295 17.18 -23.81 27.25
C SER C 295 18.27 -24.62 26.54
N MET C 296 18.66 -24.18 25.34
CA MET C 296 19.82 -24.71 24.63
C MET C 296 20.95 -23.70 24.76
N ARG C 297 22.11 -24.17 25.20
CA ARG C 297 23.31 -23.32 25.32
C ARG C 297 24.44 -23.82 24.45
N THR C 298 24.99 -22.92 23.63
CA THR C 298 26.17 -23.20 22.82
C THR C 298 27.26 -22.15 22.99
N THR C 299 28.37 -22.36 22.31
CA THR C 299 29.60 -21.65 22.61
C THR C 299 29.92 -20.71 21.46
N ASP C 300 29.76 -19.41 21.73
CA ASP C 300 29.93 -18.38 20.67
C ASP C 300 31.05 -18.68 19.66
N TYR C 305 29.34 -17.67 25.67
CA TYR C 305 28.17 -18.55 25.82
C TYR C 305 26.86 -18.00 25.24
N ASN C 306 26.08 -18.90 24.63
CA ASN C 306 24.79 -18.54 24.00
C ASN C 306 23.59 -19.42 24.39
N TYR C 307 22.76 -18.90 25.31
CA TYR C 307 21.56 -19.56 25.83
C TYR C 307 20.30 -19.21 25.03
N ALA C 308 19.43 -20.17 24.77
CA ALA C 308 18.18 -19.95 24.00
C ALA C 308 16.96 -20.56 24.68
N GLY C 309 16.23 -19.74 25.43
CA GLY C 309 15.10 -20.22 26.25
C GLY C 309 13.73 -20.40 25.61
N TYR C 310 12.91 -21.22 26.25
CA TYR C 310 11.57 -21.53 25.79
C TYR C 310 10.78 -22.08 26.95
N SER C 311 9.47 -21.80 27.00
CA SER C 311 8.67 -22.15 28.18
C SER C 311 7.21 -22.44 27.81
N ASN C 312 6.66 -23.53 28.34
CA ASN C 312 5.27 -23.90 28.06
C ASN C 312 4.35 -23.80 29.27
N PHE C 313 3.11 -23.36 29.04
CA PHE C 313 2.10 -23.36 30.10
C PHE C 313 0.83 -24.01 29.63
N ILE C 314 -0.14 -24.15 30.52
CA ILE C 314 -1.39 -24.88 30.24
C ILE C 314 -2.50 -23.89 30.03
N VAL C 315 -3.38 -24.20 29.07
CA VAL C 315 -4.56 -23.41 28.77
C VAL C 315 -5.79 -24.29 28.94
N THR C 316 -6.80 -23.71 29.58
CA THR C 316 -7.99 -24.44 29.92
C THR C 316 -9.12 -23.82 29.18
N SER C 317 -9.95 -24.67 28.58
CA SER C 317 -11.26 -24.27 28.10
C SER C 317 -12.24 -25.21 28.75
N ASN C 318 -13.53 -24.87 28.71
CA ASN C 318 -14.57 -25.80 29.12
C ASN C 318 -15.95 -25.41 28.64
N ASP C 319 -16.57 -26.40 27.99
CA ASP C 319 -17.86 -26.27 27.37
C ASP C 319 -18.89 -25.83 28.41
N THR C 320 -19.95 -25.20 27.92
CA THR C 320 -21.06 -24.81 28.76
C THR C 320 -22.31 -25.06 27.96
N GLY C 321 -23.33 -25.64 28.60
CA GLY C 321 -24.54 -26.03 27.89
C GLY C 321 -25.73 -26.41 28.76
N GLY C 322 -26.72 -25.52 28.78
CA GLY C 322 -27.99 -25.82 29.42
C GLY C 322 -29.09 -26.03 28.39
N GLY C 323 -30.24 -26.45 28.88
CA GLY C 323 -31.47 -26.50 28.08
C GLY C 323 -32.67 -26.18 28.93
N ASP C 324 -33.83 -25.96 28.30
CA ASP C 324 -35.08 -25.79 29.03
C ASP C 324 -36.32 -25.93 28.15
N GLY C 325 -37.46 -26.00 28.82
CA GLY C 325 -38.74 -25.99 28.16
C GLY C 325 -39.93 -25.99 29.11
N THR C 326 -41.07 -26.30 28.52
CA THR C 326 -42.36 -26.23 29.16
C THR C 326 -42.68 -27.57 29.83
N VAL C 327 -43.27 -27.48 31.01
CA VAL C 327 -43.85 -28.65 31.67
C VAL C 327 -45.20 -29.00 31.03
N LYS C 328 -45.41 -30.30 30.79
CA LYS C 328 -46.64 -30.79 30.17
C LYS C 328 -47.74 -30.99 31.22
N PRO C 329 -49.00 -31.27 30.78
CA PRO C 329 -50.02 -31.50 31.83
C PRO C 329 -49.68 -32.68 32.77
N ASN D 4 1.24 -15.88 -9.78
CA ASN D 4 0.42 -14.62 -9.86
C ASN D 4 0.07 -14.16 -11.30
N ASN D 5 0.78 -14.72 -12.27
CA ASN D 5 0.55 -14.47 -13.70
C ASN D 5 -0.67 -15.23 -14.22
N VAL D 6 -1.70 -14.50 -14.62
CA VAL D 6 -2.99 -15.08 -15.03
C VAL D 6 -3.18 -15.09 -16.55
N ASN D 7 -2.15 -15.47 -17.27
CA ASN D 7 -2.20 -15.51 -18.73
C ASN D 7 -3.34 -16.38 -19.23
N ASP D 8 -3.31 -17.65 -18.81
CA ASP D 8 -4.34 -18.63 -19.18
C ASP D 8 -5.75 -18.23 -18.76
N LEU D 9 -5.90 -17.29 -17.85
CA LEU D 9 -7.21 -16.74 -17.51
C LEU D 9 -7.69 -15.71 -18.55
N ILE D 10 -6.80 -15.33 -19.44
CA ILE D 10 -7.11 -14.37 -20.51
C ILE D 10 -7.43 -15.07 -21.82
N THR D 11 -8.70 -15.01 -22.21
CA THR D 11 -9.14 -15.60 -23.47
C THR D 11 -9.08 -14.55 -24.59
N VAL D 12 -8.30 -14.85 -25.62
CA VAL D 12 -8.02 -13.92 -26.72
C VAL D 12 -9.06 -13.97 -27.83
N THR D 13 -9.54 -12.80 -28.21
CA THR D 13 -10.70 -12.68 -29.06
C THR D 13 -10.34 -12.37 -30.51
N LYS D 14 -9.43 -11.41 -30.69
CA LYS D 14 -8.84 -11.16 -32.00
C LYS D 14 -7.35 -10.87 -31.79
N GLN D 15 -6.57 -11.07 -32.82
CA GLN D 15 -5.17 -10.77 -32.76
C GLN D 15 -4.52 -10.81 -34.12
N THR D 16 -4.72 -9.71 -34.83
CA THR D 16 -4.20 -9.49 -36.18
C THR D 16 -2.85 -8.77 -36.12
N ILE D 17 -1.98 -9.12 -37.07
CA ILE D 17 -0.75 -8.40 -37.38
C ILE D 17 -0.88 -7.72 -38.75
N LYS D 18 -1.37 -6.49 -38.81
CA LYS D 18 -1.31 -5.73 -40.05
C LYS D 18 0.07 -5.05 -40.25
N VAL D 19 0.43 -4.79 -41.50
CA VAL D 19 1.60 -3.97 -41.84
C VAL D 19 1.08 -2.78 -42.64
N GLY D 20 1.28 -1.57 -42.11
CA GLY D 20 0.77 -0.35 -42.76
C GLY D 20 -0.70 -0.37 -43.19
N ASP D 24 0.19 -6.00 -48.11
CA ASP D 24 1.28 -6.51 -48.92
C ASP D 24 2.32 -7.45 -48.22
N ASN D 25 2.34 -7.51 -46.89
CA ASN D 25 3.34 -8.29 -46.13
C ASN D 25 4.76 -7.81 -46.44
N VAL D 26 4.87 -6.50 -46.66
CA VAL D 26 6.17 -5.87 -46.94
C VAL D 26 6.39 -4.71 -45.96
N ALA D 27 7.49 -4.79 -45.21
CA ALA D 27 7.85 -3.78 -44.21
C ALA D 27 8.92 -2.84 -44.76
N ALA D 28 8.48 -1.85 -45.53
CA ALA D 28 9.38 -0.88 -46.13
C ALA D 28 9.84 0.06 -45.01
N ALA D 29 10.86 -0.38 -44.27
CA ALA D 29 11.28 0.31 -43.04
C ALA D 29 11.62 1.78 -43.25
N HIS D 30 12.27 2.10 -44.36
CA HIS D 30 12.68 3.46 -44.64
C HIS D 30 11.60 4.18 -45.42
N ASP D 31 10.41 3.60 -45.51
CA ASP D 31 9.21 4.38 -45.84
C ASP D 31 8.50 4.70 -44.53
N GLY D 32 9.03 4.15 -43.45
CA GLY D 32 8.46 4.37 -42.13
C GLY D 32 7.13 3.69 -42.01
N LYS D 33 7.07 2.46 -42.53
CA LYS D 33 5.88 1.63 -42.39
C LYS D 33 5.76 1.03 -40.98
N ASP D 34 4.57 1.15 -40.41
CA ASP D 34 4.32 0.67 -39.05
C ASP D 34 3.81 -0.75 -39.08
N ILE D 35 4.10 -1.49 -38.01
CA ILE D 35 3.60 -2.83 -37.88
C ILE D 35 2.62 -2.85 -36.75
N GLU D 36 1.36 -2.96 -37.10
CA GLU D 36 0.25 -2.94 -36.17
C GLU D 36 -0.17 -4.33 -35.67
N TYR D 37 -0.59 -4.40 -34.41
CA TYR D 37 -1.00 -5.63 -33.75
C TYR D 37 -2.24 -5.33 -32.97
N ASP D 38 -3.40 -5.58 -33.57
CA ASP D 38 -4.70 -5.22 -32.97
C ASP D 38 -5.26 -6.41 -32.26
N THR D 39 -5.41 -6.32 -30.94
CA THR D 39 -5.74 -7.45 -30.08
C THR D 39 -6.94 -7.14 -29.25
N GLU D 40 -7.81 -8.14 -29.10
CA GLU D 40 -8.90 -8.12 -28.10
C GLU D 40 -8.86 -9.37 -27.24
N PHE D 41 -9.38 -9.24 -26.02
CA PHE D 41 -9.43 -10.37 -25.10
C PHE D 41 -10.48 -10.22 -24.00
N THR D 42 -10.82 -11.38 -23.42
CA THR D 42 -11.74 -11.44 -22.30
C THR D 42 -10.94 -11.75 -21.06
N ILE D 43 -11.20 -10.93 -20.04
CA ILE D 43 -10.63 -11.14 -18.71
C ILE D 43 -11.66 -11.83 -17.85
N ASP D 44 -11.26 -12.93 -17.24
CA ASP D 44 -12.12 -13.67 -16.35
C ASP D 44 -12.29 -12.94 -15.02
N ASN D 45 -13.46 -13.08 -14.38
CA ASN D 45 -13.70 -12.36 -13.12
C ASN D 45 -12.80 -12.77 -11.96
N LYS D 46 -12.27 -14.00 -12.05
CA LYS D 46 -11.34 -14.54 -11.06
C LYS D 46 -10.09 -13.67 -10.93
N VAL D 47 -9.85 -12.80 -11.90
CA VAL D 47 -8.73 -11.87 -11.83
C VAL D 47 -8.91 -10.88 -10.69
N LYS D 48 -7.92 -10.92 -9.79
CA LYS D 48 -7.84 -10.03 -8.64
C LYS D 48 -6.80 -8.95 -8.99
N LYS D 49 -6.90 -7.81 -8.32
CA LYS D 49 -5.91 -6.75 -8.48
C LYS D 49 -4.50 -7.28 -8.22
N GLY D 50 -3.51 -6.73 -8.92
CA GLY D 50 -2.12 -7.12 -8.74
C GLY D 50 -1.72 -8.34 -9.55
N ASP D 51 -2.67 -8.93 -10.26
CA ASP D 51 -2.36 -10.03 -11.17
C ASP D 51 -1.64 -9.48 -12.39
N THR D 52 -0.93 -10.35 -13.09
CA THR D 52 -0.20 -9.96 -14.29
C THR D 52 -0.48 -10.82 -15.52
N MET D 53 -0.74 -10.16 -16.65
CA MET D 53 -0.78 -10.83 -17.95
C MET D 53 0.30 -10.24 -18.87
N THR D 54 0.60 -10.94 -19.94
CA THR D 54 1.60 -10.45 -20.87
C THR D 54 1.10 -10.40 -22.30
N ILE D 55 1.79 -9.58 -23.07
CA ILE D 55 1.66 -9.47 -24.49
C ILE D 55 3.10 -9.40 -24.93
N ASN D 56 3.52 -10.17 -25.92
CA ASN D 56 4.84 -9.94 -26.51
C ASN D 56 4.79 -9.54 -27.95
N TYR D 57 5.68 -8.62 -28.31
CA TYR D 57 5.93 -8.23 -29.69
C TYR D 57 6.84 -9.27 -30.26
N ASP D 58 7.03 -9.24 -31.58
CA ASP D 58 8.07 -10.05 -32.19
C ASP D 58 9.43 -9.51 -31.77
N LYS D 59 10.38 -10.42 -31.61
CA LYS D 59 11.72 -10.08 -31.12
C LYS D 59 12.51 -9.16 -32.07
N ASN D 60 12.02 -9.05 -33.30
CA ASN D 60 12.69 -8.25 -34.32
C ASN D 60 11.98 -6.94 -34.64
N VAL D 61 11.07 -6.50 -33.79
CA VAL D 61 10.59 -5.13 -33.87
C VAL D 61 10.79 -4.39 -32.57
N ILE D 62 10.57 -3.07 -32.65
CA ILE D 62 10.73 -2.19 -31.51
C ILE D 62 9.59 -1.18 -31.57
N PRO D 63 8.94 -0.93 -30.43
CA PRO D 63 7.76 -0.08 -30.37
C PRO D 63 8.00 1.41 -30.67
N SER D 64 9.27 1.80 -30.69
CA SER D 64 9.67 3.14 -31.08
C SER D 64 11.06 3.11 -31.75
N ASP D 65 11.14 3.71 -32.94
CA ASP D 65 12.29 3.58 -33.79
C ASP D 65 13.37 4.53 -33.34
N LEU D 66 13.03 5.81 -33.26
CA LEU D 66 14.05 6.82 -32.92
C LEU D 66 13.75 7.51 -31.58
N THR D 67 13.14 6.77 -30.67
CA THR D 67 13.09 7.16 -29.27
C THR D 67 13.27 5.91 -28.43
N ASP D 68 13.63 6.16 -27.17
CA ASP D 68 13.70 5.12 -26.15
C ASP D 68 12.48 5.24 -25.26
N LYS D 69 11.68 6.28 -25.50
CA LYS D 69 10.41 6.47 -24.80
C LYS D 69 9.34 5.48 -25.31
N ASN D 70 9.65 4.19 -25.27
CA ASN D 70 8.67 3.16 -25.68
C ASN D 70 8.10 2.27 -24.55
N ASP D 71 7.33 2.91 -23.69
CA ASP D 71 6.61 2.26 -22.60
C ASP D 71 5.16 2.07 -23.01
N PRO D 72 4.50 1.06 -22.45
CA PRO D 72 3.22 0.64 -22.99
C PRO D 72 2.07 1.46 -22.47
N ILE D 73 1.13 1.79 -23.33
CA ILE D 73 -0.03 2.60 -22.96
C ILE D 73 -0.78 1.88 -21.84
N ASP D 74 -1.52 2.62 -21.04
CA ASP D 74 -2.33 1.97 -20.02
C ASP D 74 -3.80 1.92 -20.40
N ILE D 75 -4.43 0.82 -20.00
CA ILE D 75 -5.75 0.46 -20.42
C ILE D 75 -6.75 1.11 -19.49
N THR D 76 -7.69 1.85 -20.08
CA THR D 76 -8.71 2.53 -19.28
C THR D 76 -10.13 2.31 -19.80
N ASP D 77 -11.10 2.48 -18.91
CA ASP D 77 -12.48 2.31 -19.28
C ASP D 77 -13.00 3.65 -19.80
N PRO D 78 -14.14 3.65 -20.54
CA PRO D 78 -14.61 4.82 -21.28
C PRO D 78 -14.54 6.12 -20.52
N SER D 79 -15.03 6.14 -19.29
CA SER D 79 -15.01 7.35 -18.47
C SER D 79 -13.57 7.74 -18.16
N GLY D 80 -12.73 6.72 -17.96
CA GLY D 80 -11.28 6.92 -17.83
C GLY D 80 -10.56 6.31 -16.63
N GLU D 81 -11.21 5.41 -15.90
CA GLU D 81 -10.54 4.74 -14.77
C GLU D 81 -9.58 3.69 -15.33
N VAL D 82 -8.42 3.52 -14.68
CA VAL D 82 -7.40 2.63 -15.19
C VAL D 82 -7.63 1.18 -14.82
N ILE D 83 -7.62 0.32 -15.82
CA ILE D 83 -7.81 -1.12 -15.64
C ILE D 83 -6.49 -1.83 -15.41
N ALA D 84 -5.45 -1.46 -16.18
CA ALA D 84 -4.14 -2.08 -16.00
C ALA D 84 -2.98 -1.24 -16.53
N LYS D 85 -2.04 -0.85 -15.67
CA LYS D 85 -0.81 -0.17 -16.09
C LYS D 85 0.21 -1.23 -16.44
N GLY D 86 0.98 -0.97 -17.48
CA GLY D 86 1.92 -1.96 -17.98
C GLY D 86 3.34 -1.47 -18.01
N THR D 87 4.29 -2.40 -17.93
CA THR D 87 5.71 -2.09 -18.06
C THR D 87 6.31 -2.91 -19.21
N PHE D 88 6.96 -2.25 -20.16
CA PHE D 88 7.60 -2.92 -21.31
C PHE D 88 9.07 -3.28 -21.03
N ASP D 89 9.46 -4.53 -21.24
CA ASP D 89 10.86 -4.95 -21.08
C ASP D 89 11.60 -5.03 -22.42
N LYS D 90 12.52 -4.10 -22.63
CA LYS D 90 13.19 -3.92 -23.94
C LYS D 90 13.99 -5.12 -24.40
N ALA D 91 14.51 -5.88 -23.45
CA ALA D 91 15.34 -7.03 -23.75
C ALA D 91 14.48 -8.18 -24.24
N THR D 92 13.47 -8.53 -23.45
CA THR D 92 12.56 -9.62 -23.81
C THR D 92 11.41 -9.16 -24.73
N LYS D 93 11.36 -7.86 -25.05
CA LYS D 93 10.32 -7.29 -25.92
C LYS D 93 8.92 -7.74 -25.53
N GLN D 94 8.60 -7.63 -24.25
CA GLN D 94 7.37 -8.15 -23.72
C GLN D 94 6.78 -7.23 -22.69
N ILE D 95 5.59 -6.71 -22.98
CA ILE D 95 4.83 -5.93 -22.02
C ILE D 95 4.29 -6.81 -20.92
N THR D 96 4.25 -6.31 -19.68
CA THR D 96 3.66 -7.05 -18.56
C THR D 96 2.67 -6.16 -17.85
N TYR D 97 1.41 -6.29 -18.22
CA TYR D 97 0.33 -5.54 -17.60
C TYR D 97 -0.02 -6.10 -16.23
N THR D 98 -0.40 -5.19 -15.34
CA THR D 98 -0.79 -5.46 -13.96
C THR D 98 -2.14 -4.86 -13.78
N PHE D 99 -3.08 -5.58 -13.21
CA PHE D 99 -4.43 -5.06 -13.12
C PHE D 99 -4.61 -4.20 -11.87
N THR D 100 -5.31 -3.07 -12.02
CA THR D 100 -5.61 -2.24 -10.88
C THR D 100 -6.72 -2.90 -10.09
N ASP D 101 -7.32 -2.14 -9.18
CA ASP D 101 -8.48 -2.58 -8.40
C ASP D 101 -9.77 -2.63 -9.22
N TYR D 102 -9.73 -2.14 -10.47
CA TYR D 102 -10.88 -2.22 -11.37
C TYR D 102 -11.40 -3.66 -11.47
N VAL D 103 -10.49 -4.63 -11.55
CA VAL D 103 -10.87 -6.03 -11.82
C VAL D 103 -11.71 -6.72 -10.74
N ASP D 104 -11.85 -6.05 -9.61
CA ASP D 104 -12.65 -6.52 -8.49
C ASP D 104 -13.92 -5.70 -8.39
N LYS D 105 -13.82 -4.38 -8.60
CA LYS D 105 -14.98 -3.49 -8.59
C LYS D 105 -15.83 -3.68 -9.86
N TYR D 106 -15.31 -4.45 -10.81
CA TYR D 106 -16.01 -4.72 -12.07
C TYR D 106 -15.91 -6.17 -12.48
N GLU D 107 -16.89 -6.56 -13.30
CA GLU D 107 -17.03 -7.91 -13.81
C GLU D 107 -17.34 -7.80 -15.31
N ASP D 108 -17.15 -8.90 -16.05
CA ASP D 108 -17.45 -8.97 -17.48
C ASP D 108 -16.56 -7.97 -18.22
N ILE D 109 -15.27 -8.25 -18.19
CA ILE D 109 -14.26 -7.28 -18.64
C ILE D 109 -13.56 -7.70 -19.92
N LYS D 110 -13.99 -7.11 -21.04
CA LYS D 110 -13.29 -7.27 -22.32
C LYS D 110 -12.50 -6.00 -22.59
N ALA D 111 -11.33 -6.14 -23.22
CA ALA D 111 -10.49 -4.98 -23.53
C ALA D 111 -9.84 -5.15 -24.89
N ARG D 112 -9.58 -4.00 -25.53
CA ARG D 112 -8.95 -3.97 -26.87
C ARG D 112 -7.69 -3.15 -26.88
N LEU D 113 -6.71 -3.67 -27.59
CA LEU D 113 -5.42 -3.01 -27.73
C LEU D 113 -5.05 -2.93 -29.18
N THR D 114 -4.41 -1.84 -29.56
CA THR D 114 -3.85 -1.69 -30.89
C THR D 114 -2.44 -1.17 -30.69
N LEU D 115 -1.47 -2.03 -30.95
CA LEU D 115 -0.07 -1.74 -30.69
C LEU D 115 0.83 -1.74 -31.93
N TYR D 116 1.29 -0.54 -32.28
CA TYR D 116 2.22 -0.32 -33.36
C TYR D 116 3.67 -0.42 -32.90
N SER D 117 4.55 -0.62 -33.88
CA SER D 117 5.98 -0.76 -33.70
C SER D 117 6.70 -0.76 -35.04
N TYR D 118 8.02 -0.71 -35.00
CA TYR D 118 8.85 -0.59 -36.20
C TYR D 118 9.93 -1.64 -36.22
N ILE D 119 10.49 -1.87 -37.40
CA ILE D 119 11.55 -2.88 -37.54
C ILE D 119 12.78 -2.47 -36.71
N ASP D 120 13.20 -3.38 -35.83
CA ASP D 120 14.28 -3.11 -34.91
C ASP D 120 15.53 -3.11 -35.73
N LYS D 121 16.01 -1.92 -36.04
CA LYS D 121 17.15 -1.77 -36.96
C LYS D 121 18.41 -2.50 -36.51
N GLN D 122 18.51 -2.79 -35.21
CA GLN D 122 19.62 -3.58 -34.72
C GLN D 122 19.41 -5.08 -34.96
N ALA D 123 18.21 -5.55 -34.66
CA ALA D 123 17.89 -6.96 -34.84
C ALA D 123 17.95 -7.33 -36.31
N VAL D 124 17.48 -6.42 -37.16
CA VAL D 124 17.44 -6.60 -38.60
C VAL D 124 18.32 -5.52 -39.24
N PRO D 125 19.62 -5.80 -39.36
CA PRO D 125 20.51 -4.80 -39.98
C PRO D 125 20.50 -4.82 -41.52
N ASN D 126 19.91 -5.86 -42.12
CA ASN D 126 19.97 -6.05 -43.57
C ASN D 126 18.68 -6.61 -44.15
N GLU D 127 18.39 -6.23 -45.41
CA GLU D 127 17.17 -6.69 -46.10
C GLU D 127 17.01 -8.20 -45.88
N THR D 128 15.83 -8.62 -45.41
CA THR D 128 15.52 -10.05 -45.18
C THR D 128 14.02 -10.33 -45.05
N SER D 129 13.67 -11.63 -45.05
CA SER D 129 12.30 -12.09 -44.77
C SER D 129 12.21 -12.69 -43.36
N LEU D 130 11.12 -12.38 -42.67
CA LEU D 130 10.97 -12.71 -41.27
C LEU D 130 9.59 -13.27 -40.97
N ASN D 131 9.56 -14.27 -40.09
CA ASN D 131 8.29 -14.71 -39.55
C ASN D 131 8.02 -13.95 -38.25
N LEU D 132 7.10 -13.00 -38.31
CA LEU D 132 6.78 -12.19 -37.14
C LEU D 132 5.91 -12.99 -36.23
N THR D 133 6.36 -13.18 -34.99
CA THR D 133 5.55 -13.85 -33.99
C THR D 133 5.18 -12.91 -32.85
N PHE D 134 3.90 -12.57 -32.77
CA PHE D 134 3.37 -11.71 -31.73
C PHE D 134 2.46 -12.58 -30.92
N ALA D 135 2.23 -12.24 -29.65
CA ALA D 135 1.33 -13.04 -28.80
C ALA D 135 0.60 -12.22 -27.75
N THR D 136 -0.58 -12.69 -27.39
CA THR D 136 -1.35 -12.13 -26.30
C THR D 136 -1.61 -13.24 -25.26
N ALA D 137 -1.08 -13.06 -24.06
CA ALA D 137 -1.37 -13.95 -22.93
C ALA D 137 -0.90 -15.34 -23.23
N GLY D 138 0.33 -15.46 -23.70
CA GLY D 138 0.87 -16.75 -24.13
C GLY D 138 0.37 -17.21 -25.49
N LYS D 139 -0.74 -16.66 -25.98
CA LYS D 139 -1.41 -17.12 -27.20
C LYS D 139 -0.84 -16.49 -28.47
N GLU D 140 0.07 -17.22 -29.12
CA GLU D 140 0.82 -16.68 -30.24
C GLU D 140 0.01 -16.65 -31.54
N THR D 141 0.44 -15.75 -32.44
CA THR D 141 -0.04 -15.63 -33.81
C THR D 141 1.19 -15.25 -34.65
N SER D 142 1.11 -15.42 -35.96
CA SER D 142 2.23 -15.13 -36.84
C SER D 142 1.78 -14.60 -38.19
N GLN D 143 2.72 -14.04 -38.94
CA GLN D 143 2.42 -13.50 -40.25
C GLN D 143 3.72 -13.14 -40.92
N ASN D 144 3.86 -13.59 -42.13
CA ASN D 144 5.13 -13.54 -42.82
C ASN D 144 5.35 -12.18 -43.43
N VAL D 145 6.48 -11.57 -43.12
CA VAL D 145 6.84 -10.29 -43.71
C VAL D 145 8.27 -10.27 -44.18
N SER D 146 8.50 -9.42 -45.16
CA SER D 146 9.81 -9.17 -45.71
C SER D 146 10.18 -7.75 -45.34
N VAL D 147 11.48 -7.45 -45.39
CA VAL D 147 11.96 -6.15 -44.97
C VAL D 147 12.74 -5.42 -46.07
N ASP D 148 12.13 -4.36 -46.63
CA ASP D 148 12.83 -3.53 -47.64
C ASP D 148 13.37 -2.25 -47.00
N TYR D 149 14.69 -2.15 -47.05
CA TYR D 149 15.41 -0.91 -46.87
C TYR D 149 15.68 -0.21 -48.22
N GLN D 150 15.89 1.08 -48.09
CA GLN D 150 16.10 1.98 -49.21
C GLN D 150 17.42 1.73 -49.86
N ASP D 151 17.60 2.42 -50.99
CA ASP D 151 18.82 2.36 -51.79
C ASP D 151 19.36 3.78 -51.96
N PRO D 152 20.66 3.92 -52.16
CA PRO D 152 21.20 5.24 -52.37
C PRO D 152 20.60 5.91 -53.59
N MET D 153 20.84 7.20 -53.70
CA MET D 153 20.34 7.99 -54.81
C MET D 153 21.57 8.31 -55.59
N VAL D 154 21.58 7.97 -56.87
CA VAL D 154 22.80 8.10 -57.66
C VAL D 154 22.68 9.01 -58.85
N HIS D 155 23.61 9.97 -58.90
CA HIS D 155 23.90 10.72 -60.10
C HIS D 155 25.35 10.59 -60.58
N GLY D 156 25.57 9.60 -61.43
CA GLY D 156 26.87 9.33 -62.00
C GLY D 156 27.75 8.69 -60.96
N ASP D 157 28.46 9.54 -60.22
CA ASP D 157 29.34 9.08 -59.16
C ASP D 157 28.82 9.46 -57.79
N SER D 158 28.22 10.65 -57.71
CA SER D 158 27.52 11.08 -56.49
C SER D 158 26.53 9.99 -56.05
N ASN D 159 26.71 9.49 -54.83
CA ASN D 159 25.89 8.39 -54.33
C ASN D 159 25.68 8.45 -52.83
N ILE D 160 24.43 8.58 -52.40
CA ILE D 160 24.16 8.96 -51.03
C ILE D 160 22.83 8.40 -50.48
N GLN D 161 22.80 8.18 -49.17
CA GLN D 161 21.59 7.78 -48.45
C GLN D 161 21.67 8.10 -46.95
N SER D 162 20.51 8.37 -46.35
CA SER D 162 20.41 8.78 -44.96
C SER D 162 19.07 8.48 -44.35
N ILE D 163 19.04 8.28 -43.03
CA ILE D 163 17.81 8.22 -42.23
C ILE D 163 18.06 8.70 -40.82
N PHE D 164 17.01 9.22 -40.18
CA PHE D 164 17.11 9.67 -38.81
C PHE D 164 17.32 8.46 -37.93
N THR D 165 18.06 8.60 -36.84
CA THR D 165 18.40 7.44 -36.00
C THR D 165 17.88 7.56 -34.55
N LYS D 166 18.26 8.62 -33.86
CA LYS D 166 17.86 8.83 -32.46
C LYS D 166 17.37 10.25 -32.32
N LEU D 167 16.13 10.42 -31.88
CA LEU D 167 15.61 11.74 -31.58
C LEU D 167 15.40 11.88 -30.08
N ASP D 168 15.76 13.03 -29.55
CA ASP D 168 15.56 13.34 -28.12
C ASP D 168 14.60 14.50 -27.99
N GLU D 169 13.35 14.21 -27.66
CA GLU D 169 12.33 15.25 -27.48
C GLU D 169 12.79 16.22 -26.37
N ASN D 170 13.44 15.67 -25.36
CA ASN D 170 13.89 16.46 -24.21
C ASN D 170 14.85 17.59 -24.55
N LYS D 171 16.03 17.22 -25.06
CA LYS D 171 17.08 18.17 -25.41
C LYS D 171 16.97 18.70 -26.85
N GLN D 172 15.81 18.49 -27.46
CA GLN D 172 15.44 19.07 -28.77
C GLN D 172 16.29 18.65 -29.97
N THR D 173 16.92 17.48 -29.90
CA THR D 173 17.88 17.08 -30.92
C THR D 173 17.47 15.83 -31.67
N ILE D 174 17.80 15.80 -32.96
CA ILE D 174 17.48 14.70 -33.88
C ILE D 174 18.74 14.27 -34.62
N GLU D 175 19.10 13.02 -34.51
CA GLU D 175 20.32 12.57 -35.12
C GLU D 175 20.05 11.91 -36.46
N GLN D 176 20.83 12.32 -37.47
CA GLN D 176 20.78 11.71 -38.81
C GLN D 176 22.06 10.92 -39.05
N GLN D 177 21.96 9.79 -39.75
CA GLN D 177 23.15 9.04 -40.17
C GLN D 177 23.19 8.99 -41.68
N ILE D 178 24.31 9.44 -42.24
CA ILE D 178 24.43 9.53 -43.68
C ILE D 178 25.55 8.62 -44.13
N TYR D 179 25.25 7.86 -45.19
CA TYR D 179 26.26 7.11 -45.91
C TYR D 179 26.71 7.97 -47.09
N VAL D 180 27.98 8.37 -47.07
CA VAL D 180 28.61 9.04 -48.22
C VAL D 180 29.34 7.99 -49.05
N ASN D 181 29.18 8.09 -50.36
CA ASN D 181 29.75 7.12 -51.28
C ASN D 181 29.70 5.71 -50.69
N PRO D 182 28.49 5.19 -50.42
CA PRO D 182 28.38 3.82 -49.94
C PRO D 182 28.76 2.80 -51.00
N LEU D 183 28.49 3.12 -52.27
CA LEU D 183 28.77 2.23 -53.38
C LEU D 183 30.27 2.03 -53.60
N LYS D 184 31.08 2.93 -53.04
CA LYS D 184 32.54 2.89 -53.17
C LYS D 184 32.99 3.08 -54.63
N LYS D 185 32.65 4.23 -55.21
CA LYS D 185 33.19 4.66 -56.50
C LYS D 185 34.44 5.57 -56.28
N THR D 186 34.93 6.21 -57.33
CA THR D 186 36.03 7.18 -57.20
C THR D 186 35.53 8.59 -57.45
N ALA D 187 35.20 9.28 -56.35
CA ALA D 187 34.56 10.59 -56.41
C ALA D 187 35.59 11.72 -56.41
N THR D 188 35.43 12.60 -57.38
CA THR D 188 36.36 13.67 -57.65
C THR D 188 35.79 15.02 -57.26
N ASN D 189 36.47 15.66 -56.32
CA ASN D 189 36.03 16.89 -55.65
C ASN D 189 34.70 16.71 -54.90
N THR D 190 34.67 15.65 -54.10
CA THR D 190 33.50 15.30 -53.31
C THR D 190 33.11 16.42 -52.33
N LYS D 191 31.87 16.88 -52.41
CA LYS D 191 31.37 17.90 -51.49
C LYS D 191 29.95 17.57 -50.97
N VAL D 192 29.88 17.17 -49.71
CA VAL D 192 28.60 16.81 -49.11
C VAL D 192 27.99 18.03 -48.46
N ASP D 193 26.69 18.22 -48.64
CA ASP D 193 25.95 19.24 -47.91
C ASP D 193 25.03 18.58 -46.87
N ILE D 194 24.54 19.37 -45.92
CA ILE D 194 23.47 18.96 -45.03
C ILE D 194 22.58 20.17 -44.90
N ALA D 195 21.26 19.98 -44.99
CA ALA D 195 20.35 21.11 -45.02
C ALA D 195 19.03 20.88 -44.31
N GLY D 196 18.64 21.86 -43.49
CA GLY D 196 17.41 21.85 -42.72
C GLY D 196 16.18 22.12 -43.54
N SER D 197 15.95 21.23 -44.51
CA SER D 197 14.69 21.13 -45.25
C SER D 197 14.80 19.96 -46.22
N GLN D 198 13.69 19.72 -46.92
CA GLN D 198 13.64 18.81 -48.06
C GLN D 198 14.82 19.18 -48.98
N VAL D 199 15.46 18.16 -49.54
CA VAL D 199 16.55 18.33 -50.50
C VAL D 199 16.28 17.37 -51.65
N ASP D 200 16.03 17.90 -52.85
CA ASP D 200 15.60 17.08 -53.98
C ASP D 200 16.52 15.93 -54.30
N ASP D 201 15.97 14.96 -55.05
CA ASP D 201 16.75 13.86 -55.62
C ASP D 201 18.06 14.35 -56.22
N TYR D 202 18.02 15.56 -56.76
CA TYR D 202 19.10 16.08 -57.60
C TYR D 202 19.88 17.27 -57.07
N GLY D 203 19.67 17.62 -55.80
CA GLY D 203 20.46 18.66 -55.15
C GLY D 203 19.71 19.86 -54.63
N ASN D 204 18.82 20.42 -55.46
CA ASN D 204 18.09 21.65 -55.10
C ASN D 204 17.37 21.54 -53.76
N ILE D 205 17.28 22.66 -53.05
CA ILE D 205 16.69 22.68 -51.71
C ILE D 205 15.20 23.02 -51.76
N LYS D 206 14.35 22.10 -51.29
CA LYS D 206 12.89 22.25 -51.35
C LYS D 206 12.33 22.64 -49.99
N LEU D 207 12.59 23.88 -49.59
CA LEU D 207 11.88 24.51 -48.47
C LEU D 207 10.35 24.30 -48.56
N GLY D 208 9.71 23.97 -47.42
CA GLY D 208 8.23 23.80 -47.33
C GLY D 208 7.67 22.66 -46.48
N ASN D 209 8.47 21.59 -46.35
CA ASN D 209 7.99 20.32 -45.77
C ASN D 209 8.86 19.94 -44.60
N GLY D 210 9.39 20.97 -43.95
CA GLY D 210 10.06 20.77 -42.68
C GLY D 210 11.26 21.66 -42.55
N SER D 211 12.10 21.33 -41.56
CA SER D 211 13.20 22.20 -41.14
C SER D 211 14.03 21.58 -40.03
N THR D 212 15.28 21.98 -39.97
CA THR D 212 16.07 21.83 -38.75
C THR D 212 16.93 23.06 -38.56
N ILE D 213 17.61 23.12 -37.42
CA ILE D 213 18.63 24.12 -37.18
C ILE D 213 19.99 23.49 -37.53
N ILE D 214 20.79 24.21 -38.29
CA ILE D 214 22.13 23.76 -38.67
C ILE D 214 23.18 24.89 -38.59
N ASP D 215 24.11 24.76 -37.65
CA ASP D 215 25.14 25.77 -37.41
C ASP D 215 26.34 25.16 -36.68
N GLN D 216 27.34 26.00 -36.38
CA GLN D 216 28.62 25.57 -35.77
C GLN D 216 28.46 24.75 -34.46
N ASN D 217 27.27 24.81 -33.88
CA ASN D 217 26.91 24.01 -32.71
C ASN D 217 26.42 22.60 -33.08
N THR D 218 25.99 22.44 -34.34
CA THR D 218 25.53 21.16 -34.87
C THR D 218 26.63 20.10 -34.80
N GLU D 219 26.47 19.11 -33.93
CA GLU D 219 27.47 18.05 -33.82
C GLU D 219 27.53 17.25 -35.11
N MET D 220 28.75 16.95 -35.55
CA MET D 220 28.99 16.09 -36.73
C MET D 220 30.27 15.29 -36.55
N LYS D 221 30.14 13.98 -36.62
CA LYS D 221 31.31 13.14 -36.61
C LYS D 221 31.43 12.56 -38.00
N VAL D 222 32.64 12.16 -38.37
CA VAL D 222 32.87 11.48 -39.63
C VAL D 222 33.72 10.23 -39.41
N TYR D 223 33.41 9.16 -40.14
CA TYR D 223 34.11 7.89 -39.99
C TYR D 223 34.49 7.30 -41.36
N LYS D 224 35.59 6.56 -41.39
CA LYS D 224 36.13 5.96 -42.64
C LYS D 224 35.93 4.44 -42.74
N VAL D 225 35.21 4.04 -43.78
CA VAL D 225 34.88 2.65 -44.05
C VAL D 225 35.91 2.00 -44.97
N ASN D 226 36.56 0.97 -44.46
CA ASN D 226 37.52 0.20 -45.23
C ASN D 226 36.85 -0.53 -46.36
N PRO D 227 37.59 -0.78 -47.45
CA PRO D 227 37.04 -1.54 -48.57
C PRO D 227 36.66 -2.96 -48.15
N ASN D 228 37.35 -3.46 -47.14
CA ASN D 228 36.98 -4.74 -46.56
C ASN D 228 35.56 -4.74 -46.00
N GLN D 229 35.16 -3.61 -45.42
CA GLN D 229 33.89 -3.51 -44.68
C GLN D 229 32.62 -3.33 -45.52
N GLN D 230 31.55 -4.03 -45.14
CA GLN D 230 30.21 -3.85 -45.71
C GLN D 230 29.27 -3.20 -44.69
N LEU D 231 28.70 -2.07 -45.05
CA LEU D 231 27.78 -1.33 -44.17
C LEU D 231 26.41 -2.00 -44.01
N PRO D 232 25.76 -1.82 -42.85
CA PRO D 232 24.42 -2.37 -42.66
C PRO D 232 23.42 -1.60 -43.46
N GLN D 233 22.49 -2.30 -44.11
CA GLN D 233 21.52 -1.66 -45.00
C GLN D 233 20.49 -0.86 -44.24
N SER D 234 20.25 -1.25 -43.00
CA SER D 234 19.33 -0.55 -42.14
C SER D 234 19.65 0.93 -42.11
N ASN D 235 20.87 1.28 -42.54
CA ASN D 235 21.37 2.65 -42.57
C ASN D 235 21.51 3.19 -41.17
N ARG D 236 21.67 2.28 -40.21
CA ARG D 236 21.85 2.68 -38.83
C ARG D 236 22.94 1.88 -38.17
N ILE D 237 24.08 2.53 -37.96
CA ILE D 237 25.22 1.93 -37.31
C ILE D 237 24.97 2.02 -35.81
N TYR D 238 25.28 0.94 -35.11
CA TYR D 238 25.05 0.85 -33.68
C TYR D 238 26.35 0.86 -32.90
N ASP D 239 27.47 0.62 -33.57
CA ASP D 239 28.77 0.53 -32.92
C ASP D 239 29.91 1.08 -33.80
N PHE D 240 30.34 2.30 -33.47
CA PHE D 240 31.43 2.98 -34.20
C PHE D 240 32.82 2.62 -33.71
N SER D 241 32.93 1.55 -32.93
CA SER D 241 34.21 0.99 -32.57
C SER D 241 34.99 0.77 -33.86
N GLN D 242 34.57 -0.22 -34.63
CA GLN D 242 35.30 -0.60 -35.84
C GLN D 242 34.91 0.36 -36.97
N TYR D 243 35.33 1.61 -36.81
CA TYR D 243 35.30 2.59 -37.88
C TYR D 243 36.34 3.66 -37.59
N GLU D 244 37.19 3.94 -38.59
CA GLU D 244 38.23 4.96 -38.47
C GLU D 244 37.59 6.34 -38.36
N ASP D 245 37.62 6.92 -37.14
CA ASP D 245 37.14 8.30 -36.92
C ASP D 245 38.13 9.31 -37.51
N VAL D 246 37.62 10.12 -38.44
CA VAL D 246 38.43 11.09 -39.16
C VAL D 246 37.85 12.49 -39.03
N THR D 247 37.16 12.73 -37.91
CA THR D 247 36.44 13.98 -37.70
C THR D 247 37.34 15.21 -37.74
N SER D 248 38.61 15.02 -37.38
CA SER D 248 39.55 16.12 -37.23
C SER D 248 40.01 16.69 -38.58
N GLN D 249 39.95 15.86 -39.63
CA GLN D 249 40.24 16.32 -41.01
C GLN D 249 39.27 17.43 -41.46
N PHE D 250 38.06 17.34 -40.94
CA PHE D 250 36.98 18.26 -41.29
C PHE D 250 36.83 19.30 -40.18
N ASP D 251 37.61 19.15 -39.10
CA ASP D 251 37.77 20.18 -38.08
C ASP D 251 38.13 21.48 -38.81
N ASN D 252 38.86 21.31 -39.92
CA ASN D 252 39.33 22.40 -40.78
C ASN D 252 38.41 22.74 -41.97
N LYS D 253 37.37 21.94 -42.20
CA LYS D 253 36.57 22.04 -43.45
C LYS D 253 35.05 22.17 -43.27
N LYS D 254 34.62 23.04 -42.37
CA LYS D 254 33.20 23.26 -42.14
C LYS D 254 32.74 24.55 -42.81
N SER D 255 32.13 24.43 -43.98
CA SER D 255 31.53 25.56 -44.67
C SER D 255 30.06 25.70 -44.22
N PHE D 256 29.72 26.79 -43.56
CA PHE D 256 28.35 27.01 -43.08
C PHE D 256 27.67 28.18 -43.76
N SER D 257 26.47 27.98 -44.26
CA SER D 257 25.83 29.01 -45.04
C SER D 257 24.33 28.77 -45.12
N ASN D 258 23.57 29.49 -44.30
CA ASN D 258 22.11 29.45 -44.41
C ASN D 258 21.55 28.04 -44.21
N ASN D 259 21.63 27.55 -42.97
CA ASN D 259 21.10 26.25 -42.56
C ASN D 259 21.74 25.10 -43.32
N VAL D 260 22.94 25.32 -43.84
CA VAL D 260 23.58 24.38 -44.76
C VAL D 260 25.05 24.25 -44.43
N ALA D 261 25.43 23.11 -43.85
CA ALA D 261 26.84 22.76 -43.72
C ALA D 261 27.29 22.19 -45.05
N THR D 262 28.60 22.11 -45.25
CA THR D 262 29.18 21.63 -46.50
C THR D 262 30.56 21.06 -46.21
N LEU D 263 30.77 19.80 -46.56
CA LEU D 263 32.03 19.14 -46.24
C LEU D 263 32.99 19.04 -47.42
N ASP D 264 34.27 19.27 -47.16
CA ASP D 264 35.30 19.27 -48.20
C ASP D 264 36.06 17.96 -48.17
N PHE D 265 35.36 16.90 -48.52
CA PHE D 265 35.96 15.57 -48.60
C PHE D 265 37.19 15.49 -49.52
N GLY D 266 37.28 16.43 -50.45
CA GLY D 266 38.24 16.34 -51.54
C GLY D 266 37.86 15.12 -52.36
N ASP D 267 38.86 14.40 -52.84
CA ASP D 267 38.61 13.23 -53.65
C ASP D 267 38.84 12.00 -52.83
N ILE D 268 37.85 11.11 -52.82
CA ILE D 268 37.99 9.85 -52.08
C ILE D 268 37.48 8.66 -52.88
N ASN D 269 37.91 7.49 -52.42
CA ASN D 269 37.52 6.20 -52.98
C ASN D 269 36.92 5.22 -51.94
N SER D 270 37.00 5.60 -50.66
CA SER D 270 36.37 4.87 -49.55
C SER D 270 34.91 5.31 -49.35
N ALA D 271 34.11 4.45 -48.73
CA ALA D 271 32.81 4.87 -48.20
C ALA D 271 33.00 5.57 -46.87
N TYR D 272 32.10 6.48 -46.53
CA TYR D 272 32.21 7.20 -45.25
C TYR D 272 30.86 7.34 -44.55
N ILE D 273 30.92 7.64 -43.26
CA ILE D 273 29.74 7.79 -42.41
C ILE D 273 29.78 9.15 -41.71
N ILE D 274 28.69 9.90 -41.81
CA ILE D 274 28.52 11.16 -41.07
C ILE D 274 27.38 11.01 -40.06
N LYS D 275 27.59 11.47 -38.83
CA LYS D 275 26.59 11.30 -37.78
C LYS D 275 26.10 12.64 -37.19
N VAL D 276 25.15 13.23 -37.90
CA VAL D 276 24.69 14.61 -37.66
C VAL D 276 23.61 14.77 -36.61
N VAL D 277 24.01 15.22 -35.43
CA VAL D 277 23.07 15.62 -34.40
C VAL D 277 22.81 17.10 -34.60
N SER D 278 21.55 17.47 -34.72
CA SER D 278 21.16 18.84 -34.98
C SER D 278 20.00 19.24 -34.10
N LYS D 279 19.85 20.53 -33.86
CA LYS D 279 18.78 21.01 -33.00
C LYS D 279 17.58 21.23 -33.90
N TYR D 280 16.37 21.04 -33.37
CA TYR D 280 15.12 21.31 -34.11
C TYR D 280 14.20 22.22 -33.32
N THR D 281 13.28 22.86 -34.01
CA THR D 281 12.43 23.82 -33.35
C THR D 281 11.03 23.25 -33.14
N PRO D 282 10.51 23.37 -31.92
CA PRO D 282 9.16 22.89 -31.64
C PRO D 282 8.10 23.75 -32.25
N THR D 283 6.93 23.15 -32.45
CA THR D 283 5.83 23.85 -33.07
C THR D 283 4.74 23.98 -32.06
N SER D 284 3.85 24.93 -32.30
CA SER D 284 2.69 25.20 -31.43
C SER D 284 1.68 24.04 -31.40
N ASP D 285 1.28 23.56 -32.58
CA ASP D 285 0.39 22.38 -32.66
C ASP D 285 1.01 21.09 -32.09
N GLY D 286 2.33 21.10 -31.83
CA GLY D 286 3.02 19.95 -31.28
C GLY D 286 3.27 18.91 -32.35
N GLU D 287 2.81 19.21 -33.58
CA GLU D 287 3.08 18.37 -34.74
C GLU D 287 4.57 18.51 -35.04
N LEU D 288 5.32 17.48 -34.67
CA LEU D 288 6.76 17.44 -34.84
C LEU D 288 7.13 17.70 -36.32
N ASP D 289 7.58 18.90 -36.64
CA ASP D 289 7.72 19.33 -38.04
C ASP D 289 9.17 19.31 -38.52
N ILE D 290 9.81 18.17 -38.31
CA ILE D 290 11.19 17.98 -38.66
C ILE D 290 11.38 17.49 -40.10
N ALA D 291 12.37 18.07 -40.79
CA ALA D 291 12.89 17.58 -42.09
C ALA D 291 14.35 17.96 -42.24
N GLN D 292 15.13 17.09 -42.86
CA GLN D 292 16.57 17.33 -43.00
C GLN D 292 17.20 16.54 -44.15
N GLY D 293 17.63 17.24 -45.21
CA GLY D 293 18.23 16.61 -46.38
C GLY D 293 19.73 16.83 -46.54
N THR D 294 20.36 15.95 -47.32
CA THR D 294 21.76 16.09 -47.71
C THR D 294 21.86 15.98 -49.22
N SER D 295 23.10 16.08 -49.70
CA SER D 295 23.39 16.03 -51.13
C SER D 295 24.88 15.79 -51.28
N MET D 296 25.26 15.07 -52.32
CA MET D 296 26.67 14.85 -52.64
C MET D 296 27.00 15.61 -53.92
N ARG D 297 28.24 16.09 -53.98
CA ARG D 297 28.75 16.83 -55.10
C ARG D 297 30.02 16.16 -55.58
N THR D 298 29.97 15.64 -56.82
CA THR D 298 31.19 15.22 -57.50
C THR D 298 31.27 15.91 -58.86
N THR D 299 32.41 15.74 -59.49
CA THR D 299 32.70 16.33 -60.78
C THR D 299 32.77 15.24 -61.85
N ASP D 300 32.04 15.44 -62.95
CA ASP D 300 31.91 14.43 -64.02
C ASP D 300 33.14 14.36 -64.91
N LYS D 301 32.99 13.75 -66.08
CA LYS D 301 34.02 13.74 -67.14
C LYS D 301 34.35 15.18 -67.63
N TYR D 302 33.31 15.92 -68.00
CA TYR D 302 33.43 17.19 -68.71
C TYR D 302 33.66 18.41 -67.79
N GLY D 303 33.93 18.19 -66.49
CA GLY D 303 34.09 19.30 -65.53
C GLY D 303 32.81 20.04 -65.12
N TYR D 304 31.65 19.45 -65.45
CA TYR D 304 30.35 19.87 -64.92
C TYR D 304 30.13 19.25 -63.53
N TYR D 305 29.07 19.65 -62.86
CA TYR D 305 28.82 19.13 -61.51
C TYR D 305 27.61 18.23 -61.43
N ASN D 306 27.77 17.10 -60.72
CA ASN D 306 26.65 16.18 -60.43
C ASN D 306 26.27 16.19 -58.93
N TYR D 307 24.97 16.30 -58.65
CA TYR D 307 24.43 16.26 -57.29
C TYR D 307 23.56 15.04 -57.09
N ALA D 308 23.56 14.53 -55.85
CA ALA D 308 22.65 13.44 -55.48
C ALA D 308 22.03 13.73 -54.14
N GLY D 309 20.77 14.14 -54.16
CA GLY D 309 20.09 14.51 -52.92
C GLY D 309 19.37 13.38 -52.19
N TYR D 310 19.18 13.57 -50.89
CA TYR D 310 18.43 12.64 -50.07
C TYR D 310 17.80 13.45 -48.97
N SER D 311 16.57 13.13 -48.62
CA SER D 311 15.86 13.89 -47.58
C SER D 311 15.19 12.94 -46.60
N ASN D 312 15.14 13.32 -45.32
CA ASN D 312 14.51 12.52 -44.28
C ASN D 312 13.41 13.25 -43.53
N PHE D 313 12.28 12.55 -43.33
CA PHE D 313 11.21 13.09 -42.50
C PHE D 313 10.83 12.15 -41.36
N ILE D 314 9.90 12.59 -40.53
CA ILE D 314 9.50 11.83 -39.32
C ILE D 314 8.13 11.17 -39.53
N VAL D 315 7.92 10.05 -38.81
CA VAL D 315 6.68 9.28 -38.83
C VAL D 315 6.21 9.06 -37.43
N THR D 316 4.94 9.29 -37.17
CA THR D 316 4.35 9.05 -35.86
C THR D 316 3.26 7.98 -35.98
N SER D 317 3.39 6.95 -35.15
CA SER D 317 2.29 6.03 -34.85
C SER D 317 1.96 6.22 -33.37
N ASN D 318 0.80 5.75 -32.93
CA ASN D 318 0.51 5.73 -31.49
C ASN D 318 -0.66 4.83 -31.11
N ASP D 319 -0.31 3.92 -30.20
CA ASP D 319 -1.20 2.90 -29.69
C ASP D 319 -2.48 3.52 -29.18
N THR D 320 -3.53 2.71 -29.15
CA THR D 320 -4.75 3.09 -28.48
C THR D 320 -5.22 1.84 -27.79
N GLY D 321 -6.17 1.99 -26.87
CA GLY D 321 -6.55 0.86 -26.03
C GLY D 321 -7.45 1.15 -24.84
N GLY D 322 -8.61 0.52 -24.84
CA GLY D 322 -9.55 0.68 -23.76
C GLY D 322 -10.06 -0.65 -23.24
N GLY D 323 -10.91 -0.55 -22.24
CA GLY D 323 -11.67 -1.68 -21.74
C GLY D 323 -13.00 -1.20 -21.20
N ASP D 324 -13.85 -2.14 -20.80
CA ASP D 324 -14.99 -1.80 -19.96
C ASP D 324 -15.52 -3.05 -19.31
N GLY D 325 -16.47 -2.85 -18.41
CA GLY D 325 -17.33 -3.90 -17.92
C GLY D 325 -18.51 -3.35 -17.16
N THR D 326 -18.90 -4.11 -16.15
CA THR D 326 -20.08 -3.84 -15.36
C THR D 326 -19.67 -3.75 -13.89
N VAL D 327 -20.28 -2.81 -13.19
CA VAL D 327 -20.15 -2.71 -11.75
C VAL D 327 -20.87 -3.89 -11.10
N LYS D 328 -20.23 -4.51 -10.12
CA LYS D 328 -20.88 -5.54 -9.27
C LYS D 328 -21.94 -4.87 -8.36
N PRO D 329 -22.91 -5.66 -7.80
CA PRO D 329 -23.93 -5.06 -6.90
C PRO D 329 -23.81 -3.55 -6.56
N ARG E 1 8.07 16.44 -8.75
CA ARG E 1 6.63 16.21 -8.71
C ARG E 1 6.35 15.24 -7.57
N LEU E 2 7.23 14.25 -7.42
CA LEU E 2 7.08 13.26 -6.36
C LEU E 2 8.09 13.23 -5.22
N SER E 3 7.57 13.23 -3.99
CA SER E 3 8.41 13.16 -2.75
C SER E 3 7.76 12.26 -1.69
N SER E 4 8.57 11.67 -0.80
CA SER E 4 8.01 10.88 0.31
C SER E 4 7.86 11.63 1.65
N ARG E 5 7.13 11.01 2.57
CA ARG E 5 6.96 11.48 3.96
C ARG E 5 7.19 10.34 4.95
N SER E 6 7.24 10.67 6.24
CA SER E 6 7.40 9.64 7.25
C SER E 6 6.42 9.84 8.40
N HIS E 7 6.00 8.70 8.97
CA HIS E 7 5.22 8.63 10.21
C HIS E 7 5.81 7.54 11.09
N THR E 8 5.47 7.63 12.39
CA THR E 8 6.03 6.71 13.40
C THR E 8 4.94 6.00 14.21
N LEU E 9 5.23 4.78 14.66
CA LEU E 9 4.36 4.05 15.59
C LEU E 9 5.20 3.33 16.65
N ARG E 10 4.63 3.27 17.86
CA ARG E 10 5.28 2.61 18.98
C ARG E 10 4.27 1.63 19.54
N THR E 11 4.74 0.41 19.72
CA THR E 11 3.93 -0.58 20.37
C THR E 11 4.83 -1.27 21.37
N THR E 12 4.22 -1.90 22.37
CA THR E 12 4.93 -2.82 23.26
C THR E 12 4.12 -4.11 23.38
N CYS E 13 4.81 -5.24 23.31
CA CYS E 13 4.18 -6.57 23.34
C CYS E 13 4.72 -7.41 24.50
N TRP E 14 3.94 -7.48 25.59
CA TRP E 14 4.18 -8.42 26.69
C TRP E 14 3.22 -9.59 26.54
N ASP E 15 3.07 -10.47 27.54
CA ASP E 15 1.96 -11.45 27.47
C ASP E 15 1.18 -11.71 28.74
N GLY E 16 -0.12 -11.95 28.53
CA GLY E 16 -1.06 -12.35 29.55
C GLY E 16 -0.77 -13.79 29.94
N LYS E 17 -0.44 -13.95 31.24
CA LYS E 17 0.00 -15.22 31.85
C LYS E 17 0.94 -15.03 33.10
N ARG F 1 -10.90 -29.34 26.26
CA ARG F 1 -10.86 -28.56 27.55
C ARG F 1 -9.45 -28.23 28.06
N LEU F 2 -8.40 -28.94 27.60
CA LEU F 2 -7.00 -28.59 27.94
C LEU F 2 -6.07 -28.38 26.73
N SER F 3 -5.15 -27.42 26.84
CA SER F 3 -4.09 -27.25 25.83
C SER F 3 -2.87 -26.52 26.35
N SER F 4 -1.80 -26.46 25.56
CA SER F 4 -0.58 -25.74 25.97
C SER F 4 -0.36 -24.46 25.16
N ARG F 5 0.75 -23.79 25.41
CA ARG F 5 1.11 -22.54 24.73
C ARG F 5 2.51 -22.17 25.18
N SER F 6 3.30 -21.59 24.28
CA SER F 6 4.61 -21.15 24.63
C SER F 6 4.56 -19.75 25.24
N HIS F 7 5.72 -19.13 25.43
CA HIS F 7 5.75 -17.81 26.03
C HIS F 7 5.61 -16.72 24.96
N THR F 8 4.57 -16.82 24.14
CA THR F 8 4.38 -15.87 23.03
C THR F 8 3.71 -14.59 23.56
N LEU F 9 3.96 -13.45 22.93
CA LEU F 9 3.48 -12.15 23.44
C LEU F 9 2.21 -11.61 22.80
N ARG F 10 1.13 -12.36 22.99
CA ARG F 10 -0.16 -12.06 22.38
C ARG F 10 -0.88 -10.78 22.90
N THR F 11 -0.40 -10.12 23.96
CA THR F 11 -1.10 -8.92 24.48
C THR F 11 -0.20 -7.69 24.41
N THR F 12 -0.76 -6.56 23.96
CA THR F 12 0.06 -5.39 23.55
C THR F 12 -0.67 -4.02 23.48
N CYS F 13 0.02 -2.92 23.79
CA CYS F 13 -0.62 -1.61 23.74
C CYS F 13 0.14 -0.63 22.87
N TRP F 14 -0.57 -0.04 21.89
CA TRP F 14 -0.07 1.05 21.02
C TRP F 14 0.11 2.37 21.79
N ARG G 1 6.17 4.43 -31.47
CA ARG G 1 5.42 5.71 -31.73
C ARG G 1 6.12 6.64 -32.74
N LEU G 2 7.45 6.75 -32.74
CA LEU G 2 8.16 7.61 -33.73
C LEU G 2 9.09 6.87 -34.68
N SER G 3 9.12 7.25 -35.95
CA SER G 3 10.11 6.71 -36.89
C SER G 3 10.34 7.60 -38.11
N SER G 4 11.33 7.25 -38.94
CA SER G 4 11.74 8.10 -40.06
C SER G 4 11.56 7.46 -41.44
N ARG G 5 11.95 8.20 -42.47
CA ARG G 5 11.55 8.00 -43.84
C ARG G 5 12.52 8.73 -44.76
N SER G 6 12.39 8.49 -46.06
CA SER G 6 13.14 9.25 -47.04
C SER G 6 12.18 9.76 -48.10
N HIS G 7 12.68 10.54 -49.06
CA HIS G 7 11.78 11.13 -50.04
C HIS G 7 11.44 10.07 -51.09
N THR G 8 10.90 8.95 -50.62
CA THR G 8 10.56 7.80 -51.46
C THR G 8 9.17 8.02 -52.05
N LEU G 9 9.08 8.16 -53.38
CA LEU G 9 7.79 8.42 -54.00
C LEU G 9 6.86 7.18 -53.99
N ARG G 10 6.28 6.92 -52.81
CA ARG G 10 5.46 5.74 -52.58
C ARG G 10 4.05 5.79 -53.23
N THR G 11 3.34 6.91 -53.12
CA THR G 11 1.95 7.02 -53.64
C THR G 11 1.93 7.13 -55.16
N THR G 12 0.87 6.62 -55.80
CA THR G 12 0.89 6.43 -57.28
C THR G 12 -0.45 6.11 -58.00
N CYS G 13 -0.65 6.73 -59.17
CA CYS G 13 -1.82 6.41 -59.99
C CYS G 13 -1.44 5.85 -61.35
N TRP G 14 -2.08 4.72 -61.70
CA TRP G 14 -2.24 4.21 -63.08
C TRP G 14 -3.08 5.16 -63.96
N ARG H 1 -24.31 6.79 10.88
CA ARG H 1 -23.34 6.73 9.76
C ARG H 1 -22.42 7.98 9.68
N LEU H 2 -22.43 8.80 10.74
CA LEU H 2 -21.67 10.07 10.77
C LEU H 2 -21.21 10.45 12.19
N SER H 3 -19.93 10.79 12.32
CA SER H 3 -19.31 11.17 13.61
C SER H 3 -18.07 12.07 13.40
N SER H 4 -17.61 12.73 14.48
CA SER H 4 -16.46 13.63 14.39
C SER H 4 -15.13 13.11 14.95
N ARG H 5 -14.09 13.90 14.68
CA ARG H 5 -12.71 13.67 15.10
C ARG H 5 -12.22 14.92 15.81
N SER H 6 -11.06 14.86 16.43
CA SER H 6 -10.46 16.06 17.00
C SER H 6 -8.99 16.14 16.69
N HIS H 7 -8.49 17.37 16.60
CA HIS H 7 -7.09 17.63 16.38
C HIS H 7 -6.59 18.83 17.16
N THR H 8 -5.28 18.84 17.38
CA THR H 8 -4.65 19.88 18.17
C THR H 8 -3.51 20.55 17.44
N LEU H 9 -3.40 21.86 17.64
CA LEU H 9 -2.35 22.67 17.05
C LEU H 9 -1.98 23.74 18.08
N ARG H 10 -0.68 23.90 18.34
CA ARG H 10 -0.23 24.97 19.25
C ARG H 10 0.90 25.75 18.63
N THR H 11 0.83 27.06 18.79
CA THR H 11 1.93 27.93 18.45
C THR H 11 2.09 28.91 19.59
N THR H 12 3.18 29.69 19.53
CA THR H 12 3.35 30.86 20.40
C THR H 12 3.69 32.02 19.49
N CYS H 13 3.36 33.23 19.94
CA CYS H 13 3.53 34.46 19.15
C CYS H 13 4.22 35.56 19.94
N TRP H 14 5.50 35.81 19.62
CA TRP H 14 6.24 36.87 20.27
C TRP H 14 6.56 37.96 19.29
N ASP H 15 7.33 38.96 19.72
CA ASP H 15 7.60 40.13 18.89
C ASP H 15 9.05 40.22 18.47
N GLY H 16 9.28 40.19 17.16
CA GLY H 16 10.60 40.38 16.58
C GLY H 16 11.04 41.84 16.53
N LYS H 17 12.18 42.10 17.20
CA LYS H 17 12.79 43.44 17.37
C LYS H 17 14.06 43.38 18.27
#